data_2CSJ
#
_entry.id   2CSJ
#
_entity_poly.entity_id   1
_entity_poly.type   'polypeptide(L)'
_entity_poly.pdbx_seq_one_letter_code
;GSSGSSGMEEVIWEQYTVTLQKDSKRGFGIAVSGGRDNPHFENGETSIVISDVLPGGPADGLLQENDRVVMVNGTPMEDV
LHSFAVQQLRKSGKIAAIVVKRPRKVQVAPLSGPSSG
;
_entity_poly.pdbx_strand_id   A
#
# COMPACT_ATOMS: atom_id res chain seq x y z
N GLY A 1 -25.80 -17.68 2.10
CA GLY A 1 -25.64 -18.85 2.94
C GLY A 1 -24.28 -18.89 3.59
N SER A 2 -24.20 -19.57 4.74
CA SER A 2 -22.94 -19.68 5.48
C SER A 2 -22.78 -21.09 6.04
N SER A 3 -21.66 -21.72 5.71
CA SER A 3 -21.38 -23.07 6.19
C SER A 3 -21.49 -23.15 7.71
N GLY A 4 -20.68 -22.35 8.39
CA GLY A 4 -20.69 -22.34 9.83
C GLY A 4 -19.45 -21.69 10.43
N SER A 5 -19.29 -21.81 11.74
CA SER A 5 -18.15 -21.24 12.43
C SER A 5 -16.84 -21.56 11.69
N SER A 6 -16.37 -20.62 10.88
CA SER A 6 -15.15 -20.80 10.12
C SER A 6 -14.20 -19.62 10.31
N GLY A 7 -12.90 -19.87 10.11
CA GLY A 7 -11.92 -18.81 10.26
C GLY A 7 -10.56 -19.35 10.67
N MET A 8 -9.78 -19.77 9.69
CA MET A 8 -8.45 -20.31 9.95
C MET A 8 -7.40 -19.62 9.08
N GLU A 9 -6.13 -19.79 9.43
CA GLU A 9 -5.04 -19.18 8.69
C GLU A 9 -5.40 -17.77 8.24
N GLU A 10 -5.89 -16.97 9.18
CA GLU A 10 -6.27 -15.59 8.89
C GLU A 10 -5.05 -14.71 8.70
N VAL A 11 -5.28 -13.42 8.48
CA VAL A 11 -4.19 -12.47 8.27
C VAL A 11 -4.50 -11.13 8.94
N ILE A 12 -3.53 -10.61 9.68
CA ILE A 12 -3.71 -9.34 10.38
C ILE A 12 -3.26 -8.17 9.49
N TRP A 13 -4.22 -7.44 8.95
CA TRP A 13 -3.93 -6.30 8.09
C TRP A 13 -3.61 -5.06 8.92
N GLU A 14 -2.35 -4.66 8.91
CA GLU A 14 -1.92 -3.49 9.66
C GLU A 14 -1.81 -2.27 8.76
N GLN A 15 -2.24 -1.11 9.26
CA GLN A 15 -2.19 0.12 8.50
C GLN A 15 -0.91 0.90 8.79
N TYR A 16 -0.47 1.70 7.83
CA TYR A 16 0.74 2.49 7.99
C TYR A 16 0.56 3.90 7.43
N THR A 17 0.53 4.89 8.32
CA THR A 17 0.35 6.28 7.91
C THR A 17 1.69 7.01 7.84
N VAL A 18 2.23 7.14 6.63
CA VAL A 18 3.50 7.82 6.43
C VAL A 18 3.33 9.07 5.58
N THR A 19 4.18 10.06 5.81
CA THR A 19 4.13 11.30 5.06
C THR A 19 5.28 11.40 4.07
N LEU A 20 4.96 11.71 2.82
CA LEU A 20 5.97 11.84 1.78
C LEU A 20 6.17 13.29 1.39
N GLN A 21 7.39 13.63 0.96
CA GLN A 21 7.70 14.99 0.55
C GLN A 21 7.87 15.08 -0.97
N LYS A 22 7.16 16.04 -1.57
CA LYS A 22 7.22 16.23 -3.01
C LYS A 22 8.64 16.60 -3.45
N ASP A 23 9.40 15.61 -3.90
CA ASP A 23 10.77 15.84 -4.35
C ASP A 23 10.79 16.77 -5.56
N SER A 24 11.98 16.97 -6.13
CA SER A 24 12.14 17.83 -7.29
C SER A 24 11.00 17.61 -8.29
N LYS A 25 11.09 16.52 -9.04
CA LYS A 25 10.07 16.18 -10.03
C LYS A 25 9.29 14.94 -9.62
N ARG A 26 10.02 13.88 -9.27
CA ARG A 26 9.40 12.63 -8.87
C ARG A 26 8.38 12.86 -7.76
N GLY A 27 8.50 14.00 -7.08
CA GLY A 27 7.59 14.33 -6.01
C GLY A 27 7.52 13.25 -4.95
N PHE A 28 6.38 12.55 -4.88
CA PHE A 28 6.20 11.48 -3.91
C PHE A 28 6.85 10.19 -4.38
N GLY A 29 7.54 10.27 -5.51
CA GLY A 29 8.21 9.10 -6.05
C GLY A 29 7.38 7.84 -5.91
N ILE A 30 6.16 7.87 -6.43
CA ILE A 30 5.27 6.72 -6.36
C ILE A 30 4.32 6.67 -7.55
N ALA A 31 3.80 5.49 -7.83
CA ALA A 31 2.87 5.31 -8.96
C ALA A 31 1.74 4.36 -8.58
N VAL A 32 0.54 4.66 -9.08
CA VAL A 32 -0.63 3.83 -8.80
C VAL A 32 -1.11 3.12 -10.07
N SER A 33 -1.58 1.89 -9.90
CA SER A 33 -2.07 1.11 -11.04
C SER A 33 -3.35 0.38 -10.66
N GLY A 34 -4.28 0.31 -11.62
CA GLY A 34 -5.55 -0.36 -11.38
C GLY A 34 -6.73 0.59 -11.48
N GLY A 35 -7.78 0.29 -10.71
CA GLY A 35 -8.96 1.14 -10.74
C GLY A 35 -10.23 0.35 -10.50
N ARG A 36 -11.30 1.04 -10.12
CA ARG A 36 -12.58 0.40 -9.87
C ARG A 36 -13.24 -0.07 -11.16
N ASP A 37 -12.64 0.34 -12.29
CA ASP A 37 -13.16 -0.03 -13.60
C ASP A 37 -12.10 -0.75 -14.42
N ASN A 38 -10.84 -0.58 -14.02
CA ASN A 38 -9.73 -1.20 -14.72
C ASN A 38 -8.75 -1.83 -13.74
N PRO A 39 -9.25 -2.79 -12.94
CA PRO A 39 -8.43 -3.49 -11.94
C PRO A 39 -7.40 -4.41 -12.58
N HIS A 40 -6.28 -3.84 -13.01
CA HIS A 40 -5.21 -4.62 -13.62
C HIS A 40 -4.94 -5.91 -12.84
N PHE A 41 -4.99 -5.80 -11.52
CA PHE A 41 -4.75 -6.95 -10.66
C PHE A 41 -5.25 -8.24 -11.31
N GLU A 42 -4.33 -9.00 -11.90
CA GLU A 42 -4.68 -10.25 -12.56
C GLU A 42 -5.84 -10.93 -11.85
N ASN A 43 -5.75 -11.02 -10.53
CA ASN A 43 -6.79 -11.65 -9.72
C ASN A 43 -8.10 -10.87 -9.80
N GLY A 44 -8.03 -9.59 -9.46
CA GLY A 44 -9.21 -8.74 -9.49
C GLY A 44 -9.44 -8.02 -8.19
N GLU A 45 -8.75 -6.90 -8.00
CA GLU A 45 -8.89 -6.11 -6.78
C GLU A 45 -9.07 -4.63 -7.11
N THR A 46 -10.30 -4.14 -6.92
CA THR A 46 -10.60 -2.75 -7.20
C THR A 46 -10.08 -1.84 -6.10
N SER A 47 -8.81 -2.02 -5.74
CA SER A 47 -8.19 -1.22 -4.70
C SER A 47 -6.85 -0.65 -5.17
N ILE A 48 -6.77 0.67 -5.24
CA ILE A 48 -5.56 1.35 -5.67
C ILE A 48 -4.34 0.82 -4.92
N VAL A 49 -3.31 0.43 -5.67
CA VAL A 49 -2.09 -0.09 -5.07
C VAL A 49 -0.86 0.54 -5.72
N ILE A 50 0.16 0.80 -4.90
CA ILE A 50 1.40 1.39 -5.40
C ILE A 50 2.25 0.36 -6.14
N SER A 51 2.27 0.45 -7.46
CA SER A 51 3.03 -0.48 -8.28
C SER A 51 4.44 0.07 -8.55
N ASP A 52 4.82 1.10 -7.80
CA ASP A 52 6.12 1.71 -7.96
C ASP A 52 6.49 2.56 -6.74
N VAL A 53 7.68 2.34 -6.21
CA VAL A 53 8.15 3.07 -5.04
C VAL A 53 9.58 3.55 -5.23
N LEU A 54 9.74 4.80 -5.65
CA LEU A 54 11.06 5.37 -5.87
C LEU A 54 12.06 4.83 -4.85
N PRO A 55 12.95 3.95 -5.32
CA PRO A 55 13.98 3.34 -4.47
C PRO A 55 15.05 4.35 -4.05
N GLY A 56 14.99 5.54 -4.63
CA GLY A 56 15.96 6.57 -4.30
C GLY A 56 15.31 7.90 -3.99
N GLY A 57 14.02 7.87 -3.66
CA GLY A 57 13.30 9.09 -3.34
C GLY A 57 12.73 9.08 -1.94
N PRO A 58 11.71 9.90 -1.70
CA PRO A 58 11.06 10.01 -0.39
C PRO A 58 10.26 8.76 -0.04
N ALA A 59 9.68 8.13 -1.05
CA ALA A 59 8.89 6.92 -0.85
C ALA A 59 9.76 5.77 -0.33
N ASP A 60 10.93 5.61 -0.94
CA ASP A 60 11.85 4.55 -0.53
C ASP A 60 11.96 4.47 0.98
N GLY A 61 11.12 3.65 1.59
CA GLY A 61 11.14 3.50 3.03
C GLY A 61 9.79 3.77 3.66
N LEU A 62 9.19 4.91 3.32
CA LEU A 62 7.90 5.29 3.87
C LEU A 62 6.81 4.34 3.37
N LEU A 63 6.77 4.13 2.07
CA LEU A 63 5.77 3.24 1.47
C LEU A 63 6.44 2.11 0.70
N GLN A 64 5.66 1.13 0.29
CA GLN A 64 6.18 -0.02 -0.46
C GLN A 64 5.23 -0.42 -1.58
N GLU A 65 5.68 -1.31 -2.44
CA GLU A 65 4.87 -1.77 -3.56
C GLU A 65 3.74 -2.68 -3.08
N ASN A 66 2.57 -2.53 -3.69
CA ASN A 66 1.41 -3.33 -3.32
C ASN A 66 0.83 -2.86 -1.99
N ASP A 67 0.95 -1.57 -1.71
CA ASP A 67 0.43 -1.00 -0.48
C ASP A 67 -1.03 -0.61 -0.62
N ARG A 68 -1.91 -1.60 -0.45
CA ARG A 68 -3.34 -1.37 -0.55
C ARG A 68 -3.72 -0.01 0.03
N VAL A 69 -3.84 0.99 -0.84
CA VAL A 69 -4.20 2.33 -0.42
C VAL A 69 -5.64 2.39 0.07
N VAL A 70 -5.84 2.96 1.26
CA VAL A 70 -7.18 3.09 1.83
C VAL A 70 -7.64 4.54 1.84
N MET A 71 -6.80 5.42 2.39
CA MET A 71 -7.12 6.83 2.46
C MET A 71 -5.93 7.68 2.06
N VAL A 72 -6.20 8.90 1.58
CA VAL A 72 -5.15 9.81 1.16
C VAL A 72 -5.53 11.26 1.44
N ASN A 73 -4.90 11.83 2.47
CA ASN A 73 -5.17 13.21 2.85
C ASN A 73 -6.64 13.39 3.25
N GLY A 74 -7.26 12.31 3.69
CA GLY A 74 -8.66 12.36 4.09
C GLY A 74 -9.60 12.02 2.96
N THR A 75 -9.14 11.17 2.05
CA THR A 75 -9.96 10.75 0.91
C THR A 75 -9.88 9.24 0.70
N PRO A 76 -11.05 8.60 0.64
CA PRO A 76 -11.15 7.15 0.44
C PRO A 76 -10.74 6.73 -0.96
N MET A 77 -9.71 5.89 -1.05
CA MET A 77 -9.22 5.41 -2.33
C MET A 77 -9.81 4.04 -2.66
N GLU A 78 -10.86 3.66 -1.94
CA GLU A 78 -11.50 2.37 -2.16
C GLU A 78 -12.58 2.48 -3.23
N ASP A 79 -12.47 1.64 -4.26
CA ASP A 79 -13.44 1.63 -5.35
C ASP A 79 -13.47 2.99 -6.05
N VAL A 80 -12.29 3.57 -6.28
CA VAL A 80 -12.19 4.86 -6.94
C VAL A 80 -11.42 4.74 -8.25
N LEU A 81 -11.57 5.75 -9.11
CA LEU A 81 -10.90 5.77 -10.40
C LEU A 81 -9.42 6.07 -10.24
N HIS A 82 -8.59 5.42 -11.03
CA HIS A 82 -7.15 5.63 -10.98
C HIS A 82 -6.82 7.12 -10.95
N SER A 83 -7.54 7.90 -11.74
CA SER A 83 -7.31 9.34 -11.80
C SER A 83 -7.67 10.00 -10.48
N PHE A 84 -8.70 9.48 -9.82
CA PHE A 84 -9.16 10.01 -8.54
C PHE A 84 -8.08 9.82 -7.47
N ALA A 85 -7.40 8.68 -7.52
CA ALA A 85 -6.35 8.38 -6.56
C ALA A 85 -5.18 9.33 -6.70
N VAL A 86 -4.69 9.49 -7.92
CA VAL A 86 -3.58 10.39 -8.20
C VAL A 86 -3.95 11.84 -7.92
N GLN A 87 -5.17 12.22 -8.32
CA GLN A 87 -5.64 13.58 -8.11
C GLN A 87 -5.17 14.12 -6.77
N GLN A 88 -5.56 13.43 -5.69
CA GLN A 88 -5.18 13.84 -4.35
C GLN A 88 -3.68 14.12 -4.26
N LEU A 89 -2.89 13.28 -4.94
CA LEU A 89 -1.44 13.44 -4.94
C LEU A 89 -1.03 14.77 -5.57
N ARG A 90 -1.56 15.04 -6.75
CA ARG A 90 -1.25 16.29 -7.46
C ARG A 90 -1.83 17.48 -6.73
N LYS A 91 -2.91 17.26 -5.98
CA LYS A 91 -3.55 18.32 -5.22
C LYS A 91 -2.73 18.69 -3.98
N SER A 92 -2.16 17.68 -3.34
CA SER A 92 -1.36 17.90 -2.14
C SER A 92 -0.17 18.81 -2.44
N GLY A 93 -0.16 19.98 -1.79
CA GLY A 93 0.92 20.92 -2.00
C GLY A 93 2.27 20.24 -2.17
N LYS A 94 2.88 19.87 -1.05
CA LYS A 94 4.19 19.21 -1.09
C LYS A 94 4.19 17.99 -0.18
N ILE A 95 3.43 18.05 0.91
CA ILE A 95 3.35 16.95 1.85
C ILE A 95 1.97 16.30 1.82
N ALA A 96 1.95 14.97 1.64
CA ALA A 96 0.70 14.24 1.59
C ALA A 96 0.70 13.10 2.61
N ALA A 97 -0.49 12.72 3.07
CA ALA A 97 -0.63 11.64 4.04
C ALA A 97 -1.42 10.47 3.46
N ILE A 98 -0.76 9.33 3.32
CA ILE A 98 -1.40 8.14 2.78
C ILE A 98 -1.48 7.04 3.83
N VAL A 99 -2.62 6.36 3.88
CA VAL A 99 -2.83 5.28 4.83
C VAL A 99 -3.04 3.95 4.12
N VAL A 100 -1.99 3.14 4.06
CA VAL A 100 -2.06 1.84 3.40
C VAL A 100 -2.08 0.71 4.43
N LYS A 101 -2.55 -0.46 4.00
CA LYS A 101 -2.61 -1.62 4.88
C LYS A 101 -1.85 -2.80 4.28
N ARG A 102 -1.12 -3.51 5.13
CA ARG A 102 -0.35 -4.67 4.68
C ARG A 102 -0.78 -5.93 5.43
N PRO A 103 -0.88 -7.05 4.69
CA PRO A 103 -1.28 -8.34 5.26
C PRO A 103 -0.21 -8.92 6.18
N ARG A 104 -0.53 -9.02 7.46
CA ARG A 104 0.40 -9.57 8.44
C ARG A 104 -0.06 -10.93 8.93
N LYS A 105 0.09 -11.95 8.08
CA LYS A 105 -0.31 -13.30 8.43
C LYS A 105 -0.06 -13.59 9.90
N VAL A 106 -0.97 -14.31 10.53
CA VAL A 106 -0.84 -14.65 11.95
C VAL A 106 0.35 -15.58 12.17
N GLN A 107 1.46 -15.01 12.63
CA GLN A 107 2.66 -15.78 12.89
C GLN A 107 3.12 -15.61 14.34
N VAL A 108 4.15 -16.34 14.72
CA VAL A 108 4.68 -16.27 16.08
C VAL A 108 6.19 -16.48 16.09
N ALA A 109 6.90 -15.59 16.76
CA ALA A 109 8.36 -15.68 16.86
C ALA A 109 8.82 -15.76 18.31
N PRO A 110 9.86 -16.56 18.55
CA PRO A 110 10.41 -16.75 19.90
C PRO A 110 11.13 -15.50 20.41
N LEU A 111 11.80 -15.63 21.55
CA LEU A 111 12.52 -14.51 22.14
C LEU A 111 13.99 -14.53 21.72
N SER A 112 14.42 -13.49 21.03
CA SER A 112 15.80 -13.38 20.58
C SER A 112 16.47 -12.13 21.14
N GLY A 113 17.77 -12.00 20.88
CA GLY A 113 18.51 -10.85 21.37
C GLY A 113 19.81 -10.64 20.63
N PRO A 114 20.78 -9.99 21.29
CA PRO A 114 22.09 -9.70 20.69
C PRO A 114 22.93 -10.96 20.51
N SER A 115 24.06 -10.82 19.82
CA SER A 115 24.94 -11.95 19.57
C SER A 115 26.40 -11.56 19.82
N SER A 116 27.24 -12.57 19.97
CA SER A 116 28.66 -12.33 20.22
C SER A 116 29.44 -12.17 18.91
N GLY A 117 30.75 -12.00 19.02
CA GLY A 117 31.57 -11.84 17.84
C GLY A 117 32.54 -12.99 17.64
N GLY A 1 -10.05 -36.84 22.82
CA GLY A 1 -10.41 -36.54 21.45
C GLY A 1 -9.22 -36.59 20.51
N SER A 2 -9.13 -35.62 19.61
CA SER A 2 -8.04 -35.57 18.65
C SER A 2 -7.43 -34.17 18.58
N SER A 3 -6.12 -34.11 18.42
CA SER A 3 -5.42 -32.83 18.35
C SER A 3 -5.43 -32.27 16.92
N GLY A 4 -5.86 -31.03 16.79
CA GLY A 4 -5.91 -30.41 15.47
C GLY A 4 -5.86 -28.89 15.55
N SER A 5 -4.76 -28.37 16.08
CA SER A 5 -4.59 -26.92 16.21
C SER A 5 -4.11 -26.31 14.89
N SER A 6 -2.89 -26.64 14.50
CA SER A 6 -2.32 -26.13 13.26
C SER A 6 -3.09 -26.62 12.05
N GLY A 7 -3.79 -25.72 11.38
CA GLY A 7 -4.57 -26.09 10.21
C GLY A 7 -4.51 -25.04 9.12
N MET A 8 -5.36 -24.03 9.22
CA MET A 8 -5.40 -22.96 8.24
C MET A 8 -4.56 -21.77 8.68
N GLU A 9 -4.04 -21.02 7.72
CA GLU A 9 -3.21 -19.85 8.02
C GLU A 9 -4.03 -18.58 7.94
N GLU A 10 -3.48 -17.50 8.49
CA GLU A 10 -4.15 -16.21 8.49
C GLU A 10 -3.16 -15.06 8.30
N VAL A 11 -3.67 -13.85 8.14
CA VAL A 11 -2.82 -12.67 7.96
C VAL A 11 -3.45 -11.44 8.59
N ILE A 12 -2.63 -10.60 9.19
CA ILE A 12 -3.10 -9.39 9.84
C ILE A 12 -2.71 -8.15 9.03
N TRP A 13 -3.68 -7.58 8.34
CA TRP A 13 -3.44 -6.39 7.53
C TRP A 13 -3.40 -5.14 8.40
N GLU A 14 -2.20 -4.59 8.60
CA GLU A 14 -2.03 -3.40 9.41
C GLU A 14 -1.94 -2.15 8.53
N GLN A 15 -2.42 -1.03 9.06
CA GLN A 15 -2.40 0.23 8.32
C GLN A 15 -1.15 1.04 8.68
N TYR A 16 -0.46 1.52 7.65
CA TYR A 16 0.74 2.31 7.85
C TYR A 16 0.55 3.74 7.34
N THR A 17 0.53 4.69 8.26
CA THR A 17 0.35 6.10 7.92
C THR A 17 1.68 6.83 7.89
N VAL A 18 2.25 6.99 6.70
CA VAL A 18 3.53 7.68 6.55
C VAL A 18 3.39 8.90 5.65
N THR A 19 4.14 9.95 5.97
CA THR A 19 4.10 11.18 5.20
C THR A 19 5.25 11.24 4.19
N LEU A 20 4.93 11.60 2.96
CA LEU A 20 5.93 11.69 1.90
C LEU A 20 6.14 13.13 1.47
N GLN A 21 7.32 13.42 0.94
CA GLN A 21 7.64 14.77 0.48
C GLN A 21 7.75 14.82 -1.04
N LYS A 22 7.17 15.86 -1.64
CA LYS A 22 7.21 16.02 -3.09
C LYS A 22 8.62 16.36 -3.56
N ASP A 23 9.41 15.32 -3.83
CA ASP A 23 10.77 15.52 -4.30
C ASP A 23 10.83 16.49 -5.46
N SER A 24 12.03 16.74 -5.98
CA SER A 24 12.21 17.65 -7.09
C SER A 24 11.09 17.51 -8.11
N LYS A 25 11.16 16.44 -8.91
CA LYS A 25 10.14 16.18 -9.92
C LYS A 25 9.32 14.95 -9.58
N ARG A 26 10.00 13.82 -9.40
CA ARG A 26 9.34 12.58 -9.06
C ARG A 26 8.26 12.80 -8.00
N GLY A 27 8.42 13.86 -7.22
CA GLY A 27 7.45 14.17 -6.19
C GLY A 27 7.45 13.14 -5.07
N PHE A 28 6.29 12.56 -4.81
CA PHE A 28 6.16 11.56 -3.75
C PHE A 28 6.82 10.25 -4.17
N GLY A 29 7.40 10.24 -5.35
CA GLY A 29 8.06 9.04 -5.84
C GLY A 29 7.23 7.79 -5.64
N ILE A 30 6.02 7.80 -6.21
CA ILE A 30 5.12 6.67 -6.09
C ILE A 30 4.13 6.62 -7.25
N ALA A 31 3.79 5.41 -7.69
CA ALA A 31 2.86 5.23 -8.79
C ALA A 31 1.77 4.24 -8.42
N VAL A 32 0.52 4.60 -8.70
CA VAL A 32 -0.62 3.73 -8.40
C VAL A 32 -1.18 3.11 -9.67
N SER A 33 -1.54 1.83 -9.59
CA SER A 33 -2.10 1.11 -10.73
C SER A 33 -3.44 0.48 -10.38
N GLY A 34 -4.25 0.23 -11.40
CA GLY A 34 -5.56 -0.37 -11.18
C GLY A 34 -6.68 0.63 -11.34
N GLY A 35 -7.80 0.36 -10.68
CA GLY A 35 -8.94 1.26 -10.77
C GLY A 35 -10.27 0.52 -10.58
N ARG A 36 -11.25 1.22 -10.03
CA ARG A 36 -12.57 0.64 -9.79
C ARG A 36 -13.23 0.25 -11.11
N ASP A 37 -12.63 0.67 -12.21
CA ASP A 37 -13.16 0.36 -13.54
C ASP A 37 -12.19 -0.51 -14.33
N ASN A 38 -10.90 -0.38 -14.02
CA ASN A 38 -9.88 -1.15 -14.71
C ASN A 38 -8.88 -1.73 -13.71
N PRO A 39 -9.36 -2.65 -12.86
CA PRO A 39 -8.53 -3.31 -11.84
C PRO A 39 -7.51 -4.27 -12.45
N HIS A 40 -6.38 -3.72 -12.89
CA HIS A 40 -5.33 -4.53 -13.49
C HIS A 40 -5.25 -5.90 -12.83
N PHE A 41 -5.18 -5.92 -11.51
CA PHE A 41 -5.11 -7.17 -10.77
C PHE A 41 -5.89 -8.27 -11.48
N GLU A 42 -5.16 -9.23 -12.04
CA GLU A 42 -5.78 -10.34 -12.75
C GLU A 42 -6.96 -10.90 -11.96
N ASN A 43 -6.87 -10.84 -10.63
CA ASN A 43 -7.92 -11.33 -9.76
C ASN A 43 -9.18 -10.47 -9.88
N GLY A 44 -8.99 -9.16 -9.77
CA GLY A 44 -10.12 -8.24 -9.87
C GLY A 44 -10.30 -7.42 -8.61
N GLU A 45 -9.22 -6.76 -8.18
CA GLU A 45 -9.27 -5.93 -6.98
C GLU A 45 -9.41 -4.46 -7.34
N THR A 46 -10.54 -3.86 -6.96
CA THR A 46 -10.80 -2.46 -7.24
C THR A 46 -10.18 -1.55 -6.18
N SER A 47 -8.96 -1.88 -5.77
CA SER A 47 -8.25 -1.11 -4.76
C SER A 47 -6.94 -0.55 -5.31
N ILE A 48 -6.70 0.74 -5.07
CA ILE A 48 -5.49 1.38 -5.53
C ILE A 48 -4.26 0.83 -4.81
N VAL A 49 -3.29 0.34 -5.57
CA VAL A 49 -2.07 -0.21 -5.01
C VAL A 49 -0.84 0.45 -5.60
N ILE A 50 0.22 0.55 -4.81
CA ILE A 50 1.46 1.17 -5.26
C ILE A 50 2.35 0.16 -5.99
N SER A 51 2.40 0.27 -7.31
CA SER A 51 3.21 -0.63 -8.12
C SER A 51 4.55 -0.01 -8.46
N ASP A 52 4.90 1.06 -7.75
CA ASP A 52 6.16 1.75 -7.97
C ASP A 52 6.55 2.58 -6.75
N VAL A 53 7.69 2.26 -6.16
CA VAL A 53 8.18 2.98 -4.98
C VAL A 53 9.62 3.42 -5.17
N LEU A 54 9.80 4.65 -5.64
CA LEU A 54 11.14 5.20 -5.86
C LEU A 54 12.11 4.72 -4.80
N PRO A 55 12.99 3.78 -5.19
CA PRO A 55 13.99 3.21 -4.30
C PRO A 55 15.08 4.21 -3.92
N GLY A 56 14.95 5.43 -4.42
CA GLY A 56 15.92 6.47 -4.13
C GLY A 56 15.27 7.79 -3.79
N GLY A 57 13.97 7.76 -3.53
CA GLY A 57 13.24 8.98 -3.20
C GLY A 57 12.67 8.94 -1.80
N PRO A 58 11.61 9.74 -1.57
CA PRO A 58 10.95 9.81 -0.26
C PRO A 58 10.18 8.54 0.07
N ALA A 59 9.53 7.97 -0.93
CA ALA A 59 8.76 6.74 -0.75
C ALA A 59 9.63 5.61 -0.24
N ASP A 60 10.82 5.48 -0.82
CA ASP A 60 11.76 4.43 -0.43
C ASP A 60 11.87 4.36 1.09
N GLY A 61 11.04 3.53 1.71
CA GLY A 61 11.07 3.39 3.16
C GLY A 61 9.73 3.71 3.79
N LEU A 62 9.17 4.85 3.45
CA LEU A 62 7.88 5.27 3.99
C LEU A 62 6.76 4.33 3.53
N LEU A 63 6.69 4.11 2.23
CA LEU A 63 5.67 3.23 1.65
C LEU A 63 6.30 2.03 0.96
N GLN A 64 5.48 1.06 0.60
CA GLN A 64 5.97 -0.14 -0.08
C GLN A 64 5.07 -0.49 -1.26
N GLU A 65 5.49 -1.49 -2.04
CA GLU A 65 4.73 -1.93 -3.21
C GLU A 65 3.53 -2.76 -2.79
N ASN A 66 2.46 -2.70 -3.59
CA ASN A 66 1.25 -3.44 -3.31
C ASN A 66 0.62 -2.98 -1.99
N ASP A 67 0.91 -1.75 -1.61
CA ASP A 67 0.38 -1.19 -0.37
C ASP A 67 -1.03 -0.65 -0.59
N ARG A 68 -2.02 -1.54 -0.57
CA ARG A 68 -3.41 -1.16 -0.77
C ARG A 68 -3.73 0.12 0.00
N VAL A 69 -3.96 1.21 -0.73
CA VAL A 69 -4.27 2.49 -0.12
C VAL A 69 -5.73 2.53 0.33
N VAL A 70 -5.96 3.07 1.53
CA VAL A 70 -7.30 3.17 2.07
C VAL A 70 -7.77 4.63 2.11
N MET A 71 -6.86 5.52 2.48
CA MET A 71 -7.17 6.95 2.55
C MET A 71 -5.97 7.79 2.14
N VAL A 72 -6.25 8.97 1.59
CA VAL A 72 -5.20 9.88 1.16
C VAL A 72 -5.56 11.33 1.43
N ASN A 73 -4.94 11.91 2.46
CA ASN A 73 -5.20 13.29 2.83
C ASN A 73 -6.67 13.48 3.22
N GLY A 74 -7.28 12.41 3.71
CA GLY A 74 -8.68 12.49 4.11
C GLY A 74 -9.63 12.09 2.99
N THR A 75 -9.12 11.32 2.03
CA THR A 75 -9.92 10.88 0.90
C THR A 75 -9.85 9.38 0.71
N PRO A 76 -11.02 8.72 0.66
CA PRO A 76 -11.10 7.27 0.49
C PRO A 76 -10.68 6.82 -0.91
N MET A 77 -9.70 5.92 -0.96
CA MET A 77 -9.21 5.42 -2.23
C MET A 77 -9.76 4.01 -2.51
N GLU A 78 -10.89 3.69 -1.89
CA GLU A 78 -11.51 2.38 -2.07
C GLU A 78 -12.62 2.46 -3.12
N ASP A 79 -12.48 1.66 -4.16
CA ASP A 79 -13.47 1.63 -5.24
C ASP A 79 -13.54 2.98 -5.95
N VAL A 80 -12.38 3.56 -6.23
CA VAL A 80 -12.30 4.85 -6.90
C VAL A 80 -11.61 4.73 -8.25
N LEU A 81 -11.64 5.81 -9.03
CA LEU A 81 -11.01 5.82 -10.34
C LEU A 81 -9.51 6.06 -10.22
N HIS A 82 -8.73 5.42 -11.09
CA HIS A 82 -7.28 5.57 -11.08
C HIS A 82 -6.88 7.04 -11.05
N SER A 83 -7.62 7.86 -11.80
CA SER A 83 -7.34 9.30 -11.85
C SER A 83 -7.69 9.97 -10.53
N PHE A 84 -8.71 9.45 -9.86
CA PHE A 84 -9.14 10.00 -8.58
C PHE A 84 -8.07 9.84 -7.51
N ALA A 85 -7.50 8.64 -7.43
CA ALA A 85 -6.45 8.36 -6.46
C ALA A 85 -5.27 9.29 -6.63
N VAL A 86 -4.79 9.42 -7.87
CA VAL A 86 -3.66 10.29 -8.16
C VAL A 86 -4.01 11.75 -7.92
N GLN A 87 -5.21 12.14 -8.30
CA GLN A 87 -5.68 13.52 -8.13
C GLN A 87 -5.20 14.07 -6.79
N GLN A 88 -5.60 13.41 -5.70
CA GLN A 88 -5.22 13.83 -4.36
C GLN A 88 -3.71 14.10 -4.28
N LEU A 89 -2.94 13.29 -5.00
CA LEU A 89 -1.48 13.43 -5.01
C LEU A 89 -1.08 14.76 -5.62
N ARG A 90 -1.54 15.01 -6.84
CA ARG A 90 -1.22 16.24 -7.55
C ARG A 90 -1.76 17.45 -6.79
N LYS A 91 -2.85 17.26 -6.07
CA LYS A 91 -3.47 18.33 -5.29
C LYS A 91 -2.59 18.71 -4.10
N SER A 92 -2.17 17.71 -3.34
CA SER A 92 -1.33 17.94 -2.17
C SER A 92 -0.14 18.82 -2.51
N GLY A 93 -0.02 19.94 -1.80
CA GLY A 93 1.08 20.86 -2.06
C GLY A 93 2.41 20.14 -2.23
N LYS A 94 3.07 19.85 -1.11
CA LYS A 94 4.35 19.16 -1.13
C LYS A 94 4.34 17.94 -0.21
N ILE A 95 3.52 18.02 0.85
CA ILE A 95 3.43 16.92 1.80
C ILE A 95 2.03 16.30 1.76
N ALA A 96 2.01 14.97 1.68
CA ALA A 96 0.73 14.24 1.64
C ALA A 96 0.70 13.13 2.68
N ALA A 97 -0.49 12.80 3.14
CA ALA A 97 -0.66 11.75 4.16
C ALA A 97 -1.45 10.58 3.59
N ILE A 98 -0.74 9.52 3.21
CA ILE A 98 -1.38 8.34 2.66
C ILE A 98 -1.47 7.22 3.70
N VAL A 99 -2.62 6.58 3.78
CA VAL A 99 -2.84 5.49 4.72
C VAL A 99 -3.10 4.17 4.00
N VAL A 100 -2.06 3.34 3.90
CA VAL A 100 -2.18 2.06 3.24
C VAL A 100 -2.21 0.92 4.25
N LYS A 101 -2.51 -0.29 3.77
CA LYS A 101 -2.58 -1.45 4.63
C LYS A 101 -1.75 -2.61 4.07
N ARG A 102 -0.76 -3.05 4.82
CA ARG A 102 0.10 -4.14 4.39
C ARG A 102 -0.21 -5.42 5.17
N PRO A 103 -0.20 -6.56 4.46
CA PRO A 103 -0.49 -7.86 5.05
C PRO A 103 0.62 -8.33 5.99
N ARG A 104 0.30 -8.42 7.27
CA ARG A 104 1.26 -8.86 8.28
C ARG A 104 1.17 -10.37 8.50
N LYS A 105 1.30 -11.13 7.42
CA LYS A 105 1.24 -12.58 7.51
C LYS A 105 1.84 -13.09 8.83
N VAL A 106 1.20 -14.09 9.42
CA VAL A 106 1.67 -14.66 10.68
C VAL A 106 2.69 -15.77 10.43
N GLN A 107 3.63 -15.92 11.36
CA GLN A 107 4.66 -16.95 11.23
C GLN A 107 5.02 -17.52 12.60
N VAL A 108 5.48 -18.76 12.63
CA VAL A 108 5.87 -19.41 13.88
C VAL A 108 6.64 -18.46 14.77
N ALA A 109 6.16 -18.29 16.00
CA ALA A 109 6.81 -17.41 16.97
C ALA A 109 8.32 -17.50 16.86
N PRO A 110 9.01 -16.42 17.26
CA PRO A 110 10.48 -16.35 17.22
C PRO A 110 11.12 -17.26 18.26
N LEU A 111 12.01 -18.14 17.80
CA LEU A 111 12.70 -19.07 18.69
C LEU A 111 14.13 -18.60 18.97
N SER A 112 14.26 -17.58 19.81
CA SER A 112 15.58 -17.05 20.15
C SER A 112 15.63 -16.67 21.63
N GLY A 113 16.79 -16.91 22.24
CA GLY A 113 16.96 -16.58 23.65
C GLY A 113 18.33 -15.99 23.95
N PRO A 114 18.43 -14.66 23.89
CA PRO A 114 19.69 -13.95 24.15
C PRO A 114 20.09 -14.02 25.62
N SER A 115 21.39 -13.88 25.88
CA SER A 115 21.91 -13.93 27.24
C SER A 115 21.79 -12.56 27.91
N SER A 116 20.56 -12.06 28.01
CA SER A 116 20.30 -10.76 28.62
C SER A 116 21.27 -9.71 28.08
N GLY A 117 21.44 -9.70 26.77
CA GLY A 117 22.34 -8.74 26.14
C GLY A 117 22.11 -8.62 24.65
N GLY A 1 -15.34 -22.57 21.17
CA GLY A 1 -14.59 -23.09 20.04
C GLY A 1 -13.91 -24.40 20.36
N SER A 2 -13.44 -25.09 19.33
CA SER A 2 -12.78 -26.38 19.50
C SER A 2 -11.26 -26.19 19.59
N SER A 3 -10.60 -27.12 20.28
CA SER A 3 -9.15 -27.04 20.44
C SER A 3 -8.48 -28.29 19.84
N GLY A 4 -7.24 -28.11 19.40
CA GLY A 4 -6.51 -29.22 18.80
C GLY A 4 -5.53 -28.76 17.74
N SER A 5 -4.75 -29.71 17.21
CA SER A 5 -3.76 -29.40 16.18
C SER A 5 -4.44 -28.97 14.89
N SER A 6 -4.43 -27.67 14.62
CA SER A 6 -5.05 -27.13 13.41
C SER A 6 -4.75 -25.64 13.26
N GLY A 7 -4.59 -25.20 12.02
CA GLY A 7 -4.29 -23.80 11.77
C GLY A 7 -5.19 -23.21 10.69
N MET A 8 -6.10 -22.33 11.11
CA MET A 8 -7.02 -21.70 10.17
C MET A 8 -6.26 -20.81 9.18
N GLU A 9 -6.97 -20.31 8.18
CA GLU A 9 -6.37 -19.46 7.16
C GLU A 9 -6.87 -18.02 7.27
N GLU A 10 -6.05 -17.15 7.83
CA GLU A 10 -6.43 -15.75 8.00
C GLU A 10 -5.22 -14.83 7.77
N VAL A 11 -5.43 -13.53 7.94
CA VAL A 11 -4.37 -12.56 7.75
C VAL A 11 -4.64 -11.28 8.53
N ILE A 12 -3.58 -10.66 9.04
CA ILE A 12 -3.71 -9.43 9.81
C ILE A 12 -3.29 -8.22 8.99
N TRP A 13 -4.27 -7.45 8.52
CA TRP A 13 -4.01 -6.27 7.72
C TRP A 13 -3.60 -5.09 8.60
N GLU A 14 -2.31 -4.76 8.59
CA GLU A 14 -1.80 -3.66 9.40
C GLU A 14 -1.70 -2.38 8.57
N GLN A 15 -2.11 -1.27 9.16
CA GLN A 15 -2.07 0.02 8.48
C GLN A 15 -0.79 0.77 8.79
N TYR A 16 -0.37 1.66 7.90
CA TYR A 16 0.84 2.43 8.09
C TYR A 16 0.66 3.87 7.58
N THR A 17 0.59 4.82 8.51
CA THR A 17 0.42 6.22 8.15
C THR A 17 1.76 6.92 7.98
N VAL A 18 2.18 7.10 6.74
CA VAL A 18 3.45 7.76 6.45
C VAL A 18 3.25 8.97 5.53
N THR A 19 4.04 10.01 5.76
CA THR A 19 3.96 11.22 4.96
C THR A 19 5.17 11.37 4.06
N LEU A 20 4.92 11.70 2.79
CA LEU A 20 5.99 11.88 1.82
C LEU A 20 6.20 13.35 1.49
N GLN A 21 7.37 13.67 0.96
CA GLN A 21 7.68 15.06 0.59
C GLN A 21 7.83 15.20 -0.91
N LYS A 22 7.07 16.13 -1.49
CA LYS A 22 7.12 16.36 -2.94
C LYS A 22 8.53 16.73 -3.37
N ASP A 23 9.33 15.72 -3.69
CA ASP A 23 10.71 15.94 -4.12
C ASP A 23 10.75 16.95 -5.27
N SER A 24 11.94 17.15 -5.83
CA SER A 24 12.13 18.09 -6.92
C SER A 24 11.00 17.96 -7.95
N LYS A 25 11.08 16.93 -8.78
CA LYS A 25 10.06 16.70 -9.80
C LYS A 25 9.28 15.42 -9.50
N ARG A 26 9.99 14.33 -9.24
CA ARG A 26 9.36 13.06 -8.93
C ARG A 26 8.28 13.22 -7.88
N GLY A 27 8.35 14.32 -7.13
CA GLY A 27 7.37 14.59 -6.10
C GLY A 27 7.31 13.47 -5.07
N PHE A 28 6.24 12.69 -5.09
CA PHE A 28 6.06 11.59 -4.15
C PHE A 28 6.72 10.31 -4.68
N GLY A 29 7.39 10.43 -5.83
CA GLY A 29 8.05 9.28 -6.42
C GLY A 29 7.28 8.00 -6.18
N ILE A 30 6.04 7.95 -6.68
CA ILE A 30 5.20 6.77 -6.52
C ILE A 30 4.20 6.65 -7.67
N ALA A 31 3.77 5.43 -7.95
CA ALA A 31 2.81 5.18 -9.02
C ALA A 31 1.79 4.13 -8.60
N VAL A 32 0.51 4.51 -8.60
CA VAL A 32 -0.55 3.59 -8.24
C VAL A 32 -1.15 2.92 -9.46
N SER A 33 -1.80 1.78 -9.24
CA SER A 33 -2.40 1.02 -10.34
C SER A 33 -3.80 0.53 -9.95
N GLY A 34 -4.49 -0.10 -10.89
CA GLY A 34 -5.82 -0.61 -10.63
C GLY A 34 -6.90 0.32 -11.15
N GLY A 35 -8.01 0.40 -10.41
CA GLY A 35 -9.12 1.25 -10.82
C GLY A 35 -10.45 0.55 -10.75
N ARG A 36 -11.47 1.26 -10.27
CA ARG A 36 -12.81 0.69 -10.15
C ARG A 36 -13.37 0.34 -11.52
N ASP A 37 -13.02 1.13 -12.53
CA ASP A 37 -13.49 0.90 -13.88
C ASP A 37 -12.40 0.27 -14.74
N ASN A 38 -11.14 0.53 -14.37
CA ASN A 38 -10.01 -0.02 -15.10
C ASN A 38 -8.98 -0.61 -14.15
N PRO A 39 -9.38 -1.67 -13.44
CA PRO A 39 -8.50 -2.36 -12.48
C PRO A 39 -7.38 -3.12 -13.17
N HIS A 40 -6.25 -2.44 -13.37
CA HIS A 40 -5.10 -3.06 -14.01
C HIS A 40 -4.72 -4.36 -13.33
N PHE A 41 -4.79 -4.38 -12.00
CA PHE A 41 -4.45 -5.56 -11.22
C PHE A 41 -4.84 -6.84 -11.97
N GLU A 42 -3.84 -7.51 -12.51
CA GLU A 42 -4.08 -8.75 -13.25
C GLU A 42 -5.26 -9.53 -12.68
N ASN A 43 -5.24 -9.71 -11.36
CA ASN A 43 -6.30 -10.44 -10.68
C ASN A 43 -7.66 -9.77 -10.93
N GLY A 44 -7.69 -8.45 -10.79
CA GLY A 44 -8.93 -7.71 -11.00
C GLY A 44 -9.36 -6.95 -9.77
N GLU A 45 -8.42 -6.67 -8.88
CA GLU A 45 -8.71 -5.94 -7.65
C GLU A 45 -8.87 -4.45 -7.93
N THR A 46 -9.97 -3.88 -7.45
CA THR A 46 -10.24 -2.46 -7.64
C THR A 46 -9.71 -1.64 -6.47
N SER A 47 -8.48 -1.92 -6.06
CA SER A 47 -7.86 -1.21 -4.94
C SER A 47 -6.57 -0.53 -5.39
N ILE A 48 -6.50 0.78 -5.17
CA ILE A 48 -5.32 1.55 -5.54
C ILE A 48 -4.07 1.05 -4.80
N VAL A 49 -3.20 0.36 -5.52
CA VAL A 49 -1.98 -0.18 -4.93
C VAL A 49 -0.75 0.41 -5.60
N ILE A 50 0.27 0.72 -4.80
CA ILE A 50 1.51 1.29 -5.31
C ILE A 50 2.35 0.24 -6.02
N SER A 51 2.39 0.31 -7.35
CA SER A 51 3.15 -0.65 -8.15
C SER A 51 4.53 -0.09 -8.47
N ASP A 52 4.88 1.02 -7.83
CA ASP A 52 6.18 1.65 -8.04
C ASP A 52 6.55 2.55 -6.87
N VAL A 53 7.72 2.33 -6.28
CA VAL A 53 8.18 3.12 -5.16
C VAL A 53 9.62 3.57 -5.36
N LEU A 54 9.79 4.80 -5.83
CA LEU A 54 11.12 5.35 -6.07
C LEU A 54 12.09 4.94 -4.97
N PRO A 55 13.05 4.08 -5.32
CA PRO A 55 14.07 3.59 -4.38
C PRO A 55 15.05 4.68 -3.96
N GLY A 56 14.96 5.83 -4.61
CA GLY A 56 15.84 6.93 -4.30
C GLY A 56 15.09 8.21 -3.96
N GLY A 57 13.76 8.12 -3.97
CA GLY A 57 12.95 9.28 -3.66
C GLY A 57 12.41 9.26 -2.24
N PRO A 58 11.37 10.06 -1.98
CA PRO A 58 10.75 10.14 -0.65
C PRO A 58 9.98 8.87 -0.29
N ALA A 59 9.43 8.22 -1.30
CA ALA A 59 8.67 6.99 -1.09
C ALA A 59 9.57 5.87 -0.57
N ASP A 60 10.82 5.86 -1.04
CA ASP A 60 11.79 4.85 -0.62
C ASP A 60 11.89 4.79 0.90
N GLY A 61 11.11 3.89 1.51
CA GLY A 61 11.13 3.75 2.95
C GLY A 61 9.77 4.00 3.58
N LEU A 62 9.18 5.15 3.25
CA LEU A 62 7.87 5.51 3.79
C LEU A 62 6.80 4.52 3.32
N LEU A 63 6.76 4.29 2.01
CA LEU A 63 5.78 3.37 1.43
C LEU A 63 6.49 2.24 0.67
N GLN A 64 5.71 1.20 0.32
CA GLN A 64 6.26 0.07 -0.41
C GLN A 64 5.34 -0.34 -1.54
N GLU A 65 5.73 -1.38 -2.27
CA GLU A 65 4.93 -1.88 -3.39
C GLU A 65 3.79 -2.76 -2.90
N ASN A 66 2.62 -2.61 -3.53
CA ASN A 66 1.45 -3.38 -3.14
C ASN A 66 0.85 -2.87 -1.84
N ASP A 67 1.08 -1.59 -1.55
CA ASP A 67 0.56 -0.97 -0.34
C ASP A 67 -0.91 -0.58 -0.52
N ARG A 68 -1.79 -1.56 -0.40
CA ARG A 68 -3.22 -1.32 -0.55
C ARG A 68 -3.61 0.04 0.02
N VAL A 69 -3.72 1.03 -0.86
CA VAL A 69 -4.09 2.38 -0.44
C VAL A 69 -5.54 2.44 0.02
N VAL A 70 -5.75 3.03 1.20
CA VAL A 70 -7.10 3.15 1.76
C VAL A 70 -7.56 4.61 1.74
N MET A 71 -6.80 5.48 2.38
CA MET A 71 -7.13 6.89 2.44
C MET A 71 -5.93 7.76 2.05
N VAL A 72 -6.20 8.89 1.42
CA VAL A 72 -5.14 9.80 0.99
C VAL A 72 -5.49 11.25 1.34
N ASN A 73 -4.87 11.76 2.40
CA ASN A 73 -5.12 13.13 2.82
C ASN A 73 -6.57 13.31 3.27
N GLY A 74 -7.16 12.23 3.77
CA GLY A 74 -8.53 12.29 4.22
C GLY A 74 -9.52 11.97 3.12
N THR A 75 -9.07 11.22 2.12
CA THR A 75 -9.93 10.85 1.00
C THR A 75 -9.89 9.35 0.76
N PRO A 76 -11.08 8.73 0.70
CA PRO A 76 -11.21 7.28 0.47
C PRO A 76 -10.83 6.89 -0.94
N MET A 77 -9.79 6.06 -1.07
CA MET A 77 -9.32 5.61 -2.37
C MET A 77 -9.93 4.25 -2.72
N GLU A 78 -10.96 3.85 -1.98
CA GLU A 78 -11.61 2.57 -2.20
C GLU A 78 -12.73 2.71 -3.24
N ASP A 79 -12.64 1.93 -4.31
CA ASP A 79 -13.64 1.96 -5.37
C ASP A 79 -13.64 3.31 -6.07
N VAL A 80 -12.44 3.83 -6.34
CA VAL A 80 -12.30 5.12 -7.02
C VAL A 80 -11.57 4.97 -8.35
N LEU A 81 -11.65 6.00 -9.19
CA LEU A 81 -11.01 5.98 -10.49
C LEU A 81 -9.49 6.13 -10.34
N HIS A 82 -8.74 5.50 -11.24
CA HIS A 82 -7.29 5.57 -11.21
C HIS A 82 -6.81 7.01 -11.25
N SER A 83 -7.66 7.90 -11.79
CA SER A 83 -7.33 9.31 -11.89
C SER A 83 -7.66 10.04 -10.60
N PHE A 84 -8.67 9.54 -9.89
CA PHE A 84 -9.08 10.14 -8.62
C PHE A 84 -8.03 9.96 -7.54
N ALA A 85 -7.46 8.76 -7.49
CA ALA A 85 -6.42 8.45 -6.50
C ALA A 85 -5.23 9.37 -6.66
N VAL A 86 -4.74 9.52 -7.89
CA VAL A 86 -3.60 10.38 -8.17
C VAL A 86 -3.96 11.85 -7.97
N GLN A 87 -5.19 12.21 -8.33
CA GLN A 87 -5.65 13.59 -8.19
C GLN A 87 -5.25 14.16 -6.84
N GLN A 88 -5.64 13.47 -5.76
CA GLN A 88 -5.31 13.92 -4.41
C GLN A 88 -3.81 14.13 -4.25
N LEU A 89 -3.02 13.29 -4.93
CA LEU A 89 -1.57 13.39 -4.86
C LEU A 89 -1.07 14.64 -5.56
N ARG A 90 -1.60 14.90 -6.76
CA ARG A 90 -1.20 16.07 -7.52
C ARG A 90 -1.77 17.34 -6.91
N LYS A 91 -2.67 17.17 -5.95
CA LYS A 91 -3.29 18.31 -5.28
C LYS A 91 -2.50 18.72 -4.04
N SER A 92 -2.15 17.74 -3.21
CA SER A 92 -1.39 17.99 -1.99
C SER A 92 -0.21 18.91 -2.28
N GLY A 93 -0.19 20.07 -1.63
CA GLY A 93 0.89 21.02 -1.82
C GLY A 93 2.23 20.33 -1.99
N LYS A 94 2.88 20.02 -0.87
CA LYS A 94 4.18 19.37 -0.90
C LYS A 94 4.17 18.11 -0.03
N ILE A 95 3.45 18.18 1.09
CA ILE A 95 3.35 17.05 2.00
C ILE A 95 1.96 16.42 1.97
N ALA A 96 1.91 15.11 1.74
CA ALA A 96 0.65 14.40 1.69
C ALA A 96 0.66 13.20 2.63
N ALA A 97 -0.51 12.87 3.17
CA ALA A 97 -0.63 11.73 4.08
C ALA A 97 -1.39 10.58 3.42
N ILE A 98 -0.79 9.40 3.45
CA ILE A 98 -1.41 8.22 2.85
C ILE A 98 -1.55 7.10 3.89
N VAL A 99 -2.71 6.45 3.88
CA VAL A 99 -2.97 5.36 4.81
C VAL A 99 -3.11 4.03 4.08
N VAL A 100 -2.03 3.25 4.06
CA VAL A 100 -2.04 1.95 3.39
C VAL A 100 -2.09 0.80 4.40
N LYS A 101 -2.58 -0.34 3.96
CA LYS A 101 -2.68 -1.51 4.82
C LYS A 101 -2.02 -2.73 4.18
N ARG A 102 -1.05 -3.32 4.87
CA ARG A 102 -0.36 -4.49 4.36
C ARG A 102 -0.82 -5.76 5.06
N PRO A 103 -1.16 -6.79 4.27
CA PRO A 103 -1.63 -8.08 4.79
C PRO A 103 -0.52 -8.85 5.52
N ARG A 104 -0.71 -9.06 6.81
CA ARG A 104 0.28 -9.79 7.61
C ARG A 104 -0.21 -11.21 7.90
N LYS A 105 -0.08 -12.08 6.91
CA LYS A 105 -0.49 -13.47 7.06
C LYS A 105 -0.02 -14.04 8.38
N VAL A 106 -0.86 -14.87 9.01
CA VAL A 106 -0.51 -15.49 10.28
C VAL A 106 0.39 -16.69 10.09
N GLN A 107 1.68 -16.42 9.85
CA GLN A 107 2.66 -17.48 9.64
C GLN A 107 3.94 -17.20 10.41
N VAL A 108 4.84 -18.17 10.42
CA VAL A 108 6.12 -18.03 11.12
C VAL A 108 7.24 -18.73 10.37
N ALA A 109 8.44 -18.16 10.45
CA ALA A 109 9.60 -18.74 9.78
C ALA A 109 10.89 -18.36 10.49
N PRO A 110 11.74 -19.36 10.76
CA PRO A 110 13.03 -19.16 11.44
C PRO A 110 14.02 -18.41 10.57
N LEU A 111 14.98 -17.74 11.21
CA LEU A 111 16.00 -16.99 10.50
C LEU A 111 16.89 -17.91 9.68
N SER A 112 17.65 -17.33 8.75
CA SER A 112 18.54 -18.10 7.90
C SER A 112 19.99 -17.86 8.27
N GLY A 113 20.89 -18.63 7.66
CA GLY A 113 22.31 -18.49 7.94
C GLY A 113 22.96 -17.38 7.14
N PRO A 114 24.17 -16.98 7.54
CA PRO A 114 24.91 -15.91 6.86
C PRO A 114 25.40 -16.34 5.48
N SER A 115 24.92 -15.64 4.45
CA SER A 115 25.31 -15.93 3.08
C SER A 115 26.32 -14.93 2.56
N SER A 116 27.12 -15.34 1.58
CA SER A 116 28.14 -14.48 1.00
C SER A 116 28.64 -15.04 -0.33
N GLY A 117 29.38 -14.21 -1.06
CA GLY A 117 29.91 -14.65 -2.34
C GLY A 117 31.11 -15.55 -2.20
N GLY A 1 -21.86 -23.42 9.00
CA GLY A 1 -21.68 -24.08 10.28
C GLY A 1 -21.01 -25.43 10.15
N SER A 2 -21.52 -26.26 9.24
CA SER A 2 -20.98 -27.59 9.02
C SER A 2 -19.82 -27.55 8.02
N SER A 3 -18.63 -27.24 8.52
CA SER A 3 -17.44 -27.15 7.67
C SER A 3 -16.48 -28.31 7.97
N GLY A 4 -16.00 -28.95 6.91
CA GLY A 4 -15.07 -30.05 7.07
C GLY A 4 -14.05 -29.80 8.16
N SER A 5 -12.93 -29.18 7.78
CA SER A 5 -11.87 -28.89 8.73
C SER A 5 -11.27 -27.51 8.47
N SER A 6 -10.47 -27.03 9.41
CA SER A 6 -9.84 -25.72 9.28
C SER A 6 -8.40 -25.85 8.78
N GLY A 7 -8.21 -25.62 7.49
CA GLY A 7 -6.88 -25.73 6.90
C GLY A 7 -6.39 -24.41 6.35
N MET A 8 -7.29 -23.66 5.72
CA MET A 8 -6.92 -22.36 5.15
C MET A 8 -6.18 -21.50 6.17
N GLU A 9 -5.60 -20.41 5.69
CA GLU A 9 -4.86 -19.50 6.55
C GLU A 9 -5.45 -18.09 6.51
N GLU A 10 -4.88 -17.20 7.32
CA GLU A 10 -5.36 -15.82 7.36
C GLU A 10 -4.18 -14.85 7.28
N VAL A 11 -4.48 -13.55 7.37
CA VAL A 11 -3.46 -12.52 7.30
C VAL A 11 -3.90 -11.27 8.05
N ILE A 12 -2.98 -10.71 8.84
CA ILE A 12 -3.26 -9.51 9.61
C ILE A 12 -2.86 -8.26 8.85
N TRP A 13 -3.84 -7.57 8.28
CA TRP A 13 -3.58 -6.35 7.52
C TRP A 13 -3.38 -5.16 8.46
N GLU A 14 -2.13 -4.74 8.61
CA GLU A 14 -1.81 -3.61 9.47
C GLU A 14 -1.73 -2.32 8.67
N GLN A 15 -2.19 -1.23 9.27
CA GLN A 15 -2.18 0.07 8.61
C GLN A 15 -0.91 0.86 8.98
N TYR A 16 -0.23 1.37 7.97
CA TYR A 16 0.99 2.15 8.19
C TYR A 16 0.77 3.62 7.88
N THR A 17 0.76 4.44 8.92
CA THR A 17 0.55 5.88 8.76
C THR A 17 1.87 6.60 8.54
N VAL A 18 2.20 6.86 7.28
CA VAL A 18 3.44 7.56 6.94
C VAL A 18 3.18 8.72 5.97
N THR A 19 4.11 9.66 5.93
CA THR A 19 3.98 10.82 5.06
C THR A 19 5.17 10.92 4.12
N LEU A 20 4.89 11.23 2.85
CA LEU A 20 5.94 11.36 1.84
C LEU A 20 6.20 12.84 1.53
N GLN A 21 7.48 13.18 1.33
CA GLN A 21 7.86 14.54 1.03
C GLN A 21 8.29 14.67 -0.44
N LYS A 22 7.69 15.64 -1.14
CA LYS A 22 8.01 15.87 -2.54
C LYS A 22 9.51 16.03 -2.75
N ASP A 23 10.18 14.94 -3.07
CA ASP A 23 11.63 14.96 -3.30
C ASP A 23 12.00 16.09 -4.25
N SER A 24 13.30 16.22 -4.53
CA SER A 24 13.79 17.25 -5.43
C SER A 24 12.83 17.47 -6.59
N LYS A 25 12.86 16.54 -7.55
CA LYS A 25 12.00 16.63 -8.71
C LYS A 25 10.95 15.52 -8.70
N ARG A 26 11.40 14.27 -8.72
CA ARG A 26 10.50 13.12 -8.70
C ARG A 26 9.29 13.40 -7.83
N GLY A 27 9.52 13.98 -6.66
CA GLY A 27 8.44 14.29 -5.75
C GLY A 27 8.17 13.17 -4.76
N PHE A 28 6.91 12.76 -4.66
CA PHE A 28 6.53 11.68 -3.75
C PHE A 28 7.13 10.35 -4.18
N GLY A 29 7.79 10.36 -5.34
CA GLY A 29 8.40 9.14 -5.86
C GLY A 29 7.52 7.93 -5.65
N ILE A 30 6.29 7.99 -6.15
CA ILE A 30 5.35 6.89 -6.01
C ILE A 30 4.36 6.87 -7.17
N ALA A 31 3.78 5.69 -7.42
CA ALA A 31 2.80 5.54 -8.50
C ALA A 31 1.76 4.49 -8.15
N VAL A 32 0.51 4.77 -8.48
CA VAL A 32 -0.58 3.84 -8.20
C VAL A 32 -0.97 3.06 -9.46
N SER A 33 -1.60 1.91 -9.26
CA SER A 33 -2.03 1.06 -10.37
C SER A 33 -3.41 0.47 -10.10
N GLY A 34 -4.18 0.28 -11.17
CA GLY A 34 -5.51 -0.28 -11.03
C GLY A 34 -6.58 0.79 -10.92
N GLY A 35 -7.82 0.36 -10.74
CA GLY A 35 -8.92 1.30 -10.63
C GLY A 35 -10.27 0.61 -10.46
N ARG A 36 -11.15 1.22 -9.68
CA ARG A 36 -12.47 0.66 -9.44
C ARG A 36 -13.12 0.22 -10.74
N ASP A 37 -12.64 0.76 -11.85
CA ASP A 37 -13.17 0.42 -13.17
C ASP A 37 -12.13 -0.29 -14.01
N ASN A 38 -10.86 -0.11 -13.65
CA ASN A 38 -9.75 -0.73 -14.38
C ASN A 38 -8.80 -1.44 -13.42
N PRO A 39 -9.32 -2.42 -12.68
CA PRO A 39 -8.53 -3.19 -11.72
C PRO A 39 -7.51 -4.10 -12.41
N HIS A 40 -6.38 -3.52 -12.81
CA HIS A 40 -5.34 -4.28 -13.48
C HIS A 40 -5.03 -5.57 -12.71
N PHE A 41 -5.04 -5.47 -11.38
CA PHE A 41 -4.75 -6.63 -10.53
C PHE A 41 -5.24 -7.91 -11.20
N GLU A 42 -4.30 -8.69 -11.74
CA GLU A 42 -4.62 -9.94 -12.40
C GLU A 42 -5.82 -10.62 -11.73
N ASN A 43 -5.73 -10.80 -10.42
CA ASN A 43 -6.80 -11.43 -9.66
C ASN A 43 -8.11 -10.67 -9.83
N GLY A 44 -8.09 -9.38 -9.47
CA GLY A 44 -9.28 -8.56 -9.59
C GLY A 44 -9.63 -7.87 -8.29
N GLU A 45 -8.89 -6.81 -7.97
CA GLU A 45 -9.13 -6.05 -6.74
C GLU A 45 -9.25 -4.56 -7.04
N THR A 46 -10.43 -4.00 -6.74
CA THR A 46 -10.68 -2.58 -6.98
C THR A 46 -10.10 -1.73 -5.86
N SER A 47 -8.83 -1.97 -5.53
CA SER A 47 -8.16 -1.22 -4.48
C SER A 47 -6.85 -0.62 -4.98
N ILE A 48 -6.83 0.70 -5.14
CA ILE A 48 -5.64 1.39 -5.62
C ILE A 48 -4.40 0.96 -4.84
N VAL A 49 -3.37 0.54 -5.57
CA VAL A 49 -2.12 0.10 -4.96
C VAL A 49 -0.92 0.78 -5.59
N ILE A 50 0.15 0.92 -4.82
CA ILE A 50 1.37 1.56 -5.31
C ILE A 50 2.25 0.56 -6.06
N SER A 51 2.22 0.65 -7.39
CA SER A 51 3.02 -0.24 -8.23
C SER A 51 4.36 0.38 -8.56
N ASP A 52 4.77 1.37 -7.77
CA ASP A 52 6.04 2.05 -7.99
C ASP A 52 6.47 2.80 -6.72
N VAL A 53 7.61 2.39 -6.16
CA VAL A 53 8.13 3.02 -4.95
C VAL A 53 9.58 3.45 -5.14
N LEU A 54 9.78 4.70 -5.53
CA LEU A 54 11.11 5.23 -5.75
C LEU A 54 12.11 4.60 -4.78
N PRO A 55 13.00 3.75 -5.31
CA PRO A 55 14.02 3.07 -4.51
C PRO A 55 15.10 4.02 -4.01
N GLY A 56 14.96 5.29 -4.36
CA GLY A 56 15.93 6.30 -3.93
C GLY A 56 15.28 7.59 -3.52
N GLY A 57 13.97 7.56 -3.28
CA GLY A 57 13.25 8.74 -2.87
C GLY A 57 12.64 8.61 -1.49
N PRO A 58 11.58 9.39 -1.23
CA PRO A 58 10.89 9.37 0.06
C PRO A 58 10.12 8.08 0.29
N ALA A 59 9.46 7.59 -0.76
CA ALA A 59 8.69 6.36 -0.68
C ALA A 59 9.55 5.20 -0.17
N ASP A 60 10.71 5.03 -0.79
CA ASP A 60 11.63 3.96 -0.40
C ASP A 60 11.82 3.93 1.11
N GLY A 61 10.98 3.18 1.80
CA GLY A 61 11.07 3.08 3.25
C GLY A 61 9.72 3.16 3.92
N LEU A 62 9.00 4.25 3.65
CA LEU A 62 7.67 4.45 4.25
C LEU A 62 6.67 3.45 3.69
N LEU A 63 6.45 3.50 2.38
CA LEU A 63 5.51 2.59 1.72
C LEU A 63 6.26 1.57 0.87
N GLN A 64 5.52 0.61 0.32
CA GLN A 64 6.10 -0.42 -0.51
C GLN A 64 5.18 -0.77 -1.68
N GLU A 65 5.70 -1.55 -2.62
CA GLU A 65 4.91 -1.95 -3.79
C GLU A 65 3.72 -2.79 -3.38
N ASN A 66 2.58 -2.55 -4.03
CA ASN A 66 1.35 -3.29 -3.73
C ASN A 66 0.76 -2.84 -2.40
N ASP A 67 0.74 -1.53 -2.18
CA ASP A 67 0.20 -0.97 -0.95
C ASP A 67 -1.28 -0.62 -1.11
N ARG A 68 -2.15 -1.42 -0.50
CA ARG A 68 -3.59 -1.20 -0.59
C ARG A 68 -3.95 0.19 -0.06
N VAL A 69 -4.00 1.16 -0.96
CA VAL A 69 -4.32 2.53 -0.60
C VAL A 69 -5.74 2.62 -0.03
N VAL A 70 -5.86 3.14 1.19
CA VAL A 70 -7.15 3.29 1.84
C VAL A 70 -7.62 4.72 1.82
N MET A 71 -6.84 5.61 2.43
CA MET A 71 -7.18 7.03 2.48
C MET A 71 -5.98 7.89 2.07
N VAL A 72 -6.27 9.03 1.46
CA VAL A 72 -5.22 9.95 1.02
C VAL A 72 -5.59 11.40 1.32
N ASN A 73 -4.92 11.98 2.31
CA ASN A 73 -5.19 13.36 2.70
C ASN A 73 -6.66 13.55 3.06
N GLY A 74 -7.25 12.53 3.67
CA GLY A 74 -8.65 12.61 4.06
C GLY A 74 -9.60 12.29 2.93
N THR A 75 -9.16 11.42 2.02
CA THR A 75 -9.96 11.03 0.87
C THR A 75 -9.94 9.52 0.67
N PRO A 76 -11.14 8.92 0.59
CA PRO A 76 -11.28 7.48 0.39
C PRO A 76 -10.85 7.03 -1.00
N MET A 77 -9.91 6.08 -1.06
CA MET A 77 -9.41 5.57 -2.33
C MET A 77 -10.00 4.20 -2.62
N GLU A 78 -11.03 3.83 -1.87
CA GLU A 78 -11.68 2.53 -2.06
C GLU A 78 -12.81 2.64 -3.08
N ASP A 79 -12.74 1.81 -4.12
CA ASP A 79 -13.76 1.82 -5.17
C ASP A 79 -13.79 3.15 -5.90
N VAL A 80 -12.62 3.66 -6.24
CA VAL A 80 -12.51 4.94 -6.94
C VAL A 80 -11.82 4.77 -8.28
N LEU A 81 -11.83 5.82 -9.09
CA LEU A 81 -11.20 5.80 -10.40
C LEU A 81 -9.69 6.03 -10.29
N HIS A 82 -8.94 5.45 -11.22
CA HIS A 82 -7.48 5.59 -11.22
C HIS A 82 -7.08 7.06 -11.20
N SER A 83 -7.84 7.89 -11.92
CA SER A 83 -7.56 9.31 -11.99
C SER A 83 -7.89 10.00 -10.67
N PHE A 84 -8.89 9.46 -9.96
CA PHE A 84 -9.30 10.02 -8.68
C PHE A 84 -8.20 9.86 -7.63
N ALA A 85 -7.62 8.67 -7.58
CA ALA A 85 -6.55 8.39 -6.62
C ALA A 85 -5.38 9.35 -6.81
N VAL A 86 -4.89 9.44 -8.05
CA VAL A 86 -3.77 10.32 -8.36
C VAL A 86 -4.15 11.78 -8.17
N GLN A 87 -5.37 12.13 -8.58
CA GLN A 87 -5.86 13.49 -8.46
C GLN A 87 -5.47 14.10 -7.11
N GLN A 88 -5.72 13.35 -6.03
CA GLN A 88 -5.39 13.80 -4.69
C GLN A 88 -3.89 14.04 -4.55
N LEU A 89 -3.11 13.25 -5.26
CA LEU A 89 -1.65 13.37 -5.22
C LEU A 89 -1.18 14.62 -5.96
N ARG A 90 -1.66 14.76 -7.20
CA ARG A 90 -1.30 15.91 -8.02
C ARG A 90 -1.79 17.21 -7.40
N LYS A 91 -2.66 17.09 -6.41
CA LYS A 91 -3.23 18.26 -5.73
C LYS A 91 -2.32 18.69 -4.57
N SER A 92 -1.77 17.72 -3.86
CA SER A 92 -0.90 18.00 -2.73
C SER A 92 0.20 18.99 -3.12
N GLY A 93 0.72 19.72 -2.14
CA GLY A 93 1.76 20.68 -2.40
C GLY A 93 3.16 20.08 -2.30
N LYS A 94 3.55 19.72 -1.09
CA LYS A 94 4.86 19.12 -0.86
C LYS A 94 4.75 17.88 0.03
N ILE A 95 3.80 17.91 0.96
CA ILE A 95 3.58 16.79 1.86
C ILE A 95 2.20 16.19 1.69
N ALA A 96 2.13 14.86 1.64
CA ALA A 96 0.86 14.17 1.48
C ALA A 96 0.75 12.98 2.43
N ALA A 97 -0.42 12.83 3.04
CA ALA A 97 -0.65 11.73 3.97
C ALA A 97 -1.46 10.62 3.32
N ILE A 98 -0.89 9.42 3.30
CA ILE A 98 -1.55 8.27 2.71
C ILE A 98 -1.60 7.10 3.68
N VAL A 99 -2.81 6.64 4.00
CA VAL A 99 -2.99 5.52 4.92
C VAL A 99 -3.12 4.21 4.16
N VAL A 100 -2.03 3.43 4.15
CA VAL A 100 -2.03 2.14 3.47
C VAL A 100 -2.06 0.99 4.46
N LYS A 101 -2.21 -0.23 3.96
CA LYS A 101 -2.26 -1.41 4.80
C LYS A 101 -1.50 -2.57 4.15
N ARG A 102 -0.52 -3.11 4.85
CA ARG A 102 0.28 -4.21 4.35
C ARG A 102 -0.17 -5.54 4.97
N PRO A 103 -0.24 -6.59 4.14
CA PRO A 103 -0.66 -7.92 4.59
C PRO A 103 0.38 -8.57 5.50
N ARG A 104 0.03 -8.75 6.77
CA ARG A 104 0.93 -9.37 7.74
C ARG A 104 0.54 -10.82 8.00
N LYS A 105 0.93 -11.70 7.08
CA LYS A 105 0.63 -13.12 7.20
C LYS A 105 0.92 -13.62 8.61
N VAL A 106 0.06 -14.49 9.12
CA VAL A 106 0.24 -15.04 10.46
C VAL A 106 1.63 -15.67 10.62
N GLN A 107 2.08 -15.80 11.86
CA GLN A 107 3.39 -16.38 12.14
C GLN A 107 3.25 -17.60 13.04
N VAL A 108 3.95 -18.68 12.68
CA VAL A 108 3.92 -19.90 13.46
C VAL A 108 5.12 -20.02 14.39
N ALA A 109 4.88 -20.48 15.61
CA ALA A 109 5.95 -20.63 16.59
C ALA A 109 5.61 -21.72 17.61
N PRO A 110 6.60 -22.57 17.92
CA PRO A 110 6.44 -23.66 18.88
C PRO A 110 6.28 -23.16 20.31
N LEU A 111 5.44 -23.85 21.08
CA LEU A 111 5.20 -23.48 22.47
C LEU A 111 6.30 -24.03 23.39
N SER A 112 6.95 -23.14 24.12
CA SER A 112 8.01 -23.53 25.02
C SER A 112 8.10 -22.58 26.22
N GLY A 113 8.36 -23.14 27.39
CA GLY A 113 8.46 -22.32 28.59
C GLY A 113 9.52 -21.24 28.47
N PRO A 114 9.10 -19.97 28.61
CA PRO A 114 10.00 -18.83 28.51
C PRO A 114 10.95 -18.74 29.71
N SER A 115 12.20 -18.39 29.43
CA SER A 115 13.21 -18.28 30.48
C SER A 115 13.40 -16.82 30.90
N SER A 116 13.75 -16.61 32.16
CA SER A 116 13.95 -15.27 32.68
C SER A 116 15.02 -14.52 31.89
N GLY A 117 15.03 -13.20 32.01
CA GLY A 117 16.00 -12.40 31.30
C GLY A 117 15.39 -11.15 30.69
N GLY A 1 -21.12 -30.81 11.91
CA GLY A 1 -20.24 -30.02 12.76
C GLY A 1 -19.13 -30.84 13.37
N SER A 2 -18.08 -30.17 13.84
CA SER A 2 -16.94 -30.84 14.44
C SER A 2 -16.45 -31.98 13.55
N SER A 3 -16.39 -31.72 12.25
CA SER A 3 -15.94 -32.72 11.29
C SER A 3 -15.41 -32.05 10.02
N GLY A 4 -14.39 -32.65 9.43
CA GLY A 4 -13.81 -32.11 8.22
C GLY A 4 -12.52 -31.34 8.48
N SER A 5 -11.71 -31.16 7.45
CA SER A 5 -10.45 -30.44 7.58
C SER A 5 -10.48 -29.14 6.79
N SER A 6 -10.12 -28.05 7.46
CA SER A 6 -10.11 -26.73 6.82
C SER A 6 -8.80 -26.01 7.08
N GLY A 7 -8.45 -25.86 8.35
CA GLY A 7 -7.22 -25.20 8.71
C GLY A 7 -6.93 -23.99 7.84
N MET A 8 -7.89 -23.07 7.77
CA MET A 8 -7.73 -21.87 6.95
C MET A 8 -6.59 -21.01 7.48
N GLU A 9 -6.10 -20.11 6.62
CA GLU A 9 -5.00 -19.22 7.00
C GLU A 9 -5.49 -17.78 7.09
N GLU A 10 -5.18 -17.13 8.22
CA GLU A 10 -5.58 -15.75 8.44
C GLU A 10 -4.39 -14.80 8.25
N VAL A 11 -4.67 -13.50 8.30
CA VAL A 11 -3.63 -12.49 8.15
C VAL A 11 -4.00 -11.20 8.85
N ILE A 12 -3.02 -10.59 9.53
CA ILE A 12 -3.26 -9.35 10.25
C ILE A 12 -2.91 -8.13 9.38
N TRP A 13 -3.94 -7.48 8.88
CA TRP A 13 -3.75 -6.29 8.03
C TRP A 13 -3.48 -5.05 8.88
N GLU A 14 -2.22 -4.65 8.93
CA GLU A 14 -1.82 -3.48 9.71
C GLU A 14 -1.75 -2.25 8.83
N GLN A 15 -2.23 -1.11 9.35
CA GLN A 15 -2.20 0.14 8.60
C GLN A 15 -0.95 0.95 8.92
N TYR A 16 -0.29 1.44 7.88
CA TYR A 16 0.93 2.22 8.04
C TYR A 16 0.70 3.67 7.62
N THR A 17 0.69 4.57 8.59
CA THR A 17 0.48 5.99 8.32
C THR A 17 1.81 6.73 8.23
N VAL A 18 2.28 6.95 7.00
CA VAL A 18 3.53 7.65 6.77
C VAL A 18 3.33 8.89 5.90
N THR A 19 4.22 9.86 6.04
CA THR A 19 4.14 11.09 5.28
C THR A 19 5.27 11.18 4.26
N LEU A 20 4.91 11.41 3.00
CA LEU A 20 5.90 11.52 1.94
C LEU A 20 6.08 12.97 1.51
N GLN A 21 7.31 13.32 1.13
CA GLN A 21 7.61 14.68 0.70
C GLN A 21 7.77 14.75 -0.81
N LYS A 22 7.18 15.79 -1.41
CA LYS A 22 7.24 15.98 -2.86
C LYS A 22 8.65 16.40 -3.29
N ASP A 23 9.49 15.42 -3.60
CA ASP A 23 10.86 15.70 -4.04
C ASP A 23 10.87 16.68 -5.21
N SER A 24 12.06 16.92 -5.75
CA SER A 24 12.21 17.84 -6.87
C SER A 24 11.12 17.62 -7.91
N LYS A 25 11.22 16.51 -8.63
CA LYS A 25 10.25 16.17 -9.66
C LYS A 25 9.44 14.94 -9.27
N ARG A 26 10.13 13.81 -9.07
CA ARG A 26 9.48 12.58 -8.68
C ARG A 26 8.47 12.81 -7.57
N GLY A 27 8.63 13.92 -6.86
CA GLY A 27 7.72 14.24 -5.78
C GLY A 27 7.65 13.14 -4.73
N PHE A 28 6.49 12.52 -4.61
CA PHE A 28 6.29 11.44 -3.63
C PHE A 28 6.92 10.15 -4.13
N GLY A 29 7.54 10.21 -5.30
CA GLY A 29 8.18 9.02 -5.86
C GLY A 29 7.31 7.78 -5.72
N ILE A 30 6.09 7.85 -6.24
CA ILE A 30 5.17 6.73 -6.17
C ILE A 30 4.20 6.73 -7.35
N ALA A 31 3.79 5.55 -7.77
CA ALA A 31 2.86 5.42 -8.89
C ALA A 31 1.74 4.43 -8.56
N VAL A 32 0.51 4.78 -8.95
CA VAL A 32 -0.64 3.92 -8.69
C VAL A 32 -1.12 3.25 -9.98
N SER A 33 -1.64 2.04 -9.84
CA SER A 33 -2.13 1.29 -10.99
C SER A 33 -3.43 0.55 -10.64
N GLY A 34 -4.33 0.48 -11.61
CA GLY A 34 -5.60 -0.20 -11.39
C GLY A 34 -6.79 0.74 -11.51
N GLY A 35 -7.90 0.37 -10.89
CA GLY A 35 -9.10 1.18 -10.95
C GLY A 35 -10.37 0.37 -10.79
N ARG A 36 -11.38 0.98 -10.17
CA ARG A 36 -12.65 0.30 -9.95
C ARG A 36 -13.28 -0.10 -11.28
N ASP A 37 -12.74 0.41 -12.37
CA ASP A 37 -13.26 0.10 -13.71
C ASP A 37 -12.22 -0.67 -14.52
N ASN A 38 -10.95 -0.44 -14.21
CA ASN A 38 -9.85 -1.11 -14.91
C ASN A 38 -8.83 -1.66 -13.93
N PRO A 39 -9.25 -2.63 -13.12
CA PRO A 39 -8.38 -3.27 -12.12
C PRO A 39 -7.30 -4.13 -12.76
N HIS A 40 -6.23 -3.49 -13.22
CA HIS A 40 -5.13 -4.20 -13.86
C HIS A 40 -4.85 -5.52 -13.15
N PHE A 41 -4.85 -5.49 -11.82
CA PHE A 41 -4.59 -6.67 -11.02
C PHE A 41 -5.19 -7.91 -11.69
N GLU A 42 -4.34 -8.64 -12.42
CA GLU A 42 -4.78 -9.85 -13.11
C GLU A 42 -5.87 -10.56 -12.32
N ASN A 43 -5.70 -10.65 -11.01
CA ASN A 43 -6.68 -11.30 -10.15
C ASN A 43 -8.00 -10.56 -10.18
N GLY A 44 -7.97 -9.28 -9.82
CA GLY A 44 -9.19 -8.47 -9.81
C GLY A 44 -9.40 -7.77 -8.48
N GLU A 45 -8.60 -6.73 -8.23
CA GLU A 45 -8.71 -5.97 -6.99
C GLU A 45 -8.97 -4.49 -7.29
N THR A 46 -10.21 -4.07 -7.05
CA THR A 46 -10.59 -2.68 -7.29
C THR A 46 -10.12 -1.78 -6.16
N SER A 47 -8.83 -1.85 -5.84
CA SER A 47 -8.27 -1.04 -4.76
C SER A 47 -6.89 -0.51 -5.16
N ILE A 48 -6.82 0.80 -5.39
CA ILE A 48 -5.56 1.43 -5.77
C ILE A 48 -4.39 0.83 -5.01
N VAL A 49 -3.27 0.69 -5.70
CA VAL A 49 -2.06 0.13 -5.09
C VAL A 49 -0.80 0.73 -5.70
N ILE A 50 0.24 0.88 -4.89
CA ILE A 50 1.50 1.43 -5.35
C ILE A 50 2.29 0.42 -6.16
N SER A 51 2.35 0.62 -7.48
CA SER A 51 3.06 -0.28 -8.36
C SER A 51 4.48 0.22 -8.61
N ASP A 52 4.91 1.20 -7.82
CA ASP A 52 6.24 1.77 -7.96
C ASP A 52 6.62 2.58 -6.71
N VAL A 53 7.79 2.29 -6.17
CA VAL A 53 8.27 2.99 -4.97
C VAL A 53 9.71 3.44 -5.14
N LEU A 54 9.90 4.67 -5.59
CA LEU A 54 11.24 5.22 -5.81
C LEU A 54 12.21 4.69 -4.75
N PRO A 55 13.09 3.78 -5.17
CA PRO A 55 14.09 3.17 -4.28
C PRO A 55 15.17 4.16 -3.88
N GLY A 56 15.01 5.42 -4.30
CA GLY A 56 15.98 6.44 -3.97
C GLY A 56 15.34 7.77 -3.63
N GLY A 57 14.02 7.74 -3.39
CA GLY A 57 13.31 8.96 -3.07
C GLY A 57 12.68 8.91 -1.69
N PRO A 58 11.64 9.73 -1.47
CA PRO A 58 10.94 9.79 -0.19
C PRO A 58 10.11 8.55 0.07
N ALA A 59 9.64 7.90 -0.99
CA ALA A 59 8.85 6.68 -0.87
C ALA A 59 9.70 5.52 -0.37
N ASP A 60 10.95 5.48 -0.81
CA ASP A 60 11.87 4.42 -0.41
C ASP A 60 11.97 4.34 1.12
N GLY A 61 11.17 3.47 1.72
CA GLY A 61 11.18 3.31 3.16
C GLY A 61 9.82 3.56 3.79
N LEU A 62 9.24 4.71 3.49
CA LEU A 62 7.92 5.05 4.03
C LEU A 62 6.86 4.08 3.54
N LEU A 63 6.73 3.96 2.22
CA LEU A 63 5.75 3.06 1.63
C LEU A 63 6.43 1.99 0.79
N GLN A 64 5.65 1.03 0.31
CA GLN A 64 6.18 -0.05 -0.51
C GLN A 64 5.20 -0.41 -1.64
N GLU A 65 5.63 -1.32 -2.51
CA GLU A 65 4.79 -1.74 -3.63
C GLU A 65 3.66 -2.64 -3.14
N ASN A 66 2.51 -2.55 -3.80
CA ASN A 66 1.35 -3.35 -3.44
C ASN A 66 0.75 -2.87 -2.12
N ASP A 67 0.91 -1.58 -1.85
CA ASP A 67 0.38 -0.99 -0.62
C ASP A 67 -1.09 -0.61 -0.79
N ARG A 68 -1.97 -1.57 -0.53
CA ARG A 68 -3.41 -1.33 -0.66
C ARG A 68 -3.78 0.03 -0.08
N VAL A 69 -3.83 1.05 -0.93
CA VAL A 69 -4.18 2.39 -0.50
C VAL A 69 -5.63 2.46 -0.02
N VAL A 70 -5.83 3.02 1.16
CA VAL A 70 -7.16 3.14 1.74
C VAL A 70 -7.62 4.60 1.76
N MET A 71 -6.80 5.46 2.37
CA MET A 71 -7.12 6.88 2.46
C MET A 71 -5.91 7.72 2.07
N VAL A 72 -6.17 8.92 1.53
CA VAL A 72 -5.12 9.83 1.12
C VAL A 72 -5.50 11.27 1.39
N ASN A 73 -4.90 11.85 2.43
CA ASN A 73 -5.17 13.24 2.80
C ASN A 73 -6.65 13.42 3.16
N GLY A 74 -7.27 12.36 3.68
CA GLY A 74 -8.66 12.43 4.07
C GLY A 74 -9.59 12.09 2.90
N THR A 75 -9.12 11.25 1.99
CA THR A 75 -9.91 10.86 0.84
C THR A 75 -9.85 9.34 0.62
N PRO A 76 -11.03 8.71 0.53
CA PRO A 76 -11.14 7.27 0.32
C PRO A 76 -10.68 6.85 -1.07
N MET A 77 -9.68 5.98 -1.13
CA MET A 77 -9.16 5.50 -2.41
C MET A 77 -9.71 4.11 -2.72
N GLU A 78 -10.74 3.70 -1.99
CA GLU A 78 -11.35 2.40 -2.19
C GLU A 78 -12.51 2.48 -3.18
N ASP A 79 -12.46 1.65 -4.21
CA ASP A 79 -13.50 1.63 -5.24
C ASP A 79 -13.59 2.98 -5.94
N VAL A 80 -12.44 3.52 -6.32
CA VAL A 80 -12.37 4.80 -7.02
C VAL A 80 -11.67 4.67 -8.36
N LEU A 81 -11.68 5.75 -9.13
CA LEU A 81 -11.03 5.76 -10.44
C LEU A 81 -9.55 6.10 -10.32
N HIS A 82 -8.74 5.55 -11.21
CA HIS A 82 -7.30 5.78 -11.20
C HIS A 82 -7.01 7.28 -11.20
N SER A 83 -7.83 8.04 -11.94
CA SER A 83 -7.64 9.49 -12.02
C SER A 83 -7.99 10.16 -10.70
N PHE A 84 -8.89 9.54 -9.95
CA PHE A 84 -9.33 10.08 -8.67
C PHE A 84 -8.24 9.90 -7.61
N ALA A 85 -7.61 8.73 -7.61
CA ALA A 85 -6.55 8.43 -6.65
C ALA A 85 -5.35 9.36 -6.85
N VAL A 86 -4.91 9.48 -8.11
CA VAL A 86 -3.78 10.34 -8.44
C VAL A 86 -4.09 11.80 -8.13
N GLN A 87 -5.30 12.23 -8.46
CA GLN A 87 -5.72 13.60 -8.22
C GLN A 87 -5.22 14.10 -6.87
N GLN A 88 -5.59 13.39 -5.81
CA GLN A 88 -5.17 13.76 -4.46
C GLN A 88 -3.66 14.00 -4.41
N LEU A 89 -2.91 13.16 -5.10
CA LEU A 89 -1.45 13.27 -5.13
C LEU A 89 -1.02 14.56 -5.84
N ARG A 90 -1.59 14.80 -7.01
CA ARG A 90 -1.27 15.99 -7.78
C ARG A 90 -1.88 17.24 -7.15
N LYS A 91 -2.82 17.03 -6.24
CA LYS A 91 -3.48 18.12 -5.55
C LYS A 91 -2.66 18.59 -4.35
N SER A 92 -2.04 17.64 -3.66
CA SER A 92 -1.24 17.96 -2.49
C SER A 92 -0.11 18.92 -2.85
N GLY A 93 0.23 19.81 -1.92
CA GLY A 93 1.28 20.77 -2.16
C GLY A 93 2.66 20.13 -2.16
N LYS A 94 3.18 19.84 -0.97
CA LYS A 94 4.49 19.23 -0.84
C LYS A 94 4.42 17.96 0.00
N ILE A 95 3.61 18.01 1.06
CA ILE A 95 3.45 16.85 1.95
C ILE A 95 2.08 16.20 1.75
N ALA A 96 2.07 14.88 1.67
CA ALA A 96 0.84 14.13 1.49
C ALA A 96 0.74 12.98 2.49
N ALA A 97 -0.41 12.85 3.13
CA ALA A 97 -0.63 11.79 4.10
C ALA A 97 -1.42 10.63 3.49
N ILE A 98 -0.81 9.44 3.48
CA ILE A 98 -1.45 8.26 2.93
C ILE A 98 -1.60 7.17 3.97
N VAL A 99 -2.74 6.47 3.95
CA VAL A 99 -3.01 5.41 4.90
C VAL A 99 -3.18 4.06 4.18
N VAL A 100 -2.12 3.27 4.16
CA VAL A 100 -2.17 1.97 3.51
C VAL A 100 -2.18 0.84 4.54
N LYS A 101 -2.52 -0.36 4.08
CA LYS A 101 -2.57 -1.53 4.97
C LYS A 101 -1.77 -2.68 4.38
N ARG A 102 -0.79 -3.16 5.16
CA ARG A 102 0.05 -4.27 4.71
C ARG A 102 -0.32 -5.55 5.44
N PRO A 103 -0.44 -6.66 4.68
CA PRO A 103 -0.79 -7.97 5.23
C PRO A 103 0.33 -8.56 6.07
N ARG A 104 0.05 -8.79 7.35
CA ARG A 104 1.04 -9.36 8.26
C ARG A 104 0.65 -10.78 8.67
N LYS A 105 0.76 -11.71 7.74
CA LYS A 105 0.41 -13.11 8.00
C LYS A 105 0.86 -13.52 9.41
N VAL A 106 0.13 -14.46 10.00
CA VAL A 106 0.45 -14.94 11.33
C VAL A 106 1.85 -15.55 11.38
N GLN A 107 2.79 -14.82 11.97
CA GLN A 107 4.16 -15.29 12.07
C GLN A 107 4.91 -14.54 13.17
N VAL A 108 5.92 -15.19 13.75
CA VAL A 108 6.71 -14.58 14.82
C VAL A 108 7.73 -13.60 14.25
N ALA A 109 7.78 -12.40 14.82
CA ALA A 109 8.72 -11.37 14.38
C ALA A 109 10.16 -11.89 14.41
N PRO A 110 10.93 -11.55 13.38
CA PRO A 110 12.33 -11.96 13.27
C PRO A 110 13.22 -11.26 14.29
N LEU A 111 14.43 -11.78 14.47
CA LEU A 111 15.38 -11.20 15.41
C LEU A 111 16.81 -11.36 14.91
N SER A 112 17.68 -10.44 15.31
CA SER A 112 19.08 -10.47 14.90
C SER A 112 19.80 -11.66 15.52
N GLY A 113 20.95 -12.02 14.95
CA GLY A 113 21.71 -13.14 15.47
C GLY A 113 23.18 -13.04 15.11
N PRO A 114 23.86 -14.20 15.09
CA PRO A 114 25.29 -14.28 14.77
C PRO A 114 25.56 -13.97 13.30
N SER A 115 24.56 -14.17 12.46
CA SER A 115 24.69 -13.92 11.03
C SER A 115 25.45 -12.63 10.77
N SER A 116 26.66 -12.75 10.21
CA SER A 116 27.49 -11.59 9.93
C SER A 116 27.59 -11.36 8.42
N GLY A 117 28.04 -12.37 7.70
CA GLY A 117 28.17 -12.27 6.26
C GLY A 117 26.84 -12.03 5.57
N GLY A 1 -16.49 -17.43 17.18
CA GLY A 1 -16.17 -18.85 17.10
C GLY A 1 -14.69 -19.10 16.91
N SER A 2 -14.25 -20.31 17.24
CA SER A 2 -12.84 -20.68 17.10
C SER A 2 -12.41 -20.60 15.64
N SER A 3 -11.18 -20.11 15.43
CA SER A 3 -10.65 -19.98 14.09
C SER A 3 -9.57 -21.04 13.83
N GLY A 4 -8.55 -21.06 14.68
CA GLY A 4 -7.48 -22.02 14.53
C GLY A 4 -6.16 -21.52 15.09
N SER A 5 -5.85 -21.90 16.33
CA SER A 5 -4.62 -21.47 16.97
C SER A 5 -3.41 -22.12 16.31
N SER A 6 -2.73 -21.37 15.44
CA SER A 6 -1.56 -21.88 14.74
C SER A 6 -1.92 -23.10 13.90
N GLY A 7 -3.09 -23.06 13.28
CA GLY A 7 -3.52 -24.17 12.45
C GLY A 7 -3.54 -23.82 10.98
N MET A 8 -4.41 -22.89 10.60
CA MET A 8 -4.53 -22.47 9.21
C MET A 8 -3.82 -21.13 8.98
N GLU A 9 -3.22 -20.97 7.81
CA GLU A 9 -2.51 -19.74 7.47
C GLU A 9 -3.42 -18.52 7.65
N GLU A 10 -3.01 -17.60 8.50
CA GLU A 10 -3.78 -16.38 8.75
C GLU A 10 -3.11 -15.16 8.12
N VAL A 11 -3.73 -14.00 8.30
CA VAL A 11 -3.20 -12.76 7.75
C VAL A 11 -3.59 -11.56 8.61
N ILE A 12 -2.61 -10.70 8.88
CA ILE A 12 -2.85 -9.51 9.68
C ILE A 12 -2.58 -8.24 8.89
N TRP A 13 -3.64 -7.63 8.38
CA TRP A 13 -3.52 -6.40 7.60
C TRP A 13 -3.31 -5.20 8.51
N GLU A 14 -2.08 -4.71 8.57
CA GLU A 14 -1.76 -3.56 9.40
C GLU A 14 -1.71 -2.28 8.58
N GLN A 15 -2.22 -1.19 9.14
CA GLN A 15 -2.25 0.10 8.46
C GLN A 15 -1.02 0.92 8.82
N TYR A 16 -0.35 1.46 7.79
CA TYR A 16 0.84 2.27 8.00
C TYR A 16 0.61 3.71 7.54
N THR A 17 0.65 4.64 8.49
CA THR A 17 0.45 6.05 8.18
C THR A 17 1.76 6.80 8.11
N VAL A 18 2.26 7.00 6.89
CA VAL A 18 3.52 7.71 6.69
C VAL A 18 3.34 8.90 5.76
N THR A 19 4.22 9.88 5.88
CA THR A 19 4.17 11.08 5.05
C THR A 19 5.29 11.10 4.03
N LEU A 20 4.95 11.45 2.79
CA LEU A 20 5.94 11.51 1.71
C LEU A 20 6.16 12.94 1.26
N GLN A 21 7.42 13.29 0.98
CA GLN A 21 7.76 14.63 0.53
C GLN A 21 7.83 14.70 -0.99
N LYS A 22 7.29 15.77 -1.55
CA LYS A 22 7.30 15.96 -3.00
C LYS A 22 8.70 16.26 -3.51
N ASP A 23 9.46 15.21 -3.80
CA ASP A 23 10.82 15.37 -4.31
C ASP A 23 10.86 16.34 -5.47
N SER A 24 12.05 16.52 -6.05
CA SER A 24 12.22 17.43 -7.17
C SER A 24 11.08 17.29 -8.17
N LYS A 25 11.10 16.23 -8.96
CA LYS A 25 10.07 15.99 -9.96
C LYS A 25 9.24 14.75 -9.58
N ARG A 26 9.93 13.67 -9.24
CA ARG A 26 9.26 12.43 -8.86
C ARG A 26 8.33 12.65 -7.69
N GLY A 27 8.45 13.82 -7.05
CA GLY A 27 7.62 14.13 -5.91
C GLY A 27 7.66 13.06 -4.84
N PHE A 28 6.50 12.57 -4.44
CA PHE A 28 6.41 11.54 -3.42
C PHE A 28 7.04 10.23 -3.91
N GLY A 29 7.46 10.22 -5.17
CA GLY A 29 8.08 9.04 -5.74
C GLY A 29 7.21 7.80 -5.57
N ILE A 30 5.94 7.92 -5.96
CA ILE A 30 5.01 6.80 -5.85
C ILE A 30 4.04 6.79 -7.03
N ALA A 31 3.67 5.59 -7.47
CA ALA A 31 2.74 5.45 -8.59
C ALA A 31 1.64 4.45 -8.26
N VAL A 32 0.41 4.79 -8.61
CA VAL A 32 -0.73 3.92 -8.34
C VAL A 32 -1.18 3.22 -9.62
N SER A 33 -1.75 2.02 -9.45
CA SER A 33 -2.22 1.24 -10.59
C SER A 33 -3.54 0.54 -10.26
N GLY A 34 -4.33 0.26 -11.29
CA GLY A 34 -5.60 -0.40 -11.08
C GLY A 34 -6.77 0.55 -11.16
N GLY A 35 -7.86 0.21 -10.47
CA GLY A 35 -9.04 1.06 -10.48
C GLY A 35 -10.33 0.27 -10.36
N ARG A 36 -11.39 0.93 -9.90
CA ARG A 36 -12.69 0.28 -9.74
C ARG A 36 -13.25 -0.13 -11.10
N ASP A 37 -12.73 0.46 -12.16
CA ASP A 37 -13.18 0.15 -13.52
C ASP A 37 -12.12 -0.62 -14.28
N ASN A 38 -10.86 -0.46 -13.87
CA ASN A 38 -9.76 -1.15 -14.53
C ASN A 38 -8.81 -1.77 -13.50
N PRO A 39 -9.35 -2.69 -12.70
CA PRO A 39 -8.58 -3.39 -11.66
C PRO A 39 -7.55 -4.35 -12.25
N HIS A 40 -6.42 -3.80 -12.69
CA HIS A 40 -5.36 -4.61 -13.27
C HIS A 40 -5.12 -5.88 -12.45
N PHE A 41 -5.16 -5.74 -11.13
CA PHE A 41 -4.95 -6.86 -10.23
C PHE A 41 -5.51 -8.15 -10.83
N GLU A 42 -4.62 -9.00 -11.32
CA GLU A 42 -5.03 -10.27 -11.92
C GLU A 42 -6.26 -10.83 -11.23
N ASN A 43 -6.25 -10.79 -9.90
CA ASN A 43 -7.37 -11.29 -9.12
C ASN A 43 -8.65 -10.54 -9.44
N GLY A 44 -8.60 -9.22 -9.34
CA GLY A 44 -9.76 -8.40 -9.62
C GLY A 44 -10.08 -7.43 -8.51
N GLU A 45 -9.08 -7.14 -7.68
CA GLU A 45 -9.27 -6.22 -6.55
C GLU A 45 -9.40 -4.79 -7.05
N THR A 46 -10.42 -4.09 -6.57
CA THR A 46 -10.67 -2.71 -6.96
C THR A 46 -10.14 -1.74 -5.91
N SER A 47 -8.91 -1.99 -5.45
CA SER A 47 -8.29 -1.14 -4.44
C SER A 47 -6.95 -0.61 -4.93
N ILE A 48 -6.87 0.70 -5.14
CA ILE A 48 -5.64 1.33 -5.60
C ILE A 48 -4.44 0.84 -4.80
N VAL A 49 -3.32 0.64 -5.49
CA VAL A 49 -2.09 0.18 -4.85
C VAL A 49 -0.86 0.82 -5.46
N ILE A 50 0.21 0.92 -4.69
CA ILE A 50 1.45 1.52 -5.16
C ILE A 50 2.26 0.52 -5.99
N SER A 51 2.32 0.75 -7.30
CA SER A 51 3.06 -0.13 -8.19
C SER A 51 4.44 0.46 -8.51
N ASP A 52 4.87 1.42 -7.70
CA ASP A 52 6.16 2.06 -7.90
C ASP A 52 6.59 2.82 -6.65
N VAL A 53 7.73 2.44 -6.09
CA VAL A 53 8.24 3.09 -4.88
C VAL A 53 9.69 3.52 -5.09
N LEU A 54 9.87 4.78 -5.48
CA LEU A 54 11.21 5.32 -5.71
C LEU A 54 12.21 4.73 -4.72
N PRO A 55 13.07 3.83 -5.21
CA PRO A 55 14.09 3.19 -4.38
C PRO A 55 15.19 4.14 -3.96
N GLY A 56 15.03 5.43 -4.31
CA GLY A 56 16.01 6.43 -3.96
C GLY A 56 15.39 7.76 -3.60
N GLY A 57 14.09 7.74 -3.32
CA GLY A 57 13.38 8.96 -2.97
C GLY A 57 12.77 8.91 -1.58
N PRO A 58 11.70 9.67 -1.38
CA PRO A 58 10.99 9.73 -0.09
C PRO A 58 10.26 8.43 0.22
N ALA A 59 9.54 7.91 -0.77
CA ALA A 59 8.79 6.67 -0.61
C ALA A 59 9.68 5.55 -0.08
N ASP A 60 10.84 5.39 -0.70
CA ASP A 60 11.79 4.35 -0.29
C ASP A 60 11.89 4.29 1.23
N GLY A 61 11.07 3.44 1.84
CA GLY A 61 11.09 3.29 3.28
C GLY A 61 9.73 3.53 3.90
N LEU A 62 9.14 4.69 3.60
CA LEU A 62 7.83 5.04 4.13
C LEU A 62 6.76 4.07 3.65
N LEU A 63 6.63 3.95 2.33
CA LEU A 63 5.64 3.05 1.74
C LEU A 63 6.32 2.00 0.86
N GLN A 64 5.57 0.98 0.49
CA GLN A 64 6.09 -0.10 -0.34
C GLN A 64 5.14 -0.42 -1.49
N GLU A 65 5.54 -1.37 -2.34
CA GLU A 65 4.73 -1.76 -3.48
C GLU A 65 3.55 -2.62 -3.02
N ASN A 66 2.44 -2.53 -3.77
CA ASN A 66 1.24 -3.30 -3.44
C ASN A 66 0.67 -2.87 -2.10
N ASP A 67 0.85 -1.60 -1.76
CA ASP A 67 0.34 -1.06 -0.50
C ASP A 67 -1.12 -0.64 -0.64
N ARG A 68 -2.03 -1.55 -0.33
CA ARG A 68 -3.46 -1.28 -0.41
C ARG A 68 -3.77 0.12 0.11
N VAL A 69 -4.02 1.05 -0.79
CA VAL A 69 -4.34 2.42 -0.43
C VAL A 69 -5.78 2.53 0.06
N VAL A 70 -5.95 3.08 1.26
CA VAL A 70 -7.29 3.25 1.84
C VAL A 70 -7.71 4.71 1.82
N MET A 71 -6.91 5.56 2.44
CA MET A 71 -7.19 6.99 2.50
C MET A 71 -5.98 7.81 2.07
N VAL A 72 -6.23 8.94 1.41
CA VAL A 72 -5.16 9.81 0.95
C VAL A 72 -5.47 11.27 1.25
N ASN A 73 -4.83 11.80 2.29
CA ASN A 73 -5.04 13.19 2.68
C ASN A 73 -6.48 13.42 3.14
N GLY A 74 -7.10 12.36 3.66
CA GLY A 74 -8.47 12.47 4.13
C GLY A 74 -9.48 12.14 3.04
N THR A 75 -9.04 11.39 2.03
CA THR A 75 -9.90 11.01 0.94
C THR A 75 -9.91 9.50 0.73
N PRO A 76 -11.12 8.92 0.69
CA PRO A 76 -11.29 7.47 0.51
C PRO A 76 -10.91 7.02 -0.90
N MET A 77 -9.91 6.16 -1.00
CA MET A 77 -9.46 5.65 -2.28
C MET A 77 -10.10 4.30 -2.60
N GLU A 78 -11.16 3.98 -1.85
CA GLU A 78 -11.86 2.72 -2.05
C GLU A 78 -12.96 2.87 -3.10
N ASP A 79 -12.91 2.03 -4.13
CA ASP A 79 -13.89 2.08 -5.20
C ASP A 79 -13.82 3.39 -5.96
N VAL A 80 -12.61 3.85 -6.23
CA VAL A 80 -12.39 5.09 -6.95
C VAL A 80 -11.69 4.84 -8.29
N LEU A 81 -11.59 5.89 -9.10
CA LEU A 81 -10.94 5.78 -10.40
C LEU A 81 -9.45 6.04 -10.29
N HIS A 82 -8.67 5.41 -11.16
CA HIS A 82 -7.22 5.57 -11.15
C HIS A 82 -6.84 7.05 -11.18
N SER A 83 -7.63 7.84 -11.89
CA SER A 83 -7.39 9.28 -12.01
C SER A 83 -7.81 10.01 -10.74
N PHE A 84 -8.75 9.41 -10.02
CA PHE A 84 -9.26 10.00 -8.78
C PHE A 84 -8.25 9.84 -7.65
N ALA A 85 -7.69 8.65 -7.52
CA ALA A 85 -6.70 8.37 -6.49
C ALA A 85 -5.45 9.24 -6.66
N VAL A 86 -4.96 9.31 -7.89
CA VAL A 86 -3.77 10.10 -8.18
C VAL A 86 -4.04 11.59 -8.01
N GLN A 87 -5.25 12.01 -8.38
CA GLN A 87 -5.64 13.41 -8.26
C GLN A 87 -5.13 14.00 -6.94
N GLN A 88 -5.55 13.41 -5.83
CA GLN A 88 -5.13 13.87 -4.52
C GLN A 88 -3.63 14.13 -4.47
N LEU A 89 -2.86 13.21 -5.05
CA LEU A 89 -1.41 13.33 -5.09
C LEU A 89 -0.98 14.62 -5.78
N ARG A 90 -1.46 14.81 -7.00
CA ARG A 90 -1.13 16.01 -7.77
C ARG A 90 -1.70 17.26 -7.11
N LYS A 91 -2.70 17.06 -6.25
CA LYS A 91 -3.35 18.17 -5.55
C LYS A 91 -2.52 18.60 -4.34
N SER A 92 -1.93 17.63 -3.66
CA SER A 92 -1.13 17.90 -2.48
C SER A 92 0.03 18.84 -2.82
N GLY A 93 0.28 19.79 -1.94
CA GLY A 93 1.36 20.75 -2.16
C GLY A 93 2.72 20.08 -2.21
N LYS A 94 3.30 19.83 -1.05
CA LYS A 94 4.61 19.20 -0.96
C LYS A 94 4.55 17.94 -0.09
N ILE A 95 3.75 18.01 0.97
CA ILE A 95 3.61 16.88 1.88
C ILE A 95 2.19 16.29 1.82
N ALA A 96 2.11 14.98 1.66
CA ALA A 96 0.83 14.30 1.59
C ALA A 96 0.78 13.11 2.56
N ALA A 97 -0.42 12.84 3.07
CA ALA A 97 -0.60 11.73 3.99
C ALA A 97 -1.37 10.59 3.35
N ILE A 98 -0.81 9.38 3.41
CA ILE A 98 -1.45 8.21 2.82
C ILE A 98 -1.60 7.09 3.85
N VAL A 99 -2.76 6.47 3.87
CA VAL A 99 -3.03 5.37 4.81
C VAL A 99 -3.21 4.05 4.07
N VAL A 100 -2.15 3.25 4.04
CA VAL A 100 -2.19 1.96 3.36
C VAL A 100 -2.17 0.81 4.37
N LYS A 101 -2.55 -0.37 3.93
CA LYS A 101 -2.59 -1.55 4.79
C LYS A 101 -1.82 -2.71 4.16
N ARG A 102 -0.84 -3.24 4.88
CA ARG A 102 -0.05 -4.35 4.39
C ARG A 102 -0.32 -5.62 5.21
N PRO A 103 -0.60 -6.72 4.50
CA PRO A 103 -0.88 -8.01 5.13
C PRO A 103 0.36 -8.62 5.78
N ARG A 104 0.25 -8.97 7.06
CA ARG A 104 1.36 -9.57 7.79
C ARG A 104 1.14 -11.07 7.99
N LYS A 105 1.37 -11.83 6.93
CA LYS A 105 1.21 -13.28 6.99
C LYS A 105 1.91 -13.87 8.20
N VAL A 106 1.21 -14.73 8.93
CA VAL A 106 1.77 -15.37 10.12
C VAL A 106 2.50 -16.65 9.76
N GLN A 107 3.71 -16.82 10.32
CA GLN A 107 4.51 -18.00 10.05
C GLN A 107 5.64 -18.13 11.07
N VAL A 108 5.87 -19.35 11.54
CA VAL A 108 6.93 -19.60 12.52
C VAL A 108 8.18 -20.14 11.86
N ALA A 109 9.34 -19.73 12.36
CA ALA A 109 10.62 -20.17 11.81
C ALA A 109 11.75 -19.95 12.80
N PRO A 110 12.62 -20.95 12.95
CA PRO A 110 13.76 -20.89 13.86
C PRO A 110 14.83 -19.90 13.40
N LEU A 111 15.94 -19.85 14.12
CA LEU A 111 17.04 -18.95 13.78
C LEU A 111 17.74 -19.39 12.49
N SER A 112 18.26 -18.42 11.75
CA SER A 112 18.95 -18.70 10.50
C SER A 112 20.36 -19.23 10.76
N GLY A 113 21.14 -18.46 11.50
CA GLY A 113 22.50 -18.86 11.82
C GLY A 113 23.29 -17.77 12.49
N PRO A 114 24.48 -17.47 11.95
CA PRO A 114 25.36 -16.43 12.49
C PRO A 114 24.80 -15.03 12.28
N SER A 115 24.66 -14.28 13.36
CA SER A 115 24.14 -12.92 13.30
C SER A 115 25.24 -11.93 12.92
N SER A 116 26.33 -11.94 13.69
CA SER A 116 27.45 -11.05 13.44
C SER A 116 27.79 -10.99 11.95
N GLY A 117 28.04 -9.79 11.45
CA GLY A 117 28.38 -9.63 10.05
C GLY A 117 29.24 -8.41 9.79
N GLY A 1 -12.50 -26.33 12.43
CA GLY A 1 -13.55 -26.77 11.53
C GLY A 1 -13.07 -26.93 10.10
N SER A 2 -12.75 -25.81 9.46
CA SER A 2 -12.27 -25.83 8.08
C SER A 2 -10.88 -25.22 7.97
N SER A 3 -10.68 -24.08 8.64
CA SER A 3 -9.40 -23.39 8.62
C SER A 3 -8.31 -24.25 9.27
N GLY A 4 -7.23 -24.47 8.53
CA GLY A 4 -6.14 -25.27 9.05
C GLY A 4 -5.60 -26.25 8.03
N SER A 5 -6.41 -27.23 7.66
CA SER A 5 -6.01 -28.25 6.69
C SER A 5 -6.51 -27.89 5.29
N SER A 6 -7.80 -27.55 5.20
CA SER A 6 -8.41 -27.19 3.93
C SER A 6 -8.43 -25.67 3.75
N GLY A 7 -9.24 -24.99 4.55
CA GLY A 7 -9.34 -23.55 4.45
C GLY A 7 -7.99 -22.87 4.50
N MET A 8 -7.97 -21.57 4.29
CA MET A 8 -6.73 -20.80 4.31
C MET A 8 -6.49 -20.20 5.69
N GLU A 9 -5.23 -19.86 5.97
CA GLU A 9 -4.87 -19.27 7.26
C GLU A 9 -5.37 -17.84 7.36
N GLU A 10 -5.13 -17.21 8.52
CA GLU A 10 -5.56 -15.84 8.74
C GLU A 10 -4.39 -14.87 8.60
N VAL A 11 -4.69 -13.57 8.59
CA VAL A 11 -3.67 -12.55 8.45
C VAL A 11 -4.11 -11.24 9.08
N ILE A 12 -3.17 -10.55 9.72
CA ILE A 12 -3.48 -9.27 10.37
C ILE A 12 -3.04 -8.10 9.49
N TRP A 13 -4.00 -7.46 8.84
CA TRP A 13 -3.71 -6.32 7.98
C TRP A 13 -3.50 -5.06 8.80
N GLU A 14 -2.24 -4.62 8.91
CA GLU A 14 -1.92 -3.43 9.67
C GLU A 14 -1.85 -2.21 8.75
N GLN A 15 -2.26 -1.06 9.28
CA GLN A 15 -2.24 0.18 8.51
C GLN A 15 -0.97 0.98 8.79
N TYR A 16 -0.34 1.46 7.72
CA TYR A 16 0.89 2.23 7.85
C TYR A 16 0.69 3.66 7.35
N THR A 17 0.71 4.61 8.29
CA THR A 17 0.53 6.01 7.96
C THR A 17 1.86 6.73 7.85
N VAL A 18 2.33 6.93 6.61
CA VAL A 18 3.59 7.60 6.37
C VAL A 18 3.39 8.86 5.53
N THR A 19 4.19 9.89 5.83
CA THR A 19 4.09 11.16 5.11
C THR A 19 5.25 11.31 4.12
N LEU A 20 4.92 11.65 2.88
CA LEU A 20 5.93 11.83 1.84
C LEU A 20 6.10 13.31 1.50
N GLN A 21 7.35 13.73 1.30
CA GLN A 21 7.64 15.12 0.97
C GLN A 21 7.81 15.28 -0.55
N LYS A 22 7.09 16.23 -1.12
CA LYS A 22 7.17 16.50 -2.56
C LYS A 22 8.59 16.88 -2.97
N ASP A 23 9.41 15.87 -3.22
CA ASP A 23 10.79 16.09 -3.63
C ASP A 23 10.87 17.05 -4.81
N SER A 24 12.08 17.25 -5.32
CA SER A 24 12.28 18.15 -6.46
C SER A 24 11.15 18.00 -7.47
N LYS A 25 11.21 16.93 -8.26
CA LYS A 25 10.20 16.67 -9.27
C LYS A 25 9.38 15.43 -8.93
N ARG A 26 10.07 14.33 -8.62
CA ARG A 26 9.42 13.09 -8.27
C ARG A 26 8.32 13.32 -7.23
N GLY A 27 8.48 14.38 -6.44
CA GLY A 27 7.49 14.69 -5.43
C GLY A 27 7.33 13.59 -4.41
N PHE A 28 6.58 12.54 -4.77
CA PHE A 28 6.35 11.41 -3.88
C PHE A 28 6.92 10.13 -4.47
N GLY A 29 7.58 10.26 -5.62
CA GLY A 29 8.16 9.09 -6.27
C GLY A 29 7.32 7.85 -6.10
N ILE A 30 6.02 7.97 -6.35
CA ILE A 30 5.10 6.86 -6.21
C ILE A 30 4.13 6.80 -7.38
N ALA A 31 3.67 5.59 -7.72
CA ALA A 31 2.73 5.41 -8.82
C ALA A 31 1.61 4.44 -8.42
N VAL A 32 0.40 4.76 -8.86
CA VAL A 32 -0.76 3.92 -8.55
C VAL A 32 -1.36 3.32 -9.82
N SER A 33 -1.83 2.08 -9.71
CA SER A 33 -2.42 1.39 -10.85
C SER A 33 -3.71 0.68 -10.45
N GLY A 34 -4.63 0.52 -11.40
CA GLY A 34 -5.89 -0.14 -11.13
C GLY A 34 -7.07 0.72 -11.49
N GLY A 35 -8.13 0.64 -10.68
CA GLY A 35 -9.33 1.42 -10.94
C GLY A 35 -10.60 0.60 -10.79
N ARG A 36 -11.62 1.21 -10.21
CA ARG A 36 -12.89 0.53 -10.01
C ARG A 36 -13.56 0.22 -11.35
N ASP A 37 -12.99 0.73 -12.42
CA ASP A 37 -13.53 0.51 -13.76
C ASP A 37 -12.48 -0.15 -14.66
N ASN A 38 -11.21 0.12 -14.37
CA ASN A 38 -10.11 -0.44 -15.15
C ASN A 38 -9.03 -1.00 -14.24
N PRO A 39 -9.40 -1.98 -13.41
CA PRO A 39 -8.47 -2.62 -12.48
C PRO A 39 -7.44 -3.50 -13.19
N HIS A 40 -6.39 -2.85 -13.70
CA HIS A 40 -5.33 -3.57 -14.41
C HIS A 40 -4.91 -4.82 -13.65
N PHE A 41 -4.81 -4.70 -12.33
CA PHE A 41 -4.43 -5.83 -11.48
C PHE A 41 -4.85 -7.15 -12.11
N GLU A 42 -3.92 -7.79 -12.81
CA GLU A 42 -4.20 -9.06 -13.46
C GLU A 42 -5.24 -9.86 -12.68
N ASN A 43 -5.05 -9.92 -11.36
CA ASN A 43 -5.98 -10.66 -10.50
C ASN A 43 -7.33 -9.98 -10.45
N GLY A 44 -7.35 -8.71 -10.02
CA GLY A 44 -8.59 -7.97 -9.95
C GLY A 44 -8.82 -7.38 -8.57
N GLU A 45 -8.12 -6.29 -8.27
CA GLU A 45 -8.25 -5.63 -6.97
C GLU A 45 -8.40 -4.13 -7.15
N THR A 46 -9.61 -3.68 -7.46
CA THR A 46 -9.88 -2.26 -7.65
C THR A 46 -9.12 -1.42 -6.64
N SER A 47 -9.03 -1.91 -5.41
CA SER A 47 -8.34 -1.19 -4.34
C SER A 47 -6.98 -0.68 -4.84
N ILE A 48 -6.91 0.63 -5.05
CA ILE A 48 -5.67 1.24 -5.53
C ILE A 48 -4.46 0.67 -4.81
N VAL A 49 -3.35 0.53 -5.54
CA VAL A 49 -2.12 0.00 -4.97
C VAL A 49 -0.90 0.63 -5.61
N ILE A 50 0.16 0.80 -4.81
CA ILE A 50 1.40 1.39 -5.31
C ILE A 50 2.23 0.37 -6.07
N SER A 51 2.22 0.48 -7.40
CA SER A 51 2.98 -0.44 -8.24
C SER A 51 4.33 0.16 -8.62
N ASP A 52 4.76 1.17 -7.86
CA ASP A 52 6.04 1.82 -8.10
C ASP A 52 6.47 2.64 -6.89
N VAL A 53 7.67 2.36 -6.39
CA VAL A 53 8.20 3.07 -5.23
C VAL A 53 9.65 3.50 -5.47
N LEU A 54 9.83 4.72 -5.95
CA LEU A 54 11.16 5.25 -6.21
C LEU A 54 12.15 4.79 -5.15
N PRO A 55 13.04 3.85 -5.53
CA PRO A 55 14.05 3.31 -4.62
C PRO A 55 15.13 4.33 -4.29
N GLY A 56 14.95 5.56 -4.77
CA GLY A 56 15.92 6.61 -4.51
C GLY A 56 15.27 7.93 -4.18
N GLY A 57 13.95 7.91 -3.97
CA GLY A 57 13.23 9.12 -3.66
C GLY A 57 12.72 9.15 -2.23
N PRO A 58 11.72 9.99 -1.97
CA PRO A 58 11.11 10.13 -0.64
C PRO A 58 10.30 8.90 -0.25
N ALA A 59 9.75 8.22 -1.24
CA ALA A 59 8.95 7.02 -1.00
C ALA A 59 9.81 5.87 -0.52
N ASP A 60 10.99 5.72 -1.13
CA ASP A 60 11.91 4.66 -0.77
C ASP A 60 12.07 4.56 0.74
N GLY A 61 11.27 3.71 1.37
CA GLY A 61 11.32 3.55 2.82
C GLY A 61 10.00 3.84 3.48
N LEU A 62 9.39 4.96 3.13
CA LEU A 62 8.10 5.35 3.71
C LEU A 62 7.01 4.38 3.29
N LEU A 63 6.85 4.20 1.98
CA LEU A 63 5.84 3.30 1.44
C LEU A 63 6.48 2.12 0.73
N GLN A 64 5.65 1.19 0.27
CA GLN A 64 6.15 0.00 -0.43
C GLN A 64 5.21 -0.38 -1.56
N GLU A 65 5.64 -1.33 -2.40
CA GLU A 65 4.85 -1.78 -3.53
C GLU A 65 3.70 -2.66 -3.06
N ASN A 66 2.58 -2.59 -3.77
CA ASN A 66 1.40 -3.39 -3.44
C ASN A 66 0.79 -2.92 -2.12
N ASP A 67 0.88 -1.62 -1.86
CA ASP A 67 0.33 -1.05 -0.64
C ASP A 67 -1.13 -0.65 -0.82
N ARG A 68 -2.04 -1.51 -0.35
CA ARG A 68 -3.46 -1.26 -0.47
C ARG A 68 -3.82 0.13 0.07
N VAL A 69 -3.91 1.11 -0.81
CA VAL A 69 -4.24 2.47 -0.42
C VAL A 69 -5.67 2.56 0.08
N VAL A 70 -5.84 3.04 1.30
CA VAL A 70 -7.16 3.18 1.90
C VAL A 70 -7.63 4.64 1.87
N MET A 71 -6.80 5.54 2.40
CA MET A 71 -7.12 6.95 2.42
C MET A 71 -5.92 7.80 2.01
N VAL A 72 -6.19 8.98 1.46
CA VAL A 72 -5.14 9.88 1.02
C VAL A 72 -5.49 11.33 1.32
N ASN A 73 -4.84 11.89 2.34
CA ASN A 73 -5.08 13.27 2.73
C ASN A 73 -6.54 13.46 3.15
N GLY A 74 -7.18 12.39 3.58
CA GLY A 74 -8.56 12.47 4.00
C GLY A 74 -9.53 12.09 2.90
N THR A 75 -9.04 11.32 1.93
CA THR A 75 -9.86 10.89 0.80
C THR A 75 -9.82 9.37 0.64
N PRO A 76 -11.00 8.74 0.60
CA PRO A 76 -11.11 7.28 0.44
C PRO A 76 -10.71 6.82 -0.96
N MET A 77 -9.72 5.94 -1.02
CA MET A 77 -9.23 5.42 -2.30
C MET A 77 -9.81 4.03 -2.56
N GLU A 78 -10.89 3.70 -1.86
CA GLU A 78 -11.53 2.39 -2.03
C GLU A 78 -12.63 2.46 -3.08
N ASP A 79 -12.47 1.67 -4.14
CA ASP A 79 -13.46 1.63 -5.22
C ASP A 79 -13.49 2.96 -5.96
N VAL A 80 -12.32 3.53 -6.21
CA VAL A 80 -12.22 4.80 -6.91
C VAL A 80 -11.53 4.65 -8.26
N LEU A 81 -11.51 5.71 -9.04
CA LEU A 81 -10.87 5.69 -10.35
C LEU A 81 -9.36 5.91 -10.23
N HIS A 82 -8.60 5.23 -11.09
CA HIS A 82 -7.15 5.36 -11.08
C HIS A 82 -6.73 6.83 -11.10
N SER A 83 -7.50 7.64 -11.83
CA SER A 83 -7.20 9.07 -11.93
C SER A 83 -7.59 9.80 -10.66
N PHE A 84 -8.57 9.25 -9.94
CA PHE A 84 -9.03 9.85 -8.70
C PHE A 84 -7.98 9.72 -7.59
N ALA A 85 -7.34 8.56 -7.54
CA ALA A 85 -6.31 8.30 -6.54
C ALA A 85 -5.13 9.26 -6.71
N VAL A 86 -4.64 9.37 -7.94
CA VAL A 86 -3.52 10.24 -8.23
C VAL A 86 -3.88 11.70 -8.00
N GLN A 87 -5.11 12.07 -8.34
CA GLN A 87 -5.58 13.44 -8.15
C GLN A 87 -5.09 14.02 -6.83
N GLN A 88 -5.45 13.35 -5.74
CA GLN A 88 -5.05 13.79 -4.40
C GLN A 88 -3.55 14.08 -4.35
N LEU A 89 -2.77 13.24 -5.01
CA LEU A 89 -1.33 13.41 -5.04
C LEU A 89 -0.94 14.75 -5.67
N ARG A 90 -1.49 15.03 -6.85
CA ARG A 90 -1.21 16.27 -7.54
C ARG A 90 -1.79 17.46 -6.79
N LYS A 91 -2.87 17.22 -6.06
CA LYS A 91 -3.54 18.26 -5.29
C LYS A 91 -2.74 18.59 -4.03
N SER A 92 -2.01 17.61 -3.53
CA SER A 92 -1.20 17.80 -2.32
C SER A 92 -0.14 18.87 -2.54
N GLY A 93 -0.08 19.84 -1.62
CA GLY A 93 0.88 20.91 -1.73
C GLY A 93 2.31 20.41 -1.70
N LYS A 94 2.78 20.00 -0.51
CA LYS A 94 4.13 19.49 -0.36
C LYS A 94 4.13 18.15 0.36
N ILE A 95 3.35 18.06 1.44
CA ILE A 95 3.25 16.84 2.22
C ILE A 95 1.92 16.13 1.98
N ALA A 96 1.99 14.85 1.65
CA ALA A 96 0.79 14.06 1.40
C ALA A 96 0.70 12.88 2.36
N ALA A 97 -0.45 12.75 3.02
CA ALA A 97 -0.67 11.65 3.96
C ALA A 97 -1.40 10.49 3.30
N ILE A 98 -0.76 9.33 3.27
CA ILE A 98 -1.35 8.14 2.67
C ILE A 98 -1.51 7.03 3.69
N VAL A 99 -2.73 6.53 3.83
CA VAL A 99 -3.00 5.45 4.79
C VAL A 99 -3.17 4.12 4.06
N VAL A 100 -2.12 3.31 4.06
CA VAL A 100 -2.15 2.01 3.41
C VAL A 100 -2.21 0.88 4.43
N LYS A 101 -2.49 -0.33 3.96
CA LYS A 101 -2.58 -1.49 4.82
C LYS A 101 -1.81 -2.67 4.24
N ARG A 102 -1.03 -3.35 5.09
CA ARG A 102 -0.24 -4.49 4.66
C ARG A 102 -0.59 -5.73 5.48
N PRO A 103 -0.63 -6.89 4.81
CA PRO A 103 -0.96 -8.17 5.45
C PRO A 103 0.15 -8.64 6.39
N ARG A 104 -0.20 -8.82 7.66
CA ARG A 104 0.76 -9.26 8.66
C ARG A 104 0.45 -10.69 9.12
N LYS A 105 0.66 -11.65 8.22
CA LYS A 105 0.41 -13.04 8.53
C LYS A 105 0.76 -13.36 9.98
N VAL A 106 0.03 -14.30 10.57
CA VAL A 106 0.28 -14.70 11.95
C VAL A 106 1.58 -15.48 12.08
N GLN A 107 2.38 -15.12 13.08
CA GLN A 107 3.65 -15.80 13.32
C GLN A 107 3.87 -16.04 14.80
N VAL A 108 4.12 -17.29 15.17
CA VAL A 108 4.35 -17.67 16.56
C VAL A 108 5.82 -17.98 16.81
N ALA A 109 6.24 -17.86 18.06
CA ALA A 109 7.62 -18.13 18.44
C ALA A 109 8.05 -19.52 17.97
N PRO A 110 8.99 -19.54 17.01
CA PRO A 110 9.51 -20.79 16.44
C PRO A 110 10.37 -21.57 17.45
N LEU A 111 9.87 -22.72 17.88
CA LEU A 111 10.59 -23.56 18.85
C LEU A 111 12.09 -23.56 18.55
N SER A 112 12.90 -23.58 19.60
CA SER A 112 14.35 -23.59 19.45
C SER A 112 14.76 -24.37 18.21
N GLY A 113 15.54 -23.73 17.34
CA GLY A 113 15.99 -24.38 16.13
C GLY A 113 17.18 -23.66 15.49
N PRO A 114 17.70 -24.23 14.40
CA PRO A 114 18.84 -23.66 13.68
C PRO A 114 18.47 -22.37 12.95
N SER A 115 17.24 -22.31 12.45
CA SER A 115 16.77 -21.13 11.74
C SER A 115 17.59 -20.91 10.46
N SER A 116 17.89 -21.99 9.76
CA SER A 116 18.68 -21.91 8.53
C SER A 116 17.79 -21.57 7.35
N GLY A 117 18.01 -20.39 6.77
CA GLY A 117 17.22 -19.96 5.63
C GLY A 117 16.41 -18.72 5.92
N GLY A 1 -25.41 -29.52 7.64
CA GLY A 1 -24.13 -29.58 8.30
C GLY A 1 -22.98 -29.80 7.34
N SER A 2 -22.19 -28.75 7.13
CA SER A 2 -21.05 -28.82 6.21
C SER A 2 -19.77 -29.17 6.97
N SER A 3 -19.01 -30.13 6.42
CA SER A 3 -17.77 -30.56 7.04
C SER A 3 -16.60 -29.74 6.54
N GLY A 4 -15.75 -29.29 7.46
CA GLY A 4 -14.59 -28.50 7.09
C GLY A 4 -13.39 -28.77 7.97
N SER A 5 -13.14 -27.87 8.91
CA SER A 5 -12.01 -28.01 9.83
C SER A 5 -10.69 -28.16 9.06
N SER A 6 -10.53 -27.32 8.04
CA SER A 6 -9.33 -27.35 7.22
C SER A 6 -8.28 -26.37 7.75
N GLY A 7 -7.01 -26.65 7.46
CA GLY A 7 -5.94 -25.80 7.93
C GLY A 7 -5.72 -24.60 7.01
N MET A 8 -5.98 -23.41 7.54
CA MET A 8 -5.83 -22.19 6.76
C MET A 8 -5.26 -21.07 7.63
N GLU A 9 -4.02 -20.68 7.35
CA GLU A 9 -3.36 -19.62 8.11
C GLU A 9 -4.25 -18.39 8.21
N GLU A 10 -3.81 -17.39 8.97
CA GLU A 10 -4.56 -16.16 9.13
C GLU A 10 -3.85 -14.99 8.47
N VAL A 11 -4.47 -13.82 8.50
CA VAL A 11 -3.90 -12.63 7.90
C VAL A 11 -4.22 -11.38 8.73
N ILE A 12 -3.20 -10.60 9.03
CA ILE A 12 -3.38 -9.37 9.81
C ILE A 12 -3.04 -8.13 8.98
N TRP A 13 -4.08 -7.48 8.45
CA TRP A 13 -3.90 -6.29 7.64
C TRP A 13 -3.64 -5.07 8.53
N GLU A 14 -2.38 -4.66 8.60
CA GLU A 14 -2.00 -3.51 9.41
C GLU A 14 -1.88 -2.25 8.55
N GLN A 15 -2.30 -1.13 9.11
CA GLN A 15 -2.24 0.14 8.40
C GLN A 15 -0.95 0.89 8.71
N TYR A 16 -0.46 1.63 7.73
CA TYR A 16 0.78 2.39 7.88
C TYR A 16 0.60 3.83 7.40
N THR A 17 0.61 4.78 8.34
CA THR A 17 0.46 6.19 8.00
C THR A 17 1.81 6.89 7.93
N VAL A 18 2.28 7.12 6.71
CA VAL A 18 3.56 7.79 6.50
C VAL A 18 3.39 9.05 5.65
N THR A 19 4.21 10.05 5.94
CA THR A 19 4.15 11.32 5.21
C THR A 19 5.31 11.43 4.23
N LEU A 20 5.00 11.79 2.98
CA LEU A 20 6.02 11.93 1.94
C LEU A 20 6.22 13.40 1.59
N GLN A 21 7.38 13.71 1.03
CA GLN A 21 7.70 15.08 0.62
C GLN A 21 7.81 15.21 -0.89
N LYS A 22 7.15 16.21 -1.45
CA LYS A 22 7.18 16.43 -2.89
C LYS A 22 8.58 16.83 -3.35
N ASP A 23 9.37 15.83 -3.73
CA ASP A 23 10.73 16.08 -4.19
C ASP A 23 10.74 17.04 -5.37
N SER A 24 11.94 17.42 -5.81
CA SER A 24 12.08 18.34 -6.93
C SER A 24 11.32 17.84 -8.16
N LYS A 25 11.75 16.69 -8.68
CA LYS A 25 11.12 16.10 -9.85
C LYS A 25 10.39 14.82 -9.47
N ARG A 26 10.73 14.26 -8.32
CA ARG A 26 10.11 13.03 -7.85
C ARG A 26 9.26 13.29 -6.60
N GLY A 27 8.25 14.14 -6.75
CA GLY A 27 7.38 14.46 -5.63
C GLY A 27 7.35 13.36 -4.58
N PHE A 28 6.42 12.44 -4.73
CA PHE A 28 6.27 11.33 -3.79
C PHE A 28 6.88 10.06 -4.36
N GLY A 29 7.50 10.18 -5.53
CA GLY A 29 8.11 9.02 -6.17
C GLY A 29 7.30 7.76 -5.98
N ILE A 30 6.02 7.81 -6.34
CA ILE A 30 5.13 6.67 -6.20
C ILE A 30 4.14 6.61 -7.34
N ALA A 31 3.77 5.38 -7.73
CA ALA A 31 2.81 5.18 -8.81
C ALA A 31 1.74 4.17 -8.42
N VAL A 32 0.48 4.53 -8.65
CA VAL A 32 -0.63 3.64 -8.33
C VAL A 32 -1.12 2.90 -9.56
N SER A 33 -1.58 1.66 -9.36
CA SER A 33 -2.08 0.86 -10.46
C SER A 33 -3.42 0.22 -10.11
N GLY A 34 -4.40 0.40 -10.99
CA GLY A 34 -5.73 -0.15 -10.76
C GLY A 34 -6.83 0.75 -11.28
N GLY A 35 -7.98 0.72 -10.61
CA GLY A 35 -9.10 1.53 -11.03
C GLY A 35 -10.40 0.77 -11.02
N ARG A 36 -11.34 1.20 -10.17
CA ARG A 36 -12.64 0.55 -10.07
C ARG A 36 -13.24 0.30 -11.45
N ASP A 37 -12.82 1.11 -12.42
CA ASP A 37 -13.32 0.99 -13.79
C ASP A 37 -12.23 0.46 -14.71
N ASN A 38 -10.98 0.73 -14.36
CA ASN A 38 -9.84 0.29 -15.16
C ASN A 38 -8.75 -0.29 -14.28
N PRO A 39 -9.04 -1.47 -13.69
CA PRO A 39 -8.10 -2.16 -12.80
C PRO A 39 -6.90 -2.73 -13.57
N HIS A 40 -5.91 -1.89 -13.84
CA HIS A 40 -4.72 -2.31 -14.57
C HIS A 40 -4.22 -3.65 -14.06
N PHE A 41 -4.22 -3.80 -12.73
CA PHE A 41 -3.76 -5.05 -12.12
C PHE A 41 -4.02 -6.24 -13.03
N GLU A 42 -2.98 -6.64 -13.77
CA GLU A 42 -3.09 -7.78 -14.68
C GLU A 42 -4.10 -8.80 -14.16
N ASN A 43 -3.98 -9.15 -12.89
CA ASN A 43 -4.87 -10.12 -12.28
C ASN A 43 -6.31 -9.61 -12.27
N GLY A 44 -6.50 -8.43 -11.66
CA GLY A 44 -7.83 -7.84 -11.60
C GLY A 44 -8.21 -7.44 -10.18
N GLU A 45 -7.72 -6.28 -9.75
CA GLU A 45 -8.01 -5.78 -8.41
C GLU A 45 -8.40 -4.31 -8.45
N THR A 46 -9.60 -4.00 -7.99
CA THR A 46 -10.09 -2.63 -7.97
C THR A 46 -9.67 -1.92 -6.69
N SER A 47 -8.38 -1.96 -6.39
CA SER A 47 -7.84 -1.31 -5.20
C SER A 47 -6.56 -0.56 -5.52
N ILE A 48 -6.56 0.75 -5.24
CA ILE A 48 -5.39 1.58 -5.50
C ILE A 48 -4.16 1.02 -4.79
N VAL A 49 -3.24 0.45 -5.56
CA VAL A 49 -2.02 -0.11 -5.00
C VAL A 49 -0.78 0.55 -5.61
N ILE A 50 0.28 0.66 -4.82
CA ILE A 50 1.52 1.26 -5.28
C ILE A 50 2.38 0.26 -6.03
N SER A 51 2.39 0.37 -7.35
CA SER A 51 3.17 -0.53 -8.18
C SER A 51 4.51 0.09 -8.56
N ASP A 52 4.91 1.12 -7.81
CA ASP A 52 6.16 1.81 -8.06
C ASP A 52 6.58 2.63 -6.85
N VAL A 53 7.76 2.34 -6.32
CA VAL A 53 8.27 3.06 -5.15
C VAL A 53 9.72 3.48 -5.36
N LEU A 54 9.91 4.71 -5.85
CA LEU A 54 11.24 5.24 -6.10
C LEU A 54 12.24 4.70 -5.08
N PRO A 55 13.19 3.88 -5.57
CA PRO A 55 14.22 3.28 -4.72
C PRO A 55 15.24 4.31 -4.21
N GLY A 56 15.11 5.54 -4.71
CA GLY A 56 16.01 6.59 -4.30
C GLY A 56 15.29 7.89 -3.98
N GLY A 57 13.97 7.82 -3.90
CA GLY A 57 13.18 9.00 -3.60
C GLY A 57 12.67 9.00 -2.17
N PRO A 58 11.69 9.88 -1.90
CA PRO A 58 11.09 10.00 -0.56
C PRO A 58 10.25 8.79 -0.18
N ALA A 59 9.73 8.10 -1.19
CA ALA A 59 8.91 6.91 -0.97
C ALA A 59 9.77 5.74 -0.48
N ASP A 60 11.00 5.67 -0.97
CA ASP A 60 11.91 4.60 -0.59
C ASP A 60 12.02 4.49 0.93
N GLY A 61 11.14 3.69 1.52
CA GLY A 61 11.16 3.51 2.96
C GLY A 61 9.81 3.81 3.59
N LEU A 62 9.23 4.95 3.24
CA LEU A 62 7.93 5.36 3.77
C LEU A 62 6.83 4.42 3.30
N LEU A 63 6.81 4.16 1.99
CA LEU A 63 5.81 3.28 1.41
C LEU A 63 6.47 2.09 0.72
N GLN A 64 5.65 1.11 0.33
CA GLN A 64 6.16 -0.08 -0.34
C GLN A 64 5.27 -0.45 -1.53
N GLU A 65 5.67 -1.48 -2.26
CA GLU A 65 4.91 -1.94 -3.42
C GLU A 65 3.74 -2.83 -2.99
N ASN A 66 2.60 -2.65 -3.66
CA ASN A 66 1.42 -3.43 -3.35
C ASN A 66 0.81 -3.00 -2.02
N ASP A 67 0.88 -1.70 -1.73
CA ASP A 67 0.35 -1.17 -0.48
C ASP A 67 -1.10 -0.74 -0.65
N ARG A 68 -2.02 -1.69 -0.56
CA ARG A 68 -3.44 -1.39 -0.71
C ARG A 68 -3.82 -0.11 0.01
N VAL A 69 -3.85 0.99 -0.73
CA VAL A 69 -4.19 2.29 -0.16
C VAL A 69 -5.64 2.31 0.34
N VAL A 70 -5.89 3.10 1.37
CA VAL A 70 -7.23 3.22 1.94
C VAL A 70 -7.69 4.67 1.98
N MET A 71 -6.80 5.55 2.41
CA MET A 71 -7.12 6.97 2.49
C MET A 71 -5.90 7.82 2.11
N VAL A 72 -6.17 9.00 1.54
CA VAL A 72 -5.10 9.90 1.13
C VAL A 72 -5.48 11.36 1.40
N ASN A 73 -4.86 11.95 2.42
CA ASN A 73 -5.14 13.33 2.78
C ASN A 73 -6.61 13.52 3.16
N GLY A 74 -7.22 12.44 3.64
CA GLY A 74 -8.63 12.51 4.02
C GLY A 74 -9.57 12.16 2.88
N THR A 75 -9.10 11.29 1.98
CA THR A 75 -9.90 10.88 0.84
C THR A 75 -9.84 9.37 0.64
N PRO A 76 -11.02 8.73 0.59
CA PRO A 76 -11.12 7.27 0.40
C PRO A 76 -10.71 6.84 -1.00
N MET A 77 -9.71 5.97 -1.08
CA MET A 77 -9.22 5.47 -2.36
C MET A 77 -9.80 4.09 -2.66
N GLU A 78 -10.89 3.75 -1.99
CA GLU A 78 -11.53 2.46 -2.19
C GLU A 78 -12.66 2.56 -3.21
N ASP A 79 -12.60 1.73 -4.24
CA ASP A 79 -13.61 1.73 -5.29
C ASP A 79 -13.64 3.07 -6.01
N VAL A 80 -12.47 3.60 -6.31
CA VAL A 80 -12.36 4.89 -7.00
C VAL A 80 -11.60 4.74 -8.32
N LEU A 81 -11.68 5.77 -9.15
CA LEU A 81 -11.00 5.76 -10.45
C LEU A 81 -9.51 6.08 -10.28
N HIS A 82 -8.69 5.47 -11.13
CA HIS A 82 -7.25 5.69 -11.08
C HIS A 82 -6.93 7.19 -11.01
N SER A 83 -7.60 7.97 -11.85
CA SER A 83 -7.39 9.41 -11.89
C SER A 83 -7.74 10.04 -10.55
N PHE A 84 -8.78 9.51 -9.90
CA PHE A 84 -9.22 10.02 -8.61
C PHE A 84 -8.14 9.83 -7.55
N ALA A 85 -7.52 8.66 -7.54
CA ALA A 85 -6.48 8.35 -6.58
C ALA A 85 -5.29 9.30 -6.74
N VAL A 86 -4.82 9.47 -7.97
CA VAL A 86 -3.71 10.35 -8.25
C VAL A 86 -4.06 11.80 -7.96
N GLN A 87 -5.26 12.20 -8.36
CA GLN A 87 -5.72 13.57 -8.14
C GLN A 87 -5.23 14.10 -6.80
N GLN A 88 -5.60 13.42 -5.72
CA GLN A 88 -5.20 13.82 -4.38
C GLN A 88 -3.70 14.10 -4.33
N LEU A 89 -2.93 13.29 -5.04
CA LEU A 89 -1.47 13.44 -5.07
C LEU A 89 -1.08 14.78 -5.69
N ARG A 90 -1.60 15.04 -6.89
CA ARG A 90 -1.30 16.29 -7.59
C ARG A 90 -1.85 17.49 -6.83
N LYS A 91 -2.94 17.26 -6.10
CA LYS A 91 -3.57 18.32 -5.32
C LYS A 91 -2.73 18.69 -4.11
N SER A 92 -2.05 17.70 -3.53
CA SER A 92 -1.20 17.93 -2.37
C SER A 92 -0.13 18.97 -2.69
N GLY A 93 0.04 19.92 -1.77
CA GLY A 93 1.04 20.96 -1.96
C GLY A 93 2.45 20.42 -1.98
N LYS A 94 2.92 19.96 -0.83
CA LYS A 94 4.27 19.42 -0.71
C LYS A 94 4.25 18.10 0.06
N ILE A 95 3.50 18.07 1.15
CA ILE A 95 3.40 16.87 1.98
C ILE A 95 2.05 16.20 1.80
N ALA A 96 2.07 14.87 1.70
CA ALA A 96 0.84 14.09 1.53
C ALA A 96 0.77 12.94 2.54
N ALA A 97 -0.41 12.74 3.12
CA ALA A 97 -0.61 11.68 4.09
C ALA A 97 -1.38 10.52 3.48
N ILE A 98 -0.70 9.40 3.28
CA ILE A 98 -1.31 8.21 2.71
C ILE A 98 -1.44 7.10 3.74
N VAL A 99 -2.61 6.48 3.80
CA VAL A 99 -2.85 5.40 4.74
C VAL A 99 -3.07 4.07 4.02
N VAL A 100 -2.03 3.26 3.95
CA VAL A 100 -2.10 1.96 3.28
C VAL A 100 -2.16 0.83 4.30
N LYS A 101 -2.53 -0.36 3.83
CA LYS A 101 -2.62 -1.52 4.69
C LYS A 101 -1.87 -2.71 4.09
N ARG A 102 -1.06 -3.36 4.92
CA ARG A 102 -0.27 -4.51 4.48
C ARG A 102 -0.59 -5.74 5.30
N PRO A 103 -0.93 -6.84 4.62
CA PRO A 103 -1.27 -8.12 5.27
C PRO A 103 -0.06 -8.78 5.92
N ARG A 104 -0.20 -9.11 7.21
CA ARG A 104 0.88 -9.75 7.95
C ARG A 104 0.58 -11.22 8.19
N LYS A 105 0.86 -12.05 7.19
CA LYS A 105 0.63 -13.49 7.29
C LYS A 105 1.37 -14.07 8.48
N VAL A 106 0.77 -15.09 9.10
CA VAL A 106 1.38 -15.76 10.25
C VAL A 106 2.64 -16.51 9.85
N GLN A 107 3.80 -15.95 10.22
CA GLN A 107 5.08 -16.58 9.90
C GLN A 107 6.02 -16.54 11.10
N VAL A 108 6.68 -17.67 11.36
CA VAL A 108 7.61 -17.76 12.48
C VAL A 108 9.00 -17.31 12.08
N ALA A 109 9.62 -16.50 12.92
CA ALA A 109 10.96 -15.99 12.66
C ALA A 109 11.90 -17.12 12.27
N PRO A 110 12.83 -16.83 11.34
CA PRO A 110 13.81 -17.81 10.88
C PRO A 110 14.85 -18.15 11.94
N LEU A 111 15.04 -19.44 12.19
CA LEU A 111 16.00 -19.91 13.19
C LEU A 111 17.41 -19.92 12.61
N SER A 112 18.33 -19.23 13.28
CA SER A 112 19.71 -19.15 12.84
C SER A 112 20.28 -20.56 12.61
N GLY A 113 21.42 -20.63 11.94
CA GLY A 113 22.05 -21.91 11.67
C GLY A 113 22.87 -21.90 10.40
N PRO A 114 24.18 -22.15 10.52
CA PRO A 114 25.10 -22.17 9.39
C PRO A 114 24.87 -23.38 8.48
N SER A 115 24.72 -23.11 7.18
CA SER A 115 24.50 -24.17 6.21
C SER A 115 25.48 -24.08 5.05
N SER A 116 26.59 -24.80 5.16
CA SER A 116 27.62 -24.79 4.12
C SER A 116 28.34 -26.13 4.07
N GLY A 117 28.19 -26.84 2.95
CA GLY A 117 28.83 -28.13 2.80
C GLY A 117 29.12 -28.46 1.34
N GLY A 1 -25.97 -14.27 15.08
CA GLY A 1 -25.16 -15.39 14.64
C GLY A 1 -25.52 -15.84 13.24
N SER A 2 -24.59 -16.57 12.60
CA SER A 2 -24.81 -17.06 11.25
C SER A 2 -23.74 -18.07 10.86
N SER A 3 -24.05 -18.89 9.87
CA SER A 3 -23.11 -19.91 9.39
C SER A 3 -21.77 -19.29 9.04
N GLY A 4 -20.73 -19.70 9.74
CA GLY A 4 -19.39 -19.17 9.48
C GLY A 4 -18.40 -20.26 9.12
N SER A 5 -18.48 -20.74 7.88
CA SER A 5 -17.58 -21.80 7.41
C SER A 5 -16.18 -21.62 8.00
N SER A 6 -15.75 -22.62 8.78
CA SER A 6 -14.44 -22.57 9.41
C SER A 6 -13.46 -23.48 8.67
N GLY A 7 -12.24 -22.97 8.46
CA GLY A 7 -11.24 -23.75 7.76
C GLY A 7 -10.54 -22.96 6.67
N MET A 8 -9.74 -21.97 7.08
CA MET A 8 -9.01 -21.14 6.14
C MET A 8 -7.97 -20.28 6.86
N GLU A 9 -6.87 -19.98 6.17
CA GLU A 9 -5.81 -19.17 6.76
C GLU A 9 -6.28 -17.74 6.98
N GLU A 10 -5.52 -16.99 7.79
CA GLU A 10 -5.87 -15.62 8.08
C GLU A 10 -4.66 -14.70 7.88
N VAL A 11 -4.91 -13.39 7.93
CA VAL A 11 -3.85 -12.41 7.75
C VAL A 11 -4.17 -11.12 8.50
N ILE A 12 -3.14 -10.55 9.13
CA ILE A 12 -3.31 -9.31 9.89
C ILE A 12 -2.96 -8.10 9.03
N TRP A 13 -3.99 -7.39 8.57
CA TRP A 13 -3.78 -6.21 7.75
C TRP A 13 -3.45 -5.00 8.60
N GLU A 14 -2.17 -4.63 8.63
CA GLU A 14 -1.73 -3.48 9.41
C GLU A 14 -1.68 -2.21 8.56
N GLN A 15 -2.17 -1.11 9.10
CA GLN A 15 -2.18 0.16 8.39
C GLN A 15 -0.95 0.98 8.72
N TYR A 16 -0.28 1.51 7.70
CA TYR A 16 0.91 2.32 7.89
C TYR A 16 0.68 3.76 7.44
N THR A 17 0.61 4.66 8.41
CA THR A 17 0.39 6.08 8.13
C THR A 17 1.71 6.83 8.04
N VAL A 18 2.20 7.04 6.82
CA VAL A 18 3.45 7.76 6.61
C VAL A 18 3.24 8.99 5.75
N THR A 19 4.17 9.93 5.84
CA THR A 19 4.09 11.17 5.06
C THR A 19 5.24 11.28 4.08
N LEU A 20 4.92 11.60 2.82
CA LEU A 20 5.93 11.73 1.78
C LEU A 20 6.15 13.20 1.43
N GLN A 21 7.39 13.54 1.09
CA GLN A 21 7.73 14.91 0.72
C GLN A 21 7.87 15.05 -0.79
N LYS A 22 7.20 16.05 -1.35
CA LYS A 22 7.25 16.30 -2.78
C LYS A 22 8.66 16.63 -3.23
N ASP A 23 9.41 15.60 -3.60
CA ASP A 23 10.79 15.78 -4.05
C ASP A 23 10.84 16.72 -5.26
N SER A 24 12.05 16.90 -5.81
CA SER A 24 12.24 17.78 -6.96
C SER A 24 11.37 17.33 -8.13
N LYS A 25 11.72 16.21 -8.74
CA LYS A 25 10.98 15.68 -9.87
C LYS A 25 10.24 14.40 -9.48
N ARG A 26 10.57 13.86 -8.31
CA ARG A 26 9.95 12.64 -7.82
C ARG A 26 9.12 12.92 -6.57
N GLY A 27 8.25 13.93 -6.66
CA GLY A 27 7.41 14.28 -5.52
C GLY A 27 7.35 13.18 -4.48
N PHE A 28 6.34 12.32 -4.58
CA PHE A 28 6.17 11.23 -3.63
C PHE A 28 6.77 9.94 -4.18
N GLY A 29 7.47 10.06 -5.30
CA GLY A 29 8.09 8.89 -5.93
C GLY A 29 7.25 7.64 -5.76
N ILE A 30 5.96 7.76 -6.08
CA ILE A 30 5.04 6.63 -5.96
C ILE A 30 4.05 6.61 -7.12
N ALA A 31 3.75 5.42 -7.62
CA ALA A 31 2.80 5.26 -8.72
C ALA A 31 1.70 4.28 -8.37
N VAL A 32 0.46 4.69 -8.60
CA VAL A 32 -0.70 3.84 -8.31
C VAL A 32 -1.19 3.12 -9.55
N SER A 33 -1.73 1.93 -9.38
CA SER A 33 -2.24 1.15 -10.50
C SER A 33 -3.57 0.47 -10.14
N GLY A 34 -4.44 0.33 -11.13
CA GLY A 34 -5.72 -0.30 -10.90
C GLY A 34 -6.88 0.65 -11.18
N GLY A 35 -8.05 0.30 -10.66
CA GLY A 35 -9.23 1.14 -10.87
C GLY A 35 -10.52 0.34 -10.83
N ARG A 36 -11.57 0.97 -10.30
CA ARG A 36 -12.87 0.30 -10.20
C ARG A 36 -13.41 -0.05 -11.58
N ASP A 37 -12.76 0.46 -12.62
CA ASP A 37 -13.18 0.20 -13.99
C ASP A 37 -12.04 -0.41 -14.79
N ASN A 38 -10.81 -0.14 -14.36
CA ASN A 38 -9.63 -0.67 -15.06
C ASN A 38 -8.66 -1.30 -14.05
N PRO A 39 -9.13 -2.32 -13.34
CA PRO A 39 -8.33 -3.04 -12.34
C PRO A 39 -7.21 -3.87 -12.98
N HIS A 40 -6.10 -3.22 -13.28
CA HIS A 40 -4.96 -3.90 -13.90
C HIS A 40 -4.63 -5.18 -13.15
N PHE A 41 -4.64 -5.11 -11.82
CA PHE A 41 -4.33 -6.27 -10.99
C PHE A 41 -4.82 -7.55 -11.65
N GLU A 42 -3.89 -8.29 -12.25
CA GLU A 42 -4.22 -9.54 -12.93
C GLU A 42 -5.34 -10.27 -12.20
N ASN A 43 -5.26 -10.29 -10.87
CA ASN A 43 -6.27 -10.96 -10.06
C ASN A 43 -7.65 -10.34 -10.29
N GLY A 44 -7.71 -9.01 -10.27
CA GLY A 44 -8.97 -8.32 -10.47
C GLY A 44 -9.34 -7.44 -9.30
N GLU A 45 -8.39 -7.22 -8.39
CA GLU A 45 -8.64 -6.39 -7.22
C GLU A 45 -8.73 -4.91 -7.60
N THR A 46 -9.89 -4.32 -7.36
CA THR A 46 -10.12 -2.92 -7.69
C THR A 46 -9.64 -2.02 -6.55
N SER A 47 -8.41 -2.24 -6.10
CA SER A 47 -7.84 -1.44 -5.02
C SER A 47 -6.57 -0.72 -5.48
N ILE A 48 -6.55 0.59 -5.30
CA ILE A 48 -5.40 1.39 -5.70
C ILE A 48 -4.15 0.99 -4.92
N VAL A 49 -3.28 0.24 -5.56
CA VAL A 49 -2.04 -0.21 -4.92
C VAL A 49 -0.82 0.44 -5.57
N ILE A 50 0.19 0.73 -4.76
CA ILE A 50 1.41 1.35 -5.25
C ILE A 50 2.27 0.35 -6.02
N SER A 51 2.26 0.47 -7.34
CA SER A 51 3.04 -0.42 -8.20
C SER A 51 4.39 0.20 -8.54
N ASP A 52 4.81 1.18 -7.75
CA ASP A 52 6.08 1.85 -7.98
C ASP A 52 6.50 2.64 -6.75
N VAL A 53 7.66 2.31 -6.20
CA VAL A 53 8.18 2.98 -5.02
C VAL A 53 9.66 3.31 -5.18
N LEU A 54 9.95 4.51 -5.65
CA LEU A 54 11.32 4.95 -5.85
C LEU A 54 12.22 4.48 -4.70
N PRO A 55 13.13 3.56 -5.00
CA PRO A 55 14.06 3.01 -4.00
C PRO A 55 15.10 4.04 -3.56
N GLY A 56 15.14 5.16 -4.26
CA GLY A 56 16.09 6.21 -3.92
C GLY A 56 15.42 7.55 -3.67
N GLY A 57 14.12 7.52 -3.43
CA GLY A 57 13.39 8.75 -3.17
C GLY A 57 12.79 8.79 -1.78
N PRO A 58 11.74 9.62 -1.61
CA PRO A 58 11.06 9.76 -0.32
C PRO A 58 10.26 8.52 0.06
N ALA A 59 9.53 7.97 -0.91
CA ALA A 59 8.73 6.78 -0.68
C ALA A 59 9.58 5.63 -0.15
N ASP A 60 10.76 5.46 -0.74
CA ASP A 60 11.67 4.39 -0.33
C ASP A 60 11.75 4.31 1.19
N GLY A 61 10.90 3.46 1.78
CA GLY A 61 10.89 3.30 3.22
C GLY A 61 9.54 3.61 3.83
N LEU A 62 8.99 4.78 3.48
CA LEU A 62 7.69 5.19 4.00
C LEU A 62 6.58 4.30 3.45
N LEU A 63 6.71 3.91 2.19
CA LEU A 63 5.72 3.06 1.55
C LEU A 63 6.38 1.95 0.74
N GLN A 64 5.61 0.92 0.40
CA GLN A 64 6.13 -0.19 -0.36
C GLN A 64 5.21 -0.54 -1.52
N GLU A 65 5.60 -1.51 -2.33
CA GLU A 65 4.80 -1.94 -3.47
C GLU A 65 3.60 -2.77 -3.02
N ASN A 66 2.47 -2.56 -3.68
CA ASN A 66 1.25 -3.30 -3.35
C ASN A 66 0.67 -2.82 -2.03
N ASP A 67 0.80 -1.52 -1.76
CA ASP A 67 0.29 -0.93 -0.53
C ASP A 67 -1.17 -0.54 -0.68
N ARG A 68 -2.06 -1.49 -0.46
CA ARG A 68 -3.50 -1.25 -0.58
C ARG A 68 -3.85 0.13 -0.04
N VAL A 69 -3.98 1.09 -0.95
CA VAL A 69 -4.32 2.46 -0.56
C VAL A 69 -5.75 2.54 -0.04
N VAL A 70 -5.90 3.07 1.16
CA VAL A 70 -7.22 3.21 1.77
C VAL A 70 -7.68 4.67 1.78
N MET A 71 -6.85 5.55 2.34
CA MET A 71 -7.16 6.97 2.40
C MET A 71 -5.96 7.81 1.98
N VAL A 72 -6.23 9.01 1.48
CA VAL A 72 -5.17 9.91 1.04
C VAL A 72 -5.52 11.36 1.34
N ASN A 73 -4.89 11.91 2.37
CA ASN A 73 -5.14 13.30 2.77
C ASN A 73 -6.59 13.49 3.20
N GLY A 74 -7.21 12.39 3.66
CA GLY A 74 -8.58 12.46 4.10
C GLY A 74 -9.57 12.12 3.00
N THR A 75 -9.11 11.37 2.01
CA THR A 75 -9.95 10.98 0.89
C THR A 75 -9.93 9.47 0.69
N PRO A 76 -11.13 8.88 0.57
CA PRO A 76 -11.28 7.43 0.38
C PRO A 76 -10.81 6.98 -1.01
N MET A 77 -9.85 6.07 -1.03
CA MET A 77 -9.31 5.56 -2.29
C MET A 77 -9.86 4.16 -2.59
N GLU A 78 -10.95 3.81 -1.92
CA GLU A 78 -11.58 2.51 -2.11
C GLU A 78 -12.67 2.59 -3.17
N ASP A 79 -12.59 1.71 -4.17
CA ASP A 79 -13.57 1.68 -5.25
C ASP A 79 -13.61 3.01 -5.98
N VAL A 80 -12.44 3.54 -6.32
CA VAL A 80 -12.35 4.80 -7.03
C VAL A 80 -11.58 4.65 -8.34
N LEU A 81 -11.61 5.70 -9.16
CA LEU A 81 -10.91 5.67 -10.44
C LEU A 81 -9.42 5.98 -10.26
N HIS A 82 -8.61 5.41 -11.14
CA HIS A 82 -7.16 5.61 -11.08
C HIS A 82 -6.82 7.10 -11.10
N SER A 83 -7.60 7.86 -11.85
CA SER A 83 -7.38 9.30 -11.97
C SER A 83 -7.80 10.02 -10.68
N PHE A 84 -8.71 9.41 -9.95
CA PHE A 84 -9.20 9.98 -8.70
C PHE A 84 -8.17 9.82 -7.58
N ALA A 85 -7.55 8.64 -7.54
CA ALA A 85 -6.55 8.34 -6.52
C ALA A 85 -5.33 9.24 -6.68
N VAL A 86 -4.85 9.36 -7.92
CA VAL A 86 -3.69 10.20 -8.21
C VAL A 86 -4.00 11.67 -7.99
N GLN A 87 -5.22 12.07 -8.33
CA GLN A 87 -5.64 13.46 -8.16
C GLN A 87 -5.16 14.01 -6.83
N GLN A 88 -5.56 13.37 -5.74
CA GLN A 88 -5.18 13.80 -4.41
C GLN A 88 -3.67 14.05 -4.32
N LEU A 89 -2.90 13.19 -4.98
CA LEU A 89 -1.44 13.31 -4.98
C LEU A 89 -1.01 14.63 -5.60
N ARG A 90 -1.54 14.92 -6.79
CA ARG A 90 -1.21 16.15 -7.49
C ARG A 90 -1.79 17.37 -6.77
N LYS A 91 -2.88 17.14 -6.03
CA LYS A 91 -3.53 18.21 -5.29
C LYS A 91 -2.69 18.64 -4.09
N SER A 92 -2.06 17.66 -3.44
CA SER A 92 -1.22 17.94 -2.28
C SER A 92 -0.17 19.00 -2.60
N GLY A 93 0.14 19.84 -1.61
CA GLY A 93 1.12 20.89 -1.81
C GLY A 93 2.54 20.35 -1.80
N LYS A 94 3.04 20.00 -0.63
CA LYS A 94 4.40 19.47 -0.50
C LYS A 94 4.40 18.16 0.26
N ILE A 95 3.64 18.10 1.35
CA ILE A 95 3.56 16.89 2.16
C ILE A 95 2.17 16.26 2.07
N ALA A 96 2.14 14.98 1.70
CA ALA A 96 0.88 14.26 1.57
C ALA A 96 0.79 13.13 2.59
N ALA A 97 -0.44 12.76 2.94
CA ALA A 97 -0.66 11.68 3.92
C ALA A 97 -1.42 10.54 3.28
N ILE A 98 -0.75 9.39 3.16
CA ILE A 98 -1.37 8.21 2.57
C ILE A 98 -1.50 7.09 3.60
N VAL A 99 -2.71 6.54 3.72
CA VAL A 99 -2.97 5.47 4.67
C VAL A 99 -3.14 4.13 3.95
N VAL A 100 -2.07 3.33 3.95
CA VAL A 100 -2.09 2.03 3.29
C VAL A 100 -2.11 0.90 4.32
N LYS A 101 -2.42 -0.30 3.86
CA LYS A 101 -2.47 -1.47 4.73
C LYS A 101 -1.70 -2.64 4.13
N ARG A 102 -0.72 -3.15 4.89
CA ARG A 102 0.09 -4.27 4.43
C ARG A 102 -0.36 -5.57 5.09
N PRO A 103 -0.61 -6.59 4.26
CA PRO A 103 -1.04 -7.91 4.74
C PRO A 103 0.07 -8.65 5.48
N ARG A 104 -0.15 -8.93 6.76
CA ARG A 104 0.82 -9.63 7.57
C ARG A 104 0.33 -11.04 7.93
N LYS A 105 0.52 -11.98 7.01
CA LYS A 105 0.09 -13.36 7.23
C LYS A 105 0.63 -13.89 8.56
N VAL A 106 -0.19 -14.66 9.26
CA VAL A 106 0.20 -15.23 10.55
C VAL A 106 1.44 -16.11 10.39
N GLN A 107 2.61 -15.51 10.57
CA GLN A 107 3.87 -16.24 10.44
C GLN A 107 4.66 -16.17 11.75
N VAL A 108 5.59 -17.10 11.92
CA VAL A 108 6.41 -17.16 13.12
C VAL A 108 7.90 -17.12 12.77
N ALA A 109 8.72 -16.79 13.76
CA ALA A 109 10.17 -16.73 13.55
C ALA A 109 10.73 -18.09 13.16
N PRO A 110 11.56 -18.10 12.11
CA PRO A 110 12.18 -19.33 11.61
C PRO A 110 13.22 -19.89 12.57
N LEU A 111 13.89 -20.96 12.16
CA LEU A 111 14.92 -21.58 12.99
C LEU A 111 16.16 -21.94 12.15
N SER A 112 17.27 -21.29 12.49
CA SER A 112 18.52 -21.54 11.77
C SER A 112 19.67 -21.79 12.74
N GLY A 113 20.77 -22.33 12.23
CA GLY A 113 21.91 -22.62 13.07
C GLY A 113 22.98 -21.54 12.98
N PRO A 114 24.03 -21.67 13.80
CA PRO A 114 25.14 -20.71 13.83
C PRO A 114 26.00 -20.77 12.57
N SER A 115 26.93 -19.83 12.45
CA SER A 115 27.82 -19.78 11.28
C SER A 115 29.22 -19.34 11.69
N SER A 116 30.16 -19.46 10.76
CA SER A 116 31.54 -19.09 11.02
C SER A 116 31.61 -17.82 11.86
N GLY A 117 30.89 -16.79 11.42
CA GLY A 117 30.88 -15.53 12.14
C GLY A 117 30.77 -14.33 11.22
N GLY A 1 -18.52 -16.94 24.12
CA GLY A 1 -19.18 -16.95 22.83
C GLY A 1 -18.37 -17.70 21.79
N SER A 2 -18.67 -18.98 21.62
CA SER A 2 -17.97 -19.81 20.65
C SER A 2 -18.23 -19.33 19.22
N SER A 3 -17.28 -19.56 18.34
CA SER A 3 -17.41 -19.15 16.94
C SER A 3 -17.72 -20.34 16.05
N GLY A 4 -16.85 -21.35 16.08
CA GLY A 4 -17.06 -22.54 15.28
C GLY A 4 -15.78 -23.01 14.63
N SER A 5 -15.92 -23.84 13.59
CA SER A 5 -14.76 -24.38 12.88
C SER A 5 -14.30 -23.43 11.78
N SER A 6 -13.01 -23.18 11.72
CA SER A 6 -12.45 -22.29 10.71
C SER A 6 -12.00 -23.06 9.48
N GLY A 7 -12.33 -22.53 8.30
CA GLY A 7 -11.97 -23.19 7.06
C GLY A 7 -10.52 -22.92 6.67
N MET A 8 -10.28 -21.76 6.07
CA MET A 8 -8.93 -21.40 5.65
C MET A 8 -8.26 -20.50 6.69
N GLU A 9 -6.98 -20.23 6.49
CA GLU A 9 -6.22 -19.39 7.41
C GLU A 9 -6.71 -17.94 7.34
N GLU A 10 -6.09 -17.07 8.15
CA GLU A 10 -6.46 -15.66 8.17
C GLU A 10 -5.23 -14.78 8.07
N VAL A 11 -5.44 -13.47 8.15
CA VAL A 11 -4.34 -12.50 8.06
C VAL A 11 -4.71 -11.19 8.72
N ILE A 12 -3.73 -10.58 9.41
CA ILE A 12 -3.96 -9.32 10.10
C ILE A 12 -3.44 -8.15 9.26
N TRP A 13 -4.36 -7.45 8.60
CA TRP A 13 -4.00 -6.30 7.77
C TRP A 13 -3.75 -5.07 8.62
N GLU A 14 -2.48 -4.70 8.78
CA GLU A 14 -2.11 -3.54 9.57
C GLU A 14 -1.95 -2.30 8.69
N GLN A 15 -2.36 -1.16 9.21
CA GLN A 15 -2.26 0.10 8.47
C GLN A 15 -0.96 0.82 8.80
N TYR A 16 -0.51 1.68 7.88
CA TYR A 16 0.72 2.44 8.08
C TYR A 16 0.58 3.85 7.53
N THR A 17 0.53 4.82 8.43
CA THR A 17 0.40 6.23 8.04
C THR A 17 1.77 6.90 7.93
N VAL A 18 2.20 7.14 6.70
CA VAL A 18 3.49 7.77 6.45
C VAL A 18 3.34 9.03 5.60
N THR A 19 4.19 10.01 5.83
CA THR A 19 4.15 11.26 5.08
C THR A 19 5.30 11.35 4.09
N LEU A 20 4.99 11.70 2.85
CA LEU A 20 6.00 11.83 1.81
C LEU A 20 6.23 13.29 1.44
N GLN A 21 7.38 13.57 0.85
CA GLN A 21 7.73 14.94 0.46
C GLN A 21 7.86 15.04 -1.06
N LYS A 22 7.23 16.05 -1.64
CA LYS A 22 7.27 16.27 -3.08
C LYS A 22 8.68 16.64 -3.53
N ASP A 23 9.49 15.65 -3.85
CA ASP A 23 10.86 15.88 -4.29
C ASP A 23 10.88 16.82 -5.49
N SER A 24 12.07 17.02 -6.06
CA SER A 24 12.23 17.90 -7.20
C SER A 24 11.22 17.56 -8.29
N LYS A 25 11.43 16.43 -8.96
CA LYS A 25 10.54 15.98 -10.02
C LYS A 25 9.78 14.73 -9.61
N ARG A 26 10.43 13.87 -8.85
CA ARG A 26 9.80 12.63 -8.38
C ARG A 26 9.02 12.87 -7.10
N GLY A 27 8.35 14.02 -7.02
CA GLY A 27 7.57 14.35 -5.85
C GLY A 27 7.59 13.25 -4.80
N PHE A 28 6.50 12.50 -4.70
CA PHE A 28 6.40 11.41 -3.73
C PHE A 28 7.01 10.13 -4.30
N GLY A 29 7.55 10.22 -5.51
CA GLY A 29 8.16 9.07 -6.15
C GLY A 29 7.32 7.81 -5.99
N ILE A 30 6.06 7.88 -6.41
CA ILE A 30 5.16 6.74 -6.31
C ILE A 30 4.21 6.69 -7.51
N ALA A 31 3.82 5.48 -7.90
CA ALA A 31 2.91 5.29 -9.02
C ALA A 31 1.77 4.34 -8.66
N VAL A 32 0.57 4.67 -9.10
CA VAL A 32 -0.60 3.85 -8.82
C VAL A 32 -1.03 3.07 -10.07
N SER A 33 -1.48 1.84 -9.86
CA SER A 33 -1.92 0.98 -10.96
C SER A 33 -3.25 0.31 -10.62
N GLY A 34 -4.10 0.16 -11.63
CA GLY A 34 -5.40 -0.47 -11.43
C GLY A 34 -6.51 0.54 -11.24
N GLY A 35 -7.60 0.11 -10.62
CA GLY A 35 -8.73 0.99 -10.38
C GLY A 35 -10.02 0.24 -10.17
N ARG A 36 -11.05 0.96 -9.75
CA ARG A 36 -12.35 0.35 -9.50
C ARG A 36 -12.95 -0.23 -10.80
N ASP A 37 -12.77 0.50 -11.89
CA ASP A 37 -13.28 0.06 -13.19
C ASP A 37 -12.18 -0.60 -14.00
N ASN A 38 -10.93 -0.43 -13.57
CA ASN A 38 -9.79 -1.00 -14.26
C ASN A 38 -8.86 -1.71 -13.28
N PRO A 39 -9.39 -2.70 -12.56
CA PRO A 39 -8.62 -3.47 -11.58
C PRO A 39 -7.59 -4.38 -12.23
N HIS A 40 -6.46 -3.79 -12.63
CA HIS A 40 -5.39 -4.54 -13.26
C HIS A 40 -5.07 -5.81 -12.48
N PHE A 41 -5.02 -5.70 -11.16
CA PHE A 41 -4.73 -6.84 -10.30
C PHE A 41 -5.36 -8.11 -10.86
N GLU A 42 -4.54 -8.91 -11.54
CA GLU A 42 -5.02 -10.16 -12.14
C GLU A 42 -6.09 -10.79 -11.26
N ASN A 43 -5.95 -10.65 -9.95
CA ASN A 43 -6.91 -11.21 -9.01
C ASN A 43 -8.28 -10.56 -9.18
N GLY A 44 -8.33 -9.25 -9.04
CA GLY A 44 -9.60 -8.53 -9.18
C GLY A 44 -9.88 -7.61 -8.01
N GLU A 45 -8.82 -7.08 -7.41
CA GLU A 45 -8.95 -6.17 -6.28
C GLU A 45 -9.13 -4.73 -6.74
N THR A 46 -10.29 -4.15 -6.44
CA THR A 46 -10.58 -2.78 -6.84
C THR A 46 -10.04 -1.79 -5.81
N SER A 47 -8.79 -2.00 -5.41
CA SER A 47 -8.15 -1.12 -4.44
C SER A 47 -6.82 -0.58 -4.97
N ILE A 48 -6.74 0.73 -5.14
CA ILE A 48 -5.54 1.36 -5.65
C ILE A 48 -4.31 0.91 -4.88
N VAL A 49 -3.24 0.61 -5.60
CA VAL A 49 -2.00 0.16 -4.98
C VAL A 49 -0.78 0.81 -5.65
N ILE A 50 0.27 1.01 -4.88
CA ILE A 50 1.50 1.62 -5.39
C ILE A 50 2.37 0.58 -6.10
N SER A 51 2.29 0.54 -7.42
CA SER A 51 3.07 -0.39 -8.21
C SER A 51 4.43 0.19 -8.57
N ASP A 52 4.85 1.21 -7.82
CA ASP A 52 6.12 1.86 -8.06
C ASP A 52 6.56 2.67 -6.85
N VAL A 53 7.74 2.36 -6.32
CA VAL A 53 8.27 3.06 -5.16
C VAL A 53 9.74 3.42 -5.35
N LEU A 54 9.99 4.63 -5.82
CA LEU A 54 11.35 5.10 -6.06
C LEU A 54 12.28 4.62 -4.95
N PRO A 55 13.22 3.73 -5.32
CA PRO A 55 14.19 3.17 -4.37
C PRO A 55 15.22 4.21 -3.93
N GLY A 56 15.20 5.37 -4.56
CA GLY A 56 16.13 6.43 -4.21
C GLY A 56 15.44 7.74 -3.93
N GLY A 57 14.12 7.69 -3.74
CA GLY A 57 13.36 8.89 -3.46
C GLY A 57 12.80 8.91 -2.05
N PRO A 58 11.78 9.76 -1.83
CA PRO A 58 11.14 9.89 -0.52
C PRO A 58 10.33 8.66 -0.14
N ALA A 59 9.72 8.04 -1.14
CA ALA A 59 8.91 6.85 -0.91
C ALA A 59 9.76 5.69 -0.42
N ASP A 60 10.98 5.59 -0.95
CA ASP A 60 11.89 4.53 -0.56
C ASP A 60 11.99 4.41 0.96
N GLY A 61 11.10 3.60 1.53
CA GLY A 61 11.11 3.42 2.98
C GLY A 61 9.75 3.71 3.59
N LEU A 62 9.19 4.87 3.27
CA LEU A 62 7.89 5.27 3.81
C LEU A 62 6.80 4.32 3.32
N LEU A 63 6.77 4.09 2.01
CA LEU A 63 5.77 3.21 1.42
C LEU A 63 6.44 2.03 0.72
N GLN A 64 5.63 1.06 0.29
CA GLN A 64 6.14 -0.12 -0.40
C GLN A 64 5.26 -0.48 -1.59
N GLU A 65 5.75 -1.37 -2.44
CA GLU A 65 5.01 -1.80 -3.62
C GLU A 65 3.80 -2.63 -3.22
N ASN A 66 2.65 -2.33 -3.84
CA ASN A 66 1.42 -3.05 -3.55
C ASN A 66 0.88 -2.66 -2.18
N ASP A 67 1.00 -1.38 -1.85
CA ASP A 67 0.51 -0.87 -0.57
C ASP A 67 -0.98 -0.54 -0.65
N ARG A 68 -1.81 -1.54 -0.43
CA ARG A 68 -3.26 -1.37 -0.49
C ARG A 68 -3.65 -0.01 0.08
N VAL A 69 -3.89 0.96 -0.80
CA VAL A 69 -4.27 2.30 -0.39
C VAL A 69 -5.69 2.32 0.17
N VAL A 70 -5.90 3.11 1.22
CA VAL A 70 -7.21 3.22 1.84
C VAL A 70 -7.69 4.66 1.87
N MET A 71 -6.87 5.54 2.41
CA MET A 71 -7.21 6.96 2.50
C MET A 71 -6.02 7.83 2.12
N VAL A 72 -6.30 9.01 1.59
CA VAL A 72 -5.24 9.94 1.20
C VAL A 72 -5.62 11.38 1.52
N ASN A 73 -4.99 11.95 2.54
CA ASN A 73 -5.26 13.33 2.94
C ASN A 73 -6.74 13.50 3.32
N GLY A 74 -7.36 12.40 3.74
CA GLY A 74 -8.75 12.44 4.13
C GLY A 74 -9.69 12.08 2.99
N THR A 75 -9.17 11.34 2.01
CA THR A 75 -9.95 10.93 0.86
C THR A 75 -9.91 9.42 0.68
N PRO A 76 -11.11 8.80 0.60
CA PRO A 76 -11.23 7.35 0.43
C PRO A 76 -10.80 6.90 -0.96
N MET A 77 -9.85 5.97 -0.99
CA MET A 77 -9.34 5.44 -2.25
C MET A 77 -9.87 4.04 -2.51
N GLU A 78 -10.90 3.65 -1.77
CA GLU A 78 -11.51 2.34 -1.92
C GLU A 78 -12.61 2.36 -2.98
N ASP A 79 -12.44 1.59 -4.04
CA ASP A 79 -13.42 1.52 -5.11
C ASP A 79 -13.50 2.85 -5.86
N VAL A 80 -12.33 3.42 -6.16
CA VAL A 80 -12.27 4.68 -6.87
C VAL A 80 -11.47 4.55 -8.16
N LEU A 81 -11.61 5.54 -9.05
CA LEU A 81 -10.90 5.52 -10.32
C LEU A 81 -9.45 5.93 -10.13
N HIS A 82 -8.56 5.27 -10.86
CA HIS A 82 -7.13 5.56 -10.79
C HIS A 82 -6.89 7.07 -10.74
N SER A 83 -7.54 7.80 -11.64
CA SER A 83 -7.39 9.24 -11.71
C SER A 83 -7.75 9.89 -10.38
N PHE A 84 -8.84 9.44 -9.78
CA PHE A 84 -9.28 9.96 -8.49
C PHE A 84 -8.22 9.76 -7.41
N ALA A 85 -7.51 8.63 -7.50
CA ALA A 85 -6.46 8.32 -6.54
C ALA A 85 -5.28 9.26 -6.69
N VAL A 86 -4.76 9.36 -7.91
CA VAL A 86 -3.63 10.23 -8.19
C VAL A 86 -3.97 11.69 -7.95
N GLN A 87 -5.19 12.08 -8.33
CA GLN A 87 -5.65 13.44 -8.16
C GLN A 87 -5.19 14.01 -6.82
N GLN A 88 -5.58 13.34 -5.73
CA GLN A 88 -5.20 13.79 -4.40
C GLN A 88 -3.71 14.05 -4.31
N LEU A 89 -2.92 13.18 -4.93
CA LEU A 89 -1.47 13.32 -4.93
C LEU A 89 -1.04 14.65 -5.55
N ARG A 90 -1.53 14.91 -6.76
CA ARG A 90 -1.21 16.14 -7.46
C ARG A 90 -1.77 17.35 -6.73
N LYS A 91 -2.89 17.15 -6.04
CA LYS A 91 -3.53 18.22 -5.30
C LYS A 91 -2.72 18.59 -4.06
N SER A 92 -2.01 17.61 -3.51
CA SER A 92 -1.20 17.83 -2.32
C SER A 92 -0.08 18.83 -2.61
N GLY A 93 0.04 19.82 -1.73
CA GLY A 93 1.07 20.83 -1.90
C GLY A 93 2.47 20.23 -2.00
N LYS A 94 3.07 19.96 -0.85
CA LYS A 94 4.41 19.39 -0.81
C LYS A 94 4.42 18.09 0.00
N ILE A 95 3.63 18.05 1.06
CA ILE A 95 3.54 16.88 1.91
C ILE A 95 2.17 16.22 1.81
N ALA A 96 2.16 14.90 1.68
CA ALA A 96 0.91 14.15 1.57
C ALA A 96 0.83 13.07 2.64
N ALA A 97 -0.39 12.73 3.05
CA ALA A 97 -0.60 11.71 4.07
C ALA A 97 -1.45 10.56 3.52
N ILE A 98 -0.81 9.42 3.29
CA ILE A 98 -1.51 8.26 2.77
C ILE A 98 -1.62 7.16 3.82
N VAL A 99 -2.75 6.46 3.84
CA VAL A 99 -2.96 5.39 4.80
C VAL A 99 -3.17 4.06 4.09
N VAL A 100 -2.11 3.26 4.03
CA VAL A 100 -2.17 1.95 3.38
C VAL A 100 -2.32 0.83 4.41
N LYS A 101 -2.35 -0.40 3.92
CA LYS A 101 -2.49 -1.56 4.80
C LYS A 101 -1.73 -2.76 4.23
N ARG A 102 -0.92 -3.40 5.08
CA ARG A 102 -0.14 -4.55 4.67
C ARG A 102 -0.66 -5.82 5.33
N PRO A 103 -0.75 -6.91 4.55
CA PRO A 103 -1.23 -8.21 5.04
C PRO A 103 -0.25 -8.86 6.01
N ARG A 104 -0.66 -8.98 7.26
CA ARG A 104 0.18 -9.58 8.29
C ARG A 104 -0.34 -10.96 8.67
N LYS A 105 0.00 -11.96 7.87
CA LYS A 105 -0.43 -13.32 8.12
C LYS A 105 -0.24 -13.70 9.58
N VAL A 106 -1.21 -14.43 10.14
CA VAL A 106 -1.14 -14.85 11.53
C VAL A 106 -0.11 -15.96 11.72
N GLN A 107 0.91 -15.69 12.53
CA GLN A 107 1.95 -16.66 12.80
C GLN A 107 2.83 -16.21 13.96
N VAL A 108 3.79 -17.06 14.34
CA VAL A 108 4.69 -16.74 15.45
C VAL A 108 5.74 -15.72 15.03
N ALA A 109 6.55 -15.29 15.99
CA ALA A 109 7.60 -14.31 15.72
C ALA A 109 8.95 -14.99 15.51
N PRO A 110 9.85 -14.31 14.79
CA PRO A 110 11.19 -14.83 14.50
C PRO A 110 12.07 -14.88 15.75
N LEU A 111 12.91 -15.91 15.84
CA LEU A 111 13.80 -16.07 16.97
C LEU A 111 15.17 -15.45 16.69
N SER A 112 15.43 -14.29 17.30
CA SER A 112 16.70 -13.60 17.10
C SER A 112 17.87 -14.58 17.17
N GLY A 113 18.92 -14.30 16.40
CA GLY A 113 20.09 -15.16 16.39
C GLY A 113 21.28 -14.50 15.73
N PRO A 114 22.49 -14.93 16.14
CA PRO A 114 23.74 -14.39 15.60
C PRO A 114 23.98 -14.81 14.15
N SER A 115 24.85 -14.08 13.47
CA SER A 115 25.17 -14.38 12.07
C SER A 115 26.65 -14.68 11.90
N SER A 116 26.96 -15.82 11.29
CA SER A 116 28.35 -16.22 11.07
C SER A 116 28.87 -15.65 9.74
N GLY A 117 28.11 -15.85 8.67
CA GLY A 117 28.51 -15.34 7.37
C GLY A 117 27.79 -14.06 7.00
N GLY A 1 -25.23 -23.26 1.01
CA GLY A 1 -24.03 -22.66 1.57
C GLY A 1 -22.82 -23.57 1.45
N SER A 2 -21.94 -23.52 2.45
CA SER A 2 -20.74 -24.34 2.46
C SER A 2 -20.65 -25.19 3.73
N SER A 3 -19.73 -26.14 3.73
CA SER A 3 -19.54 -27.01 4.87
C SER A 3 -18.84 -26.27 6.02
N GLY A 4 -19.53 -26.13 7.14
CA GLY A 4 -18.96 -25.45 8.29
C GLY A 4 -17.65 -26.08 8.74
N SER A 5 -16.54 -25.48 8.32
CA SER A 5 -15.23 -25.98 8.68
C SER A 5 -14.13 -25.01 8.24
N SER A 6 -13.21 -24.70 9.15
CA SER A 6 -12.13 -23.78 8.86
C SER A 6 -11.08 -24.44 7.96
N GLY A 7 -10.96 -23.93 6.73
CA GLY A 7 -10.00 -24.48 5.80
C GLY A 7 -8.87 -23.52 5.49
N MET A 8 -9.17 -22.50 4.68
CA MET A 8 -8.18 -21.51 4.30
C MET A 8 -7.60 -20.82 5.53
N GLU A 9 -6.60 -19.98 5.32
CA GLU A 9 -5.95 -19.26 6.41
C GLU A 9 -6.41 -17.80 6.46
N GLU A 10 -5.93 -17.07 7.45
CA GLU A 10 -6.30 -15.66 7.61
C GLU A 10 -5.09 -14.76 7.39
N VAL A 11 -5.31 -13.46 7.50
CA VAL A 11 -4.24 -12.49 7.32
C VAL A 11 -4.50 -11.21 8.13
N ILE A 12 -3.44 -10.63 8.66
CA ILE A 12 -3.55 -9.42 9.45
C ILE A 12 -3.11 -8.19 8.65
N TRP A 13 -4.09 -7.41 8.18
CA TRP A 13 -3.80 -6.22 7.40
C TRP A 13 -3.39 -5.06 8.30
N GLU A 14 -2.11 -4.70 8.26
CA GLU A 14 -1.60 -3.61 9.08
C GLU A 14 -1.57 -2.30 8.28
N GLN A 15 -2.03 -1.23 8.92
CA GLN A 15 -2.06 0.08 8.28
C GLN A 15 -0.80 0.89 8.63
N TYR A 16 -0.26 1.56 7.63
CA TYR A 16 0.94 2.37 7.81
C TYR A 16 0.71 3.81 7.37
N THR A 17 0.68 4.72 8.34
CA THR A 17 0.47 6.13 8.05
C THR A 17 1.80 6.89 7.99
N VAL A 18 2.25 7.20 6.78
CA VAL A 18 3.49 7.93 6.59
C VAL A 18 3.28 9.16 5.71
N THR A 19 4.16 10.14 5.87
CA THR A 19 4.08 11.37 5.09
C THR A 19 5.22 11.47 4.09
N LEU A 20 4.89 11.82 2.85
CA LEU A 20 5.89 11.96 1.80
C LEU A 20 6.09 13.41 1.41
N GLN A 21 7.30 13.75 0.97
CA GLN A 21 7.61 15.11 0.57
C GLN A 21 7.66 15.24 -0.95
N LYS A 22 6.86 16.15 -1.49
CA LYS A 22 6.81 16.36 -2.94
C LYS A 22 8.19 16.73 -3.47
N ASP A 23 8.94 15.72 -3.89
CA ASP A 23 10.29 15.94 -4.43
C ASP A 23 10.22 16.80 -5.69
N SER A 24 11.40 17.17 -6.20
CA SER A 24 11.48 18.00 -7.40
C SER A 24 10.52 17.50 -8.48
N LYS A 25 10.77 16.29 -8.97
CA LYS A 25 9.93 15.70 -10.00
C LYS A 25 9.17 14.50 -9.45
N ARG A 26 9.83 13.70 -8.62
CA ARG A 26 9.20 12.52 -8.02
C ARG A 26 8.45 12.90 -6.75
N GLY A 27 7.62 13.93 -6.84
CA GLY A 27 6.86 14.38 -5.68
C GLY A 27 6.82 13.33 -4.58
N PHE A 28 6.06 12.27 -4.80
CA PHE A 28 5.94 11.20 -3.82
C PHE A 28 6.57 9.91 -4.34
N GLY A 29 7.28 10.02 -5.45
CA GLY A 29 7.92 8.84 -6.04
C GLY A 29 7.09 7.59 -5.88
N ILE A 30 5.86 7.63 -6.37
CA ILE A 30 4.96 6.49 -6.29
C ILE A 30 4.06 6.39 -7.52
N ALA A 31 3.78 5.17 -7.95
CA ALA A 31 2.93 4.95 -9.11
C ALA A 31 1.78 4.01 -8.78
N VAL A 32 0.57 4.46 -9.03
CA VAL A 32 -0.62 3.66 -8.76
C VAL A 32 -1.10 2.93 -10.01
N SER A 33 -1.75 1.79 -9.81
CA SER A 33 -2.25 0.99 -10.92
C SER A 33 -3.54 0.27 -10.54
N GLY A 34 -4.47 0.20 -11.49
CA GLY A 34 -5.74 -0.46 -11.23
C GLY A 34 -6.91 0.50 -11.32
N GLY A 35 -7.99 0.18 -10.60
CA GLY A 35 -9.16 1.03 -10.61
C GLY A 35 -10.44 0.24 -10.45
N ARG A 36 -11.48 0.88 -9.90
CA ARG A 36 -12.76 0.23 -9.69
C ARG A 36 -13.40 -0.15 -11.02
N ASP A 37 -12.96 0.51 -12.09
CA ASP A 37 -13.49 0.25 -13.43
C ASP A 37 -12.45 -0.44 -14.30
N ASN A 38 -11.19 -0.29 -13.92
CA ASN A 38 -10.09 -0.90 -14.68
C ASN A 38 -9.11 -1.60 -13.75
N PRO A 39 -9.64 -2.56 -12.96
CA PRO A 39 -8.82 -3.33 -12.01
C PRO A 39 -7.85 -4.29 -12.72
N HIS A 40 -6.66 -3.79 -13.02
CA HIS A 40 -5.64 -4.61 -13.69
C HIS A 40 -5.29 -5.83 -12.85
N PHE A 41 -5.19 -5.64 -11.54
CA PHE A 41 -4.85 -6.73 -10.63
C PHE A 41 -5.39 -8.06 -11.16
N GLU A 42 -4.49 -8.87 -11.69
CA GLU A 42 -4.87 -10.18 -12.24
C GLU A 42 -6.09 -10.74 -11.51
N ASN A 43 -6.00 -10.80 -10.19
CA ASN A 43 -7.09 -11.33 -9.37
C ASN A 43 -8.40 -10.59 -9.68
N GLY A 44 -8.39 -9.28 -9.45
CA GLY A 44 -9.59 -8.48 -9.70
C GLY A 44 -9.88 -7.50 -8.59
N GLU A 45 -8.83 -7.05 -7.91
CA GLU A 45 -8.98 -6.11 -6.80
C GLU A 45 -9.35 -4.72 -7.33
N THR A 46 -10.39 -4.13 -6.72
CA THR A 46 -10.85 -2.82 -7.13
C THR A 46 -10.34 -1.74 -6.17
N SER A 47 -9.04 -1.77 -5.90
CA SER A 47 -8.42 -0.80 -5.01
C SER A 47 -7.18 -0.19 -5.64
N ILE A 48 -6.66 0.87 -5.02
CA ILE A 48 -5.47 1.55 -5.52
C ILE A 48 -4.23 1.12 -4.76
N VAL A 49 -3.35 0.39 -5.44
CA VAL A 49 -2.11 -0.09 -4.81
C VAL A 49 -0.89 0.54 -5.47
N ILE A 50 0.17 0.71 -4.69
CA ILE A 50 1.40 1.30 -5.19
C ILE A 50 2.27 0.26 -5.89
N SER A 51 2.28 0.30 -7.21
CA SER A 51 3.06 -0.65 -8.00
C SER A 51 4.43 -0.06 -8.35
N ASP A 52 4.82 0.99 -7.62
CA ASP A 52 6.09 1.64 -7.85
C ASP A 52 6.49 2.52 -6.67
N VAL A 53 7.66 2.26 -6.11
CA VAL A 53 8.15 3.02 -4.96
C VAL A 53 9.62 3.41 -5.14
N LEU A 54 9.84 4.61 -5.68
CA LEU A 54 11.20 5.10 -5.91
C LEU A 54 12.15 4.57 -4.84
N PRO A 55 13.11 3.75 -5.28
CA PRO A 55 14.11 3.16 -4.38
C PRO A 55 15.10 4.19 -3.85
N GLY A 56 15.06 5.39 -4.41
CA GLY A 56 15.95 6.45 -3.99
C GLY A 56 15.24 7.79 -3.83
N GLY A 57 13.98 7.74 -3.39
CA GLY A 57 13.22 8.96 -3.22
C GLY A 57 12.58 9.04 -1.83
N PRO A 58 11.53 9.86 -1.72
CA PRO A 58 10.80 10.05 -0.46
C PRO A 58 10.02 8.81 -0.05
N ALA A 59 9.47 8.11 -1.04
CA ALA A 59 8.69 6.91 -0.78
C ALA A 59 9.58 5.79 -0.25
N ASP A 60 10.79 5.70 -0.77
CA ASP A 60 11.73 4.67 -0.36
C ASP A 60 11.85 4.62 1.17
N GLY A 61 11.00 3.79 1.78
CA GLY A 61 11.01 3.66 3.22
C GLY A 61 9.66 3.94 3.85
N LEU A 62 9.08 5.09 3.48
CA LEU A 62 7.78 5.47 4.02
C LEU A 62 6.68 4.53 3.52
N LEU A 63 6.72 4.23 2.23
CA LEU A 63 5.73 3.33 1.63
C LEU A 63 6.41 2.18 0.91
N GLN A 64 5.63 1.15 0.57
CA GLN A 64 6.16 -0.02 -0.13
C GLN A 64 5.20 -0.48 -1.22
N GLU A 65 5.71 -1.30 -2.14
CA GLU A 65 4.89 -1.80 -3.24
C GLU A 65 3.74 -2.64 -2.72
N ASN A 66 2.59 -2.50 -3.36
CA ASN A 66 1.39 -3.24 -2.96
C ASN A 66 0.79 -2.65 -1.68
N ASP A 67 1.01 -1.36 -1.47
CA ASP A 67 0.49 -0.69 -0.29
C ASP A 67 -0.98 -0.32 -0.48
N ARG A 68 -1.86 -1.31 -0.34
CA ARG A 68 -3.29 -1.09 -0.50
C ARG A 68 -3.70 0.27 0.04
N VAL A 69 -3.88 1.23 -0.86
CA VAL A 69 -4.27 2.58 -0.47
C VAL A 69 -5.68 2.60 0.09
N VAL A 70 -5.85 3.20 1.27
CA VAL A 70 -7.15 3.30 1.91
C VAL A 70 -7.67 4.73 1.91
N MET A 71 -6.90 5.63 2.54
CA MET A 71 -7.28 7.03 2.62
C MET A 71 -6.09 7.93 2.30
N VAL A 72 -6.37 9.13 1.80
CA VAL A 72 -5.33 10.08 1.46
C VAL A 72 -5.71 11.49 1.88
N ASN A 73 -5.09 11.97 2.95
CA ASN A 73 -5.38 13.32 3.46
C ASN A 73 -6.87 13.50 3.71
N GLY A 74 -7.53 12.42 4.16
CA GLY A 74 -8.94 12.50 4.44
C GLY A 74 -9.79 12.19 3.21
N THR A 75 -9.20 11.47 2.26
CA THR A 75 -9.91 11.11 1.03
C THR A 75 -9.94 9.60 0.84
N PRO A 76 -11.15 9.04 0.70
CA PRO A 76 -11.34 7.60 0.49
C PRO A 76 -10.85 7.14 -0.87
N MET A 77 -9.96 6.14 -0.87
CA MET A 77 -9.42 5.60 -2.11
C MET A 77 -9.97 4.21 -2.38
N GLU A 78 -11.04 3.85 -1.68
CA GLU A 78 -11.67 2.55 -1.85
C GLU A 78 -12.78 2.61 -2.89
N ASP A 79 -12.67 1.78 -3.92
CA ASP A 79 -13.66 1.73 -4.98
C ASP A 79 -13.70 3.06 -5.75
N VAL A 80 -12.52 3.58 -6.06
CA VAL A 80 -12.41 4.84 -6.79
C VAL A 80 -11.68 4.66 -8.11
N LEU A 81 -11.61 5.72 -8.90
CA LEU A 81 -10.93 5.67 -10.19
C LEU A 81 -9.44 5.95 -10.04
N HIS A 82 -8.63 5.25 -10.82
CA HIS A 82 -7.19 5.42 -10.77
C HIS A 82 -6.81 6.90 -10.80
N SER A 83 -7.52 7.67 -11.63
CA SER A 83 -7.25 9.09 -11.76
C SER A 83 -7.61 9.83 -10.47
N PHE A 84 -8.63 9.33 -9.78
CA PHE A 84 -9.08 9.94 -8.53
C PHE A 84 -8.03 9.78 -7.44
N ALA A 85 -7.40 8.61 -7.40
CA ALA A 85 -6.37 8.33 -6.41
C ALA A 85 -5.16 9.23 -6.59
N VAL A 86 -4.71 9.36 -7.84
CA VAL A 86 -3.56 10.21 -8.15
C VAL A 86 -3.90 11.68 -7.95
N GLN A 87 -5.08 12.09 -8.39
CA GLN A 87 -5.52 13.47 -8.25
C GLN A 87 -5.10 14.04 -6.90
N GLN A 88 -5.55 13.40 -5.84
CA GLN A 88 -5.23 13.86 -4.49
C GLN A 88 -3.74 14.10 -4.34
N LEU A 89 -2.93 13.19 -4.91
CA LEU A 89 -1.48 13.31 -4.84
C LEU A 89 -1.00 14.58 -5.52
N ARG A 90 -1.42 14.78 -6.76
CA ARG A 90 -1.03 15.96 -7.53
C ARG A 90 -1.64 17.22 -6.92
N LYS A 91 -2.72 17.04 -6.17
CA LYS A 91 -3.40 18.17 -5.54
C LYS A 91 -2.69 18.58 -4.25
N SER A 92 -2.14 17.59 -3.55
CA SER A 92 -1.43 17.84 -2.30
C SER A 92 -0.30 18.86 -2.51
N GLY A 93 -0.33 19.94 -1.73
CA GLY A 93 0.69 20.96 -1.85
C GLY A 93 2.08 20.38 -1.94
N LYS A 94 2.65 20.01 -0.80
CA LYS A 94 3.99 19.43 -0.76
C LYS A 94 4.00 18.14 0.07
N ILE A 95 3.43 18.20 1.26
CA ILE A 95 3.37 17.04 2.14
C ILE A 95 1.99 16.41 2.13
N ALA A 96 1.94 15.08 2.01
CA ALA A 96 0.68 14.36 1.98
C ALA A 96 0.71 13.18 2.95
N ALA A 97 -0.46 12.80 3.45
CA ALA A 97 -0.56 11.68 4.39
C ALA A 97 -1.42 10.56 3.80
N ILE A 98 -0.77 9.49 3.37
CA ILE A 98 -1.47 8.35 2.80
C ILE A 98 -1.57 7.21 3.79
N VAL A 99 -2.74 6.57 3.87
CA VAL A 99 -2.96 5.46 4.77
C VAL A 99 -3.16 4.15 4.01
N VAL A 100 -2.09 3.37 3.90
CA VAL A 100 -2.14 2.09 3.20
C VAL A 100 -2.13 0.93 4.19
N LYS A 101 -2.69 -0.20 3.75
CA LYS A 101 -2.73 -1.40 4.59
C LYS A 101 -2.06 -2.58 3.90
N ARG A 102 -1.09 -3.17 4.57
CA ARG A 102 -0.36 -4.31 4.01
C ARG A 102 -0.77 -5.61 4.71
N PRO A 103 -1.02 -6.66 3.91
CA PRO A 103 -1.42 -7.97 4.43
C PRO A 103 -0.28 -8.68 5.17
N ARG A 104 -0.48 -8.88 6.48
CA ARG A 104 0.53 -9.54 7.30
C ARG A 104 0.12 -10.97 7.60
N LYS A 105 0.18 -11.83 6.58
CA LYS A 105 -0.18 -13.23 6.74
C LYS A 105 0.20 -13.75 8.12
N VAL A 106 -0.71 -14.47 8.76
CA VAL A 106 -0.46 -15.02 10.09
C VAL A 106 0.60 -16.11 10.04
N GLN A 107 1.77 -15.81 10.60
CA GLN A 107 2.86 -16.77 10.62
C GLN A 107 2.93 -17.50 11.96
N VAL A 108 3.50 -18.71 11.95
CA VAL A 108 3.61 -19.51 13.16
C VAL A 108 4.77 -19.02 14.02
N ALA A 109 4.72 -19.37 15.31
CA ALA A 109 5.76 -18.97 16.24
C ALA A 109 6.77 -20.09 16.44
N PRO A 110 8.07 -19.75 16.37
CA PRO A 110 9.16 -20.71 16.55
C PRO A 110 9.27 -21.21 17.98
N LEU A 111 9.73 -22.45 18.14
CA LEU A 111 9.88 -23.04 19.47
C LEU A 111 11.22 -22.65 20.08
N SER A 112 11.24 -22.52 21.41
CA SER A 112 12.46 -22.15 22.13
C SER A 112 13.03 -23.35 22.88
N GLY A 113 14.34 -23.30 23.14
CA GLY A 113 14.99 -24.39 23.85
C GLY A 113 15.88 -23.89 24.97
N PRO A 114 16.18 -24.78 25.93
CA PRO A 114 17.03 -24.45 27.08
C PRO A 114 18.48 -24.24 26.68
N SER A 115 19.09 -23.18 27.20
CA SER A 115 20.48 -22.87 26.90
C SER A 115 21.18 -22.25 28.11
N SER A 116 22.44 -22.63 28.31
CA SER A 116 23.22 -22.12 29.43
C SER A 116 23.90 -20.81 29.08
N GLY A 117 24.49 -20.75 27.89
CA GLY A 117 25.17 -19.54 27.45
C GLY A 117 26.04 -19.79 26.23
N GLY A 1 -19.36 -27.37 4.46
CA GLY A 1 -18.41 -27.64 5.53
C GLY A 1 -17.74 -29.00 5.38
N SER A 2 -16.44 -29.05 5.64
CA SER A 2 -15.69 -30.29 5.54
C SER A 2 -15.87 -31.15 6.79
N SER A 3 -15.74 -30.52 7.95
CA SER A 3 -15.90 -31.22 9.23
C SER A 3 -14.90 -32.37 9.34
N GLY A 4 -13.71 -32.17 8.76
CA GLY A 4 -12.69 -33.20 8.80
C GLY A 4 -11.32 -32.64 9.12
N SER A 5 -10.60 -32.21 8.08
CA SER A 5 -9.26 -31.66 8.26
C SER A 5 -9.22 -30.21 7.78
N SER A 6 -8.74 -29.33 8.66
CA SER A 6 -8.64 -27.91 8.33
C SER A 6 -7.77 -27.18 9.35
N GLY A 7 -6.81 -26.40 8.86
CA GLY A 7 -5.92 -25.66 9.73
C GLY A 7 -6.33 -24.21 9.87
N MET A 8 -5.37 -23.36 10.25
CA MET A 8 -5.64 -21.94 10.42
C MET A 8 -4.94 -21.12 9.34
N GLU A 9 -5.72 -20.36 8.58
CA GLU A 9 -5.18 -19.53 7.51
C GLU A 9 -5.73 -18.11 7.58
N GLU A 10 -5.02 -17.24 8.28
CA GLU A 10 -5.45 -15.85 8.44
C GLU A 10 -4.28 -14.90 8.24
N VAL A 11 -4.57 -13.61 8.20
CA VAL A 11 -3.53 -12.59 8.02
C VAL A 11 -3.91 -11.30 8.74
N ILE A 12 -2.90 -10.65 9.32
CA ILE A 12 -3.13 -9.39 10.03
C ILE A 12 -2.77 -8.19 9.17
N TRP A 13 -3.80 -7.49 8.69
CA TRP A 13 -3.60 -6.32 7.85
C TRP A 13 -3.30 -5.08 8.69
N GLU A 14 -2.04 -4.67 8.71
CA GLU A 14 -1.63 -3.50 9.48
C GLU A 14 -1.63 -2.25 8.61
N GLN A 15 -2.10 -1.13 9.18
CA GLN A 15 -2.15 0.12 8.45
C GLN A 15 -0.90 0.96 8.71
N TYR A 16 -0.34 1.52 7.64
CA TYR A 16 0.86 2.34 7.76
C TYR A 16 0.61 3.76 7.24
N THR A 17 0.60 4.72 8.16
CA THR A 17 0.38 6.11 7.80
C THR A 17 1.68 6.90 7.81
N VAL A 18 2.25 7.11 6.62
CA VAL A 18 3.50 7.84 6.50
C VAL A 18 3.30 9.10 5.67
N THR A 19 4.17 10.08 5.87
CA THR A 19 4.10 11.35 5.15
C THR A 19 5.26 11.49 4.17
N LEU A 20 4.94 11.80 2.91
CA LEU A 20 5.96 11.95 1.88
C LEU A 20 6.13 13.43 1.52
N GLN A 21 7.33 13.79 1.09
CA GLN A 21 7.63 15.16 0.71
C GLN A 21 7.73 15.30 -0.81
N LYS A 22 6.95 16.23 -1.36
CA LYS A 22 6.95 16.46 -2.80
C LYS A 22 8.35 16.84 -3.29
N ASP A 23 9.10 15.85 -3.73
CA ASP A 23 10.45 16.08 -4.22
C ASP A 23 10.43 16.95 -5.48
N SER A 24 11.60 17.41 -5.90
CA SER A 24 11.71 18.25 -7.08
C SER A 24 10.77 17.77 -8.18
N LYS A 25 11.04 16.57 -8.71
CA LYS A 25 10.22 16.00 -9.76
C LYS A 25 9.45 14.78 -9.25
N ARG A 26 10.14 13.94 -8.47
CA ARG A 26 9.51 12.75 -7.91
C ARG A 26 8.72 13.08 -6.66
N GLY A 27 7.90 14.13 -6.74
CA GLY A 27 7.10 14.53 -5.60
C GLY A 27 7.04 13.46 -4.53
N PHE A 28 6.32 12.38 -4.82
CA PHE A 28 6.17 11.28 -3.87
C PHE A 28 6.82 10.02 -4.40
N GLY A 29 7.49 10.14 -5.55
CA GLY A 29 8.15 9.00 -6.15
C GLY A 29 7.33 7.72 -6.03
N ILE A 30 6.06 7.80 -6.41
CA ILE A 30 5.17 6.65 -6.34
C ILE A 30 4.25 6.60 -7.56
N ALA A 31 3.75 5.41 -7.86
CA ALA A 31 2.86 5.23 -9.01
C ALA A 31 1.71 4.28 -8.65
N VAL A 32 0.50 4.66 -9.03
CA VAL A 32 -0.68 3.84 -8.76
C VAL A 32 -1.16 3.13 -10.02
N SER A 33 -1.77 1.97 -9.83
CA SER A 33 -2.28 1.19 -10.95
C SER A 33 -3.61 0.52 -10.60
N GLY A 34 -4.51 0.48 -11.56
CA GLY A 34 -5.81 -0.13 -11.33
C GLY A 34 -6.96 0.83 -11.55
N GLY A 35 -8.07 0.60 -10.84
CA GLY A 35 -9.23 1.46 -10.98
C GLY A 35 -10.53 0.73 -10.72
N ARG A 36 -11.46 1.40 -10.06
CA ARG A 36 -12.75 0.81 -9.75
C ARG A 36 -13.44 0.31 -11.02
N ASP A 37 -12.93 0.74 -12.17
CA ASP A 37 -13.50 0.34 -13.45
C ASP A 37 -12.46 -0.39 -14.30
N ASN A 38 -11.18 -0.17 -13.98
CA ASN A 38 -10.09 -0.79 -14.71
C ASN A 38 -9.07 -1.40 -13.76
N PRO A 39 -9.53 -2.34 -12.91
CA PRO A 39 -8.68 -3.02 -11.93
C PRO A 39 -7.69 -3.97 -12.59
N HIS A 40 -6.60 -3.41 -13.12
CA HIS A 40 -5.57 -4.21 -13.78
C HIS A 40 -5.29 -5.49 -12.99
N PHE A 41 -5.15 -5.35 -11.67
CA PHE A 41 -4.88 -6.49 -10.81
C PHE A 41 -5.56 -7.75 -11.34
N GLU A 42 -4.77 -8.59 -12.00
CA GLU A 42 -5.29 -9.83 -12.57
C GLU A 42 -6.40 -10.41 -11.68
N ASN A 43 -6.08 -10.59 -10.40
CA ASN A 43 -7.04 -11.13 -9.45
C ASN A 43 -8.32 -10.29 -9.42
N GLY A 44 -8.18 -9.01 -9.12
CA GLY A 44 -9.32 -8.12 -9.07
C GLY A 44 -9.41 -7.36 -7.76
N GLU A 45 -8.58 -6.33 -7.61
CA GLU A 45 -8.57 -5.53 -6.39
C GLU A 45 -8.60 -4.04 -6.73
N THR A 46 -9.79 -3.54 -7.01
CA THR A 46 -9.95 -2.13 -7.35
C THR A 46 -9.12 -1.24 -6.43
N SER A 47 -9.05 -1.62 -5.16
CA SER A 47 -8.29 -0.86 -4.18
C SER A 47 -6.97 -0.37 -4.78
N ILE A 48 -6.85 0.94 -4.95
CA ILE A 48 -5.64 1.53 -5.52
C ILE A 48 -4.41 1.08 -4.75
N VAL A 49 -3.43 0.55 -5.48
CA VAL A 49 -2.19 0.08 -4.87
C VAL A 49 -0.97 0.71 -5.54
N ILE A 50 0.11 0.84 -4.77
CA ILE A 50 1.33 1.44 -5.29
C ILE A 50 2.20 0.39 -5.99
N SER A 51 2.19 0.43 -7.32
CA SER A 51 2.96 -0.52 -8.12
C SER A 51 4.33 0.07 -8.49
N ASP A 52 4.73 1.10 -7.75
CA ASP A 52 6.02 1.75 -8.00
C ASP A 52 6.45 2.58 -6.79
N VAL A 53 7.63 2.27 -6.25
CA VAL A 53 8.15 2.99 -5.10
C VAL A 53 9.63 3.34 -5.29
N LEU A 54 9.88 4.54 -5.81
CA LEU A 54 11.25 4.99 -6.04
C LEU A 54 12.17 4.50 -4.94
N PRO A 55 13.12 3.63 -5.30
CA PRO A 55 14.10 3.07 -4.36
C PRO A 55 15.11 4.11 -3.89
N GLY A 56 15.06 5.29 -4.49
CA GLY A 56 15.98 6.35 -4.12
C GLY A 56 15.27 7.69 -3.93
N GLY A 57 14.02 7.63 -3.50
CA GLY A 57 13.26 8.84 -3.28
C GLY A 57 12.67 8.93 -1.89
N PRO A 58 11.66 9.79 -1.71
CA PRO A 58 11.00 9.98 -0.42
C PRO A 58 10.16 8.77 -0.02
N ALA A 59 9.58 8.10 -1.01
CA ALA A 59 8.76 6.93 -0.75
C ALA A 59 9.61 5.75 -0.27
N ASP A 60 10.82 5.64 -0.82
CA ASP A 60 11.72 4.57 -0.45
C ASP A 60 11.83 4.44 1.07
N GLY A 61 10.97 3.62 1.66
CA GLY A 61 10.98 3.43 3.09
C GLY A 61 9.66 3.78 3.74
N LEU A 62 9.09 4.93 3.35
CA LEU A 62 7.82 5.38 3.90
C LEU A 62 6.67 4.52 3.37
N LEU A 63 6.78 4.08 2.12
CA LEU A 63 5.76 3.25 1.51
C LEU A 63 6.38 2.06 0.80
N GLN A 64 5.54 1.08 0.44
CA GLN A 64 6.02 -0.12 -0.23
C GLN A 64 5.08 -0.49 -1.39
N GLU A 65 5.54 -1.40 -2.23
CA GLU A 65 4.73 -1.84 -3.38
C GLU A 65 3.53 -2.64 -2.92
N ASN A 66 2.42 -2.50 -3.64
CA ASN A 66 1.18 -3.21 -3.31
C ASN A 66 0.64 -2.74 -1.96
N ASP A 67 0.82 -1.46 -1.67
CA ASP A 67 0.34 -0.89 -0.41
C ASP A 67 -1.15 -0.52 -0.51
N ARG A 68 -2.01 -1.51 -0.32
CA ARG A 68 -3.45 -1.29 -0.39
C ARG A 68 -3.81 0.10 0.13
N VAL A 69 -3.96 1.05 -0.79
CA VAL A 69 -4.31 2.42 -0.42
C VAL A 69 -5.75 2.51 0.07
N VAL A 70 -5.93 3.09 1.26
CA VAL A 70 -7.26 3.23 1.84
C VAL A 70 -7.71 4.69 1.81
N MET A 71 -6.92 5.57 2.42
CA MET A 71 -7.25 6.98 2.45
C MET A 71 -6.03 7.83 2.08
N VAL A 72 -6.28 9.03 1.55
CA VAL A 72 -5.21 9.93 1.16
C VAL A 72 -5.53 11.37 1.53
N ASN A 73 -4.89 11.87 2.59
CA ASN A 73 -5.11 13.24 3.04
C ASN A 73 -6.57 13.45 3.41
N GLY A 74 -7.23 12.38 3.87
CA GLY A 74 -8.62 12.49 4.25
C GLY A 74 -9.56 12.17 3.10
N THR A 75 -9.06 11.44 2.11
CA THR A 75 -9.87 11.07 0.95
C THR A 75 -9.87 9.56 0.73
N PRO A 76 -11.06 8.99 0.61
CA PRO A 76 -11.24 7.54 0.41
C PRO A 76 -10.79 7.11 -0.98
N MET A 77 -9.87 6.14 -1.02
CA MET A 77 -9.36 5.62 -2.29
C MET A 77 -9.92 4.24 -2.58
N GLU A 78 -10.99 3.87 -1.88
CA GLU A 78 -11.62 2.57 -2.06
C GLU A 78 -12.72 2.65 -3.12
N ASP A 79 -12.59 1.83 -4.16
CA ASP A 79 -13.56 1.81 -5.25
C ASP A 79 -13.56 3.13 -6.01
N VAL A 80 -12.37 3.63 -6.32
CA VAL A 80 -12.23 4.88 -7.06
C VAL A 80 -11.42 4.69 -8.34
N LEU A 81 -11.46 5.69 -9.21
CA LEU A 81 -10.73 5.63 -10.46
C LEU A 81 -9.26 6.00 -10.26
N HIS A 82 -8.39 5.39 -11.06
CA HIS A 82 -6.96 5.66 -10.96
C HIS A 82 -6.69 7.16 -11.00
N SER A 83 -7.47 7.88 -11.80
CA SER A 83 -7.31 9.32 -11.92
C SER A 83 -7.73 10.04 -10.63
N PHE A 84 -8.70 9.46 -9.95
CA PHE A 84 -9.19 10.04 -8.71
C PHE A 84 -8.18 9.86 -7.58
N ALA A 85 -7.57 8.68 -7.52
CA ALA A 85 -6.58 8.39 -6.50
C ALA A 85 -5.34 9.28 -6.66
N VAL A 86 -4.81 9.32 -7.89
CA VAL A 86 -3.63 10.13 -8.17
C VAL A 86 -3.91 11.60 -7.95
N GLN A 87 -5.11 12.04 -8.31
CA GLN A 87 -5.50 13.43 -8.15
C GLN A 87 -5.04 13.98 -6.80
N GLN A 88 -5.47 13.32 -5.73
CA GLN A 88 -5.11 13.73 -4.38
C GLN A 88 -3.61 13.93 -4.26
N LEU A 89 -2.84 13.04 -4.88
CA LEU A 89 -1.39 13.11 -4.83
C LEU A 89 -0.89 14.35 -5.55
N ARG A 90 -1.39 14.59 -6.75
CA ARG A 90 -0.99 15.76 -7.53
C ARG A 90 -1.57 17.04 -6.92
N LYS A 91 -2.62 16.88 -6.13
CA LYS A 91 -3.26 18.03 -5.49
C LYS A 91 -2.48 18.47 -4.25
N SER A 92 -2.04 17.50 -3.46
CA SER A 92 -1.29 17.78 -2.25
C SER A 92 -0.21 18.82 -2.51
N GLY A 93 -0.22 19.89 -1.71
CA GLY A 93 0.76 20.95 -1.87
C GLY A 93 2.18 20.41 -1.92
N LYS A 94 2.71 20.03 -0.75
CA LYS A 94 4.06 19.49 -0.65
C LYS A 94 4.08 18.19 0.14
N ILE A 95 3.39 18.20 1.29
CA ILE A 95 3.33 17.02 2.14
C ILE A 95 1.97 16.34 2.05
N ALA A 96 1.97 15.02 1.99
CA ALA A 96 0.73 14.25 1.91
C ALA A 96 0.73 13.11 2.92
N ALA A 97 -0.47 12.69 3.31
CA ALA A 97 -0.62 11.61 4.27
C ALA A 97 -1.46 10.47 3.70
N ILE A 98 -0.80 9.39 3.32
CA ILE A 98 -1.49 8.24 2.76
C ILE A 98 -1.62 7.11 3.78
N VAL A 99 -2.80 6.52 3.85
CA VAL A 99 -3.07 5.43 4.79
C VAL A 99 -3.23 4.11 4.06
N VAL A 100 -2.16 3.31 4.03
CA VAL A 100 -2.18 2.01 3.36
C VAL A 100 -2.25 0.88 4.38
N LYS A 101 -2.52 -0.33 3.89
CA LYS A 101 -2.61 -1.50 4.76
C LYS A 101 -1.88 -2.68 4.14
N ARG A 102 -0.89 -3.20 4.85
CA ARG A 102 -0.11 -4.34 4.36
C ARG A 102 -0.50 -5.62 5.11
N PRO A 103 -0.75 -6.69 4.35
CA PRO A 103 -1.14 -7.99 4.91
C PRO A 103 0.01 -8.66 5.65
N ARG A 104 -0.18 -8.90 6.94
CA ARG A 104 0.84 -9.54 7.77
C ARG A 104 0.45 -10.97 8.10
N LYS A 105 0.88 -11.91 7.26
CA LYS A 105 0.57 -13.32 7.47
C LYS A 105 1.15 -13.81 8.80
N VAL A 106 0.36 -14.61 9.53
CA VAL A 106 0.80 -15.13 10.81
C VAL A 106 2.06 -15.98 10.66
N GLN A 107 3.16 -15.48 11.22
CA GLN A 107 4.43 -16.20 11.13
C GLN A 107 5.24 -16.00 12.42
N VAL A 108 6.39 -16.65 12.49
CA VAL A 108 7.26 -16.56 13.66
C VAL A 108 8.71 -16.36 13.26
N ALA A 109 9.51 -15.85 14.18
CA ALA A 109 10.93 -15.62 13.92
C ALA A 109 11.80 -16.18 15.05
N PRO A 110 12.86 -16.89 14.66
CA PRO A 110 13.78 -17.50 15.62
C PRO A 110 14.63 -16.46 16.35
N LEU A 111 15.57 -16.93 17.16
CA LEU A 111 16.45 -16.04 17.92
C LEU A 111 17.58 -15.51 17.04
N SER A 112 17.94 -14.26 17.25
CA SER A 112 19.00 -13.63 16.48
C SER A 112 20.20 -14.57 16.35
N GLY A 113 20.63 -14.81 15.10
CA GLY A 113 21.75 -15.68 14.87
C GLY A 113 23.08 -14.93 14.87
N PRO A 114 24.19 -15.69 14.86
CA PRO A 114 25.52 -15.12 14.86
C PRO A 114 25.87 -14.43 13.53
N SER A 115 26.90 -13.59 13.55
CA SER A 115 27.33 -12.88 12.36
C SER A 115 28.66 -13.41 11.85
N SER A 116 29.05 -13.00 10.64
CA SER A 116 30.30 -13.43 10.04
C SER A 116 31.42 -13.44 11.08
N GLY A 117 32.37 -14.36 10.91
CA GLY A 117 33.48 -14.44 11.82
C GLY A 117 34.82 -14.45 11.12
N GLY A 1 -22.39 -17.52 3.85
CA GLY A 1 -22.22 -17.50 5.29
C GLY A 1 -22.32 -18.88 5.92
N SER A 2 -21.22 -19.37 6.46
CA SER A 2 -21.18 -20.69 7.08
C SER A 2 -21.59 -20.61 8.55
N SER A 3 -21.64 -21.76 9.21
CA SER A 3 -22.01 -21.81 10.62
C SER A 3 -20.89 -22.43 11.45
N GLY A 4 -20.36 -23.55 10.98
CA GLY A 4 -19.29 -24.22 11.68
C GLY A 4 -18.30 -24.89 10.75
N SER A 5 -17.18 -24.23 10.51
CA SER A 5 -16.15 -24.77 9.62
C SER A 5 -14.83 -24.02 9.79
N SER A 6 -13.85 -24.70 10.38
CA SER A 6 -12.54 -24.09 10.62
C SER A 6 -11.48 -24.77 9.77
N GLY A 7 -10.35 -24.09 9.60
CA GLY A 7 -9.26 -24.64 8.80
C GLY A 7 -8.64 -23.61 7.88
N MET A 8 -9.47 -22.81 7.23
CA MET A 8 -8.99 -21.78 6.32
C MET A 8 -7.89 -20.95 6.97
N GLU A 9 -7.14 -20.23 6.15
CA GLU A 9 -6.05 -19.39 6.65
C GLU A 9 -6.55 -17.98 6.97
N GLU A 10 -5.73 -17.22 7.68
CA GLU A 10 -6.09 -15.85 8.06
C GLU A 10 -4.88 -14.93 7.94
N VAL A 11 -5.14 -13.63 8.07
CA VAL A 11 -4.08 -12.63 7.99
C VAL A 11 -4.48 -11.33 8.68
N ILE A 12 -3.51 -10.69 9.32
CA ILE A 12 -3.77 -9.43 10.01
C ILE A 12 -3.29 -8.24 9.19
N TRP A 13 -4.23 -7.54 8.56
CA TRP A 13 -3.89 -6.37 7.75
C TRP A 13 -3.64 -5.16 8.62
N GLU A 14 -2.37 -4.76 8.73
CA GLU A 14 -2.00 -3.62 9.54
C GLU A 14 -1.91 -2.35 8.69
N GLN A 15 -2.35 -1.23 9.26
CA GLN A 15 -2.33 0.04 8.54
C GLN A 15 -1.05 0.81 8.85
N TYR A 16 -0.47 1.43 7.83
CA TYR A 16 0.76 2.19 7.99
C TYR A 16 0.58 3.62 7.48
N THR A 17 0.51 4.57 8.40
CA THR A 17 0.34 5.97 8.04
C THR A 17 1.69 6.69 7.96
N VAL A 18 2.21 6.84 6.76
CA VAL A 18 3.49 7.50 6.55
C VAL A 18 3.32 8.74 5.67
N THR A 19 4.15 9.75 5.93
CA THR A 19 4.10 11.00 5.18
C THR A 19 5.26 11.10 4.19
N LEU A 20 4.96 11.47 2.95
CA LEU A 20 5.97 11.59 1.92
C LEU A 20 6.24 13.07 1.60
N GLN A 21 7.47 13.37 1.20
CA GLN A 21 7.84 14.74 0.86
C GLN A 21 8.15 14.86 -0.63
N LYS A 22 7.46 15.78 -1.30
CA LYS A 22 7.66 15.99 -2.73
C LYS A 22 9.12 16.31 -3.03
N ASP A 23 9.87 15.30 -3.43
CA ASP A 23 11.29 15.48 -3.74
C ASP A 23 11.48 16.62 -4.73
N SER A 24 12.72 16.82 -5.18
CA SER A 24 13.03 17.87 -6.12
C SER A 24 11.98 17.97 -7.21
N LYS A 25 12.02 17.03 -8.16
CA LYS A 25 11.06 17.01 -9.26
C LYS A 25 10.14 15.81 -9.15
N ARG A 26 10.73 14.62 -9.13
CA ARG A 26 9.97 13.39 -9.04
C ARG A 26 8.87 13.51 -7.97
N GLY A 27 9.19 14.17 -6.87
CA GLY A 27 8.22 14.35 -5.81
C GLY A 27 8.10 13.13 -4.92
N PHE A 28 6.88 12.82 -4.51
CA PHE A 28 6.62 11.66 -3.65
C PHE A 28 7.28 10.41 -4.23
N GLY A 29 7.60 10.46 -5.51
CA GLY A 29 8.22 9.32 -6.17
C GLY A 29 7.42 8.04 -6.01
N ILE A 30 6.14 8.11 -6.36
CA ILE A 30 5.26 6.96 -6.24
C ILE A 30 4.27 6.90 -7.40
N ALA A 31 3.73 5.71 -7.66
CA ALA A 31 2.77 5.53 -8.74
C ALA A 31 1.71 4.50 -8.37
N VAL A 32 0.45 4.83 -8.62
CA VAL A 32 -0.66 3.94 -8.30
C VAL A 32 -1.19 3.25 -9.56
N SER A 33 -1.71 2.05 -9.40
CA SER A 33 -2.24 1.28 -10.52
C SER A 33 -3.52 0.56 -10.12
N GLY A 34 -4.47 0.46 -11.06
CA GLY A 34 -5.72 -0.21 -10.78
C GLY A 34 -6.89 0.75 -10.74
N GLY A 35 -8.08 0.21 -10.49
CA GLY A 35 -9.27 1.05 -10.42
C GLY A 35 -10.54 0.23 -10.28
N ARG A 36 -11.59 0.86 -9.78
CA ARG A 36 -12.87 0.20 -9.59
C ARG A 36 -13.52 -0.14 -10.93
N ASP A 37 -12.99 0.47 -11.99
CA ASP A 37 -13.52 0.24 -13.34
C ASP A 37 -12.46 -0.40 -14.22
N ASN A 38 -11.19 -0.14 -13.91
CA ASN A 38 -10.08 -0.69 -14.69
C ASN A 38 -9.04 -1.32 -13.78
N PRO A 39 -9.47 -2.32 -12.99
CA PRO A 39 -8.59 -3.03 -12.06
C PRO A 39 -7.57 -3.90 -12.78
N HIS A 40 -6.46 -3.31 -13.18
CA HIS A 40 -5.41 -4.03 -13.88
C HIS A 40 -4.98 -5.26 -13.09
N PHE A 41 -4.95 -5.12 -11.76
CA PHE A 41 -4.55 -6.23 -10.90
C PHE A 41 -4.97 -7.57 -11.49
N GLU A 42 -4.00 -8.31 -12.00
CA GLU A 42 -4.25 -9.61 -12.60
C GLU A 42 -5.43 -10.30 -11.91
N ASN A 43 -5.34 -10.42 -10.59
CA ASN A 43 -6.39 -11.07 -9.81
C ASN A 43 -7.72 -10.35 -9.99
N GLY A 44 -7.70 -9.03 -9.83
CA GLY A 44 -8.91 -8.25 -9.99
C GLY A 44 -9.21 -7.38 -8.78
N GLU A 45 -8.18 -7.11 -7.98
CA GLU A 45 -8.34 -6.30 -6.78
C GLU A 45 -8.66 -4.85 -7.15
N THR A 46 -9.88 -4.43 -6.84
CA THR A 46 -10.32 -3.08 -7.14
C THR A 46 -9.86 -2.09 -6.06
N SER A 47 -8.59 -2.21 -5.67
CA SER A 47 -8.02 -1.34 -4.65
C SER A 47 -6.73 -0.70 -5.13
N ILE A 48 -6.68 0.63 -5.09
CA ILE A 48 -5.49 1.36 -5.51
C ILE A 48 -4.26 0.91 -4.76
N VAL A 49 -3.21 0.54 -5.49
CA VAL A 49 -1.97 0.09 -4.88
C VAL A 49 -0.77 0.79 -5.50
N ILE A 50 0.32 0.88 -4.75
CA ILE A 50 1.53 1.53 -5.23
C ILE A 50 2.41 0.55 -5.99
N SER A 51 2.31 0.58 -7.31
CA SER A 51 3.10 -0.30 -8.16
C SER A 51 4.45 0.34 -8.51
N ASP A 52 4.80 1.40 -7.79
CA ASP A 52 6.06 2.09 -8.02
C ASP A 52 6.50 2.86 -6.78
N VAL A 53 7.72 2.59 -6.32
CA VAL A 53 8.26 3.24 -5.14
C VAL A 53 9.69 3.71 -5.38
N LEU A 54 9.84 4.96 -5.79
CA LEU A 54 11.16 5.53 -6.05
C LEU A 54 12.20 4.95 -5.09
N PRO A 55 13.13 4.15 -5.64
CA PRO A 55 14.20 3.53 -4.86
C PRO A 55 15.22 4.54 -4.34
N GLY A 56 15.09 5.78 -4.82
CA GLY A 56 16.01 6.82 -4.39
C GLY A 56 15.30 8.10 -3.99
N GLY A 57 13.99 8.01 -3.81
CA GLY A 57 13.20 9.17 -3.41
C GLY A 57 12.66 9.06 -2.01
N PRO A 58 11.62 9.84 -1.71
CA PRO A 58 10.98 9.84 -0.39
C PRO A 58 10.24 8.55 -0.09
N ALA A 59 9.59 8.00 -1.11
CA ALA A 59 8.83 6.76 -0.97
C ALA A 59 9.73 5.63 -0.44
N ASP A 60 10.91 5.50 -1.05
CA ASP A 60 11.85 4.46 -0.65
C ASP A 60 12.03 4.44 0.87
N GLY A 61 11.18 3.65 1.54
CA GLY A 61 11.26 3.55 2.99
C GLY A 61 9.92 3.81 3.65
N LEU A 62 9.30 4.93 3.32
CA LEU A 62 8.01 5.30 3.88
C LEU A 62 6.92 4.35 3.41
N LEU A 63 6.89 4.09 2.10
CA LEU A 63 5.89 3.19 1.52
C LEU A 63 6.57 2.07 0.74
N GLN A 64 5.79 1.06 0.38
CA GLN A 64 6.31 -0.08 -0.38
C GLN A 64 5.42 -0.38 -1.59
N GLU A 65 5.80 -1.40 -2.35
CA GLU A 65 5.04 -1.78 -3.54
C GLU A 65 3.82 -2.61 -3.15
N ASN A 66 2.74 -2.44 -3.89
CA ASN A 66 1.50 -3.17 -3.63
C ASN A 66 0.96 -2.83 -2.23
N ASP A 67 1.05 -1.57 -1.86
CA ASP A 67 0.58 -1.12 -0.55
C ASP A 67 -0.90 -0.70 -0.63
N ARG A 68 -1.78 -1.67 -0.38
CA ARG A 68 -3.22 -1.40 -0.43
C ARG A 68 -3.54 -0.02 0.14
N VAL A 69 -3.79 0.93 -0.75
CA VAL A 69 -4.11 2.29 -0.33
C VAL A 69 -5.55 2.40 0.16
N VAL A 70 -5.74 3.03 1.31
CA VAL A 70 -7.07 3.20 1.89
C VAL A 70 -7.51 4.66 1.81
N MET A 71 -6.73 5.54 2.43
CA MET A 71 -7.05 6.96 2.44
C MET A 71 -5.83 7.79 2.00
N VAL A 72 -6.09 8.91 1.34
CA VAL A 72 -5.02 9.79 0.88
C VAL A 72 -5.35 11.25 1.17
N ASN A 73 -4.70 11.80 2.20
CA ASN A 73 -4.92 13.19 2.58
C ASN A 73 -6.35 13.40 3.05
N GLY A 74 -6.96 12.35 3.58
CA GLY A 74 -8.33 12.44 4.06
C GLY A 74 -9.34 12.10 3.00
N THR A 75 -8.93 11.29 2.02
CA THR A 75 -9.82 10.90 0.94
C THR A 75 -9.80 9.39 0.74
N PRO A 76 -11.00 8.78 0.74
CA PRO A 76 -11.15 7.33 0.56
C PRO A 76 -10.81 6.89 -0.86
N MET A 77 -9.80 6.04 -0.99
CA MET A 77 -9.39 5.54 -2.30
C MET A 77 -10.03 4.19 -2.59
N GLU A 78 -11.04 3.84 -1.80
CA GLU A 78 -11.73 2.56 -1.97
C GLU A 78 -12.90 2.71 -2.95
N ASP A 79 -12.91 1.88 -3.98
CA ASP A 79 -13.97 1.92 -4.98
C ASP A 79 -13.93 3.23 -5.76
N VAL A 80 -12.73 3.68 -6.11
CA VAL A 80 -12.57 4.91 -6.85
C VAL A 80 -11.81 4.67 -8.16
N LEU A 81 -11.77 5.70 -9.01
CA LEU A 81 -11.09 5.60 -10.29
C LEU A 81 -9.60 5.94 -10.15
N HIS A 82 -8.78 5.39 -11.03
CA HIS A 82 -7.35 5.64 -11.01
C HIS A 82 -7.06 7.14 -11.06
N SER A 83 -7.84 7.86 -11.85
CA SER A 83 -7.66 9.31 -11.98
C SER A 83 -8.02 10.02 -10.69
N PHE A 84 -8.94 9.43 -9.92
CA PHE A 84 -9.37 10.01 -8.65
C PHE A 84 -8.29 9.84 -7.58
N ALA A 85 -7.68 8.65 -7.56
CA ALA A 85 -6.64 8.36 -6.57
C ALA A 85 -5.42 9.24 -6.80
N VAL A 86 -4.99 9.34 -8.05
CA VAL A 86 -3.83 10.15 -8.40
C VAL A 86 -4.11 11.63 -8.19
N GLN A 87 -5.34 12.04 -8.47
CA GLN A 87 -5.75 13.43 -8.31
C GLN A 87 -5.21 14.01 -7.00
N GLN A 88 -5.57 13.36 -5.89
CA GLN A 88 -5.12 13.81 -4.58
C GLN A 88 -3.62 14.08 -4.56
N LEU A 89 -2.87 13.19 -5.20
CA LEU A 89 -1.42 13.32 -5.27
C LEU A 89 -1.02 14.63 -5.94
N ARG A 90 -1.54 14.86 -7.14
CA ARG A 90 -1.24 16.07 -7.89
C ARG A 90 -1.81 17.29 -7.17
N LYS A 91 -2.85 17.09 -6.39
CA LYS A 91 -3.49 18.17 -5.65
C LYS A 91 -2.62 18.60 -4.46
N SER A 92 -2.06 17.62 -3.77
CA SER A 92 -1.22 17.89 -2.62
C SER A 92 -0.10 18.87 -2.96
N GLY A 93 0.37 19.60 -1.96
CA GLY A 93 1.42 20.57 -2.18
C GLY A 93 2.81 19.95 -2.12
N LYS A 94 3.39 19.93 -0.92
CA LYS A 94 4.72 19.36 -0.73
C LYS A 94 4.65 18.10 0.12
N ILE A 95 3.76 18.10 1.11
CA ILE A 95 3.59 16.95 1.99
C ILE A 95 2.21 16.34 1.83
N ALA A 96 2.17 15.02 1.71
CA ALA A 96 0.90 14.30 1.55
C ALA A 96 0.83 13.11 2.50
N ALA A 97 -0.34 12.90 3.10
CA ALA A 97 -0.54 11.79 4.03
C ALA A 97 -1.29 10.64 3.35
N ILE A 98 -0.77 9.44 3.52
CA ILE A 98 -1.39 8.26 2.93
C ILE A 98 -1.55 7.14 3.96
N VAL A 99 -2.70 6.48 3.95
CA VAL A 99 -2.97 5.40 4.88
C VAL A 99 -3.11 4.07 4.15
N VAL A 100 -2.03 3.29 4.15
CA VAL A 100 -2.02 1.99 3.48
C VAL A 100 -2.20 0.86 4.49
N LYS A 101 -2.43 -0.35 3.97
CA LYS A 101 -2.61 -1.52 4.82
C LYS A 101 -1.87 -2.72 4.26
N ARG A 102 -0.91 -3.23 5.03
CA ARG A 102 -0.12 -4.39 4.60
C ARG A 102 -0.55 -5.64 5.37
N PRO A 103 -0.68 -6.76 4.64
CA PRO A 103 -1.09 -8.04 5.23
C PRO A 103 0.00 -8.64 6.11
N ARG A 104 -0.37 -9.02 7.32
CA ARG A 104 0.58 -9.61 8.27
C ARG A 104 0.28 -11.09 8.49
N LYS A 105 0.34 -11.87 7.41
CA LYS A 105 0.09 -13.30 7.49
C LYS A 105 0.57 -13.87 8.82
N VAL A 106 -0.19 -14.80 9.37
CA VAL A 106 0.15 -15.43 10.64
C VAL A 106 1.57 -15.99 10.60
N GLN A 107 2.54 -15.17 10.99
CA GLN A 107 3.94 -15.58 10.99
C GLN A 107 4.26 -16.37 12.25
N VAL A 108 5.16 -17.36 12.11
CA VAL A 108 5.55 -18.19 13.24
C VAL A 108 7.07 -18.32 13.33
N ALA A 109 7.57 -18.58 14.52
CA ALA A 109 9.00 -18.73 14.74
C ALA A 109 9.64 -19.60 13.66
N PRO A 110 10.76 -19.14 13.11
CA PRO A 110 11.48 -19.85 12.06
C PRO A 110 12.16 -21.11 12.58
N LEU A 111 12.89 -21.80 11.71
CA LEU A 111 13.58 -23.03 12.07
C LEU A 111 12.81 -23.79 13.14
N SER A 112 11.50 -23.90 12.95
CA SER A 112 10.63 -24.60 13.89
C SER A 112 10.84 -26.11 13.80
N GLY A 113 11.13 -26.74 14.94
CA GLY A 113 11.34 -28.18 14.96
C GLY A 113 12.57 -28.59 14.18
N PRO A 114 12.37 -29.49 13.20
CA PRO A 114 13.46 -29.99 12.36
C PRO A 114 13.99 -28.93 11.40
N SER A 115 15.29 -28.66 11.46
CA SER A 115 15.91 -27.67 10.60
C SER A 115 16.99 -28.30 9.73
N SER A 116 17.58 -27.50 8.84
CA SER A 116 18.62 -27.98 7.95
C SER A 116 20.00 -27.55 8.45
N GLY A 117 20.92 -28.50 8.52
CA GLY A 117 22.27 -28.19 8.98
C GLY A 117 23.16 -27.70 7.86
N GLY A 1 -25.28 -32.55 2.34
CA GLY A 1 -24.22 -33.30 3.00
C GLY A 1 -23.52 -32.48 4.07
N SER A 2 -23.24 -33.12 5.21
CA SER A 2 -22.56 -32.45 6.32
C SER A 2 -21.47 -33.33 6.90
N SER A 3 -20.55 -32.71 7.63
CA SER A 3 -19.44 -33.44 8.24
C SER A 3 -18.66 -32.54 9.20
N GLY A 4 -17.67 -33.11 9.87
CA GLY A 4 -16.86 -32.35 10.80
C GLY A 4 -15.49 -32.01 10.23
N SER A 5 -14.97 -30.83 10.59
CA SER A 5 -13.68 -30.39 10.12
C SER A 5 -13.16 -29.22 10.94
N SER A 6 -11.90 -28.86 10.75
CA SER A 6 -11.27 -27.77 11.48
C SER A 6 -9.88 -27.47 10.94
N GLY A 7 -9.41 -26.25 11.18
CA GLY A 7 -8.10 -25.86 10.71
C GLY A 7 -8.15 -24.77 9.65
N MET A 8 -8.06 -23.52 10.09
CA MET A 8 -8.09 -22.38 9.17
C MET A 8 -7.08 -21.32 9.58
N GLU A 9 -6.47 -20.68 8.58
CA GLU A 9 -5.48 -19.65 8.84
C GLU A 9 -6.09 -18.26 8.65
N GLU A 10 -5.53 -17.27 9.34
CA GLU A 10 -6.01 -15.89 9.23
C GLU A 10 -4.85 -14.93 9.05
N VAL A 11 -5.18 -13.66 8.77
CA VAL A 11 -4.17 -12.64 8.57
C VAL A 11 -4.60 -11.31 9.19
N ILE A 12 -3.65 -10.61 9.81
CA ILE A 12 -3.93 -9.33 10.45
C ILE A 12 -3.40 -8.18 9.60
N TRP A 13 -4.31 -7.48 8.94
CA TRP A 13 -3.95 -6.34 8.10
C TRP A 13 -3.69 -5.10 8.94
N GLU A 14 -2.42 -4.67 8.95
CA GLU A 14 -2.04 -3.49 9.73
C GLU A 14 -1.95 -2.26 8.83
N GLN A 15 -2.36 -1.11 9.36
CA GLN A 15 -2.31 0.14 8.61
C GLN A 15 -1.01 0.90 8.88
N TYR A 16 -0.55 1.63 7.87
CA TYR A 16 0.68 2.40 8.00
C TYR A 16 0.48 3.82 7.47
N THR A 17 0.68 4.80 8.36
CA THR A 17 0.54 6.20 8.00
C THR A 17 1.89 6.88 7.83
N VAL A 18 2.33 7.02 6.58
CA VAL A 18 3.61 7.65 6.30
C VAL A 18 3.43 8.90 5.45
N THR A 19 4.24 9.93 5.72
CA THR A 19 4.17 11.18 4.99
C THR A 19 5.34 11.32 4.02
N LEU A 20 5.04 11.66 2.77
CA LEU A 20 6.07 11.82 1.76
C LEU A 20 6.28 13.30 1.43
N GLN A 21 7.53 13.68 1.18
CA GLN A 21 7.86 15.06 0.85
C GLN A 21 8.02 15.23 -0.65
N LYS A 22 7.37 16.26 -1.19
CA LYS A 22 7.44 16.54 -2.62
C LYS A 22 8.86 16.93 -3.03
N ASP A 23 9.66 15.92 -3.39
CA ASP A 23 11.03 16.15 -3.80
C ASP A 23 11.10 17.15 -4.96
N SER A 24 12.30 17.66 -5.23
CA SER A 24 12.49 18.62 -6.31
C SER A 24 11.74 18.20 -7.56
N LYS A 25 12.18 17.10 -8.16
CA LYS A 25 11.55 16.58 -9.37
C LYS A 25 10.80 15.29 -9.08
N ARG A 26 11.17 14.62 -7.99
CA ARG A 26 10.53 13.36 -7.62
C ARG A 26 9.63 13.56 -6.40
N GLY A 27 8.66 14.46 -6.54
CA GLY A 27 7.74 14.72 -5.45
C GLY A 27 7.63 13.56 -4.49
N PHE A 28 6.68 12.67 -4.75
CA PHE A 28 6.47 11.50 -3.90
C PHE A 28 7.09 10.25 -4.52
N GLY A 29 7.81 10.45 -5.62
CA GLY A 29 8.44 9.32 -6.30
C GLY A 29 7.64 8.04 -6.17
N ILE A 30 6.35 8.11 -6.50
CA ILE A 30 5.47 6.95 -6.41
C ILE A 30 4.49 6.94 -7.57
N ALA A 31 3.84 5.79 -7.78
CA ALA A 31 2.87 5.63 -8.85
C ALA A 31 1.77 4.65 -8.45
N VAL A 32 0.54 4.95 -8.87
CA VAL A 32 -0.60 4.10 -8.56
C VAL A 32 -1.12 3.39 -9.82
N SER A 33 -1.66 2.19 -9.63
CA SER A 33 -2.18 1.42 -10.75
C SER A 33 -3.42 0.63 -10.32
N GLY A 34 -4.46 0.68 -11.15
CA GLY A 34 -5.69 -0.03 -10.84
C GLY A 34 -6.88 0.90 -10.73
N GLY A 35 -8.06 0.32 -10.51
CA GLY A 35 -9.27 1.11 -10.39
C GLY A 35 -10.52 0.26 -10.39
N ARG A 36 -11.66 0.89 -10.10
CA ARG A 36 -12.92 0.18 -10.06
C ARG A 36 -13.39 -0.17 -11.47
N ASP A 37 -12.74 0.43 -12.47
CA ASP A 37 -13.10 0.18 -13.86
C ASP A 37 -11.96 -0.54 -14.58
N ASN A 38 -10.73 -0.31 -14.12
CA ASN A 38 -9.57 -0.94 -14.72
C ASN A 38 -8.65 -1.53 -13.64
N PRO A 39 -9.15 -2.57 -12.95
CA PRO A 39 -8.39 -3.25 -11.89
C PRO A 39 -7.21 -4.04 -12.44
N HIS A 40 -6.11 -3.35 -12.72
CA HIS A 40 -4.91 -4.01 -13.24
C HIS A 40 -4.72 -5.38 -12.61
N PHE A 41 -4.68 -5.42 -11.29
CA PHE A 41 -4.50 -6.67 -10.56
C PHE A 41 -5.14 -7.84 -11.31
N GLU A 42 -4.32 -8.79 -11.73
CA GLU A 42 -4.81 -9.96 -12.46
C GLU A 42 -5.89 -10.67 -11.67
N ASN A 43 -5.82 -10.57 -10.34
CA ASN A 43 -6.80 -11.22 -9.48
C ASN A 43 -8.16 -10.54 -9.59
N GLY A 44 -8.15 -9.25 -9.93
CA GLY A 44 -9.39 -8.51 -10.07
C GLY A 44 -9.59 -7.52 -8.94
N GLU A 45 -8.52 -7.17 -8.26
CA GLU A 45 -8.58 -6.23 -7.15
C GLU A 45 -8.74 -4.80 -7.65
N THR A 46 -9.77 -4.11 -7.17
CA THR A 46 -10.02 -2.73 -7.57
C THR A 46 -9.57 -1.75 -6.50
N SER A 47 -8.33 -1.91 -6.05
CA SER A 47 -7.77 -1.04 -5.01
C SER A 47 -6.54 -0.31 -5.53
N ILE A 48 -6.48 0.99 -5.28
CA ILE A 48 -5.36 1.81 -5.72
C ILE A 48 -4.07 1.41 -5.01
N VAL A 49 -3.32 0.51 -5.63
CA VAL A 49 -2.06 0.04 -5.05
C VAL A 49 -0.87 0.74 -5.71
N ILE A 50 0.22 0.86 -4.94
CA ILE A 50 1.43 1.49 -5.45
C ILE A 50 2.29 0.51 -6.23
N SER A 51 2.30 0.66 -7.55
CA SER A 51 3.09 -0.23 -8.41
C SER A 51 4.43 0.41 -8.76
N ASP A 52 4.82 1.40 -7.98
CA ASP A 52 6.09 2.09 -8.20
C ASP A 52 6.51 2.88 -6.96
N VAL A 53 7.69 2.57 -6.44
CA VAL A 53 8.20 3.24 -5.25
C VAL A 53 9.67 3.63 -5.44
N LEU A 54 9.89 4.86 -5.88
CA LEU A 54 11.24 5.36 -6.09
C LEU A 54 12.21 4.77 -5.07
N PRO A 55 13.06 3.83 -5.54
CA PRO A 55 14.05 3.17 -4.69
C PRO A 55 15.17 4.12 -4.26
N GLY A 56 15.09 5.37 -4.70
CA GLY A 56 16.10 6.35 -4.35
C GLY A 56 15.51 7.70 -4.00
N GLY A 57 14.18 7.74 -3.85
CA GLY A 57 13.51 8.98 -3.52
C GLY A 57 12.94 8.96 -2.11
N PRO A 58 11.92 9.82 -1.87
CA PRO A 58 11.26 9.90 -0.57
C PRO A 58 10.43 8.68 -0.24
N ALA A 59 9.87 8.05 -1.28
CA ALA A 59 9.06 6.86 -1.10
C ALA A 59 9.89 5.70 -0.58
N ASP A 60 11.06 5.50 -1.17
CA ASP A 60 11.96 4.42 -0.76
C ASP A 60 12.09 4.38 0.76
N GLY A 61 11.21 3.60 1.39
CA GLY A 61 11.24 3.48 2.85
C GLY A 61 9.90 3.80 3.48
N LEU A 62 9.34 4.95 3.15
CA LEU A 62 8.06 5.37 3.69
C LEU A 62 6.94 4.43 3.25
N LEU A 63 6.87 4.19 1.94
CA LEU A 63 5.85 3.30 1.38
C LEU A 63 6.50 2.13 0.65
N GLN A 64 5.67 1.20 0.19
CA GLN A 64 6.16 0.03 -0.53
C GLN A 64 5.21 -0.33 -1.68
N GLU A 65 5.67 -1.24 -2.54
CA GLU A 65 4.87 -1.67 -3.68
C GLU A 65 3.71 -2.56 -3.22
N ASN A 66 2.58 -2.44 -3.93
CA ASN A 66 1.39 -3.23 -3.60
C ASN A 66 0.83 -2.82 -2.23
N ASP A 67 0.89 -1.52 -1.94
CA ASP A 67 0.38 -1.00 -0.67
C ASP A 67 -1.08 -0.59 -0.80
N ARG A 68 -1.98 -1.51 -0.51
CA ARG A 68 -3.41 -1.24 -0.60
C ARG A 68 -3.74 0.11 0.05
N VAL A 69 -3.93 1.13 -0.78
CA VAL A 69 -4.25 2.46 -0.28
C VAL A 69 -5.71 2.54 0.14
N VAL A 70 -5.93 2.99 1.38
CA VAL A 70 -7.29 3.12 1.90
C VAL A 70 -7.73 4.58 1.92
N MET A 71 -6.87 5.46 2.41
CA MET A 71 -7.18 6.88 2.48
C MET A 71 -5.97 7.71 2.08
N VAL A 72 -6.23 8.87 1.48
CA VAL A 72 -5.16 9.76 1.03
C VAL A 72 -5.54 11.22 1.26
N ASN A 73 -4.86 11.86 2.22
CA ASN A 73 -5.12 13.25 2.54
C ASN A 73 -6.58 13.45 2.98
N GLY A 74 -7.16 12.40 3.54
CA GLY A 74 -8.54 12.47 3.99
C GLY A 74 -9.53 12.10 2.91
N THR A 75 -9.09 11.26 1.97
CA THR A 75 -9.94 10.82 0.87
C THR A 75 -9.85 9.31 0.68
N PRO A 76 -11.02 8.66 0.61
CA PRO A 76 -11.11 7.21 0.42
C PRO A 76 -10.67 6.77 -0.98
N MET A 77 -9.74 5.82 -1.03
CA MET A 77 -9.24 5.31 -2.30
C MET A 77 -9.80 3.93 -2.60
N GLU A 78 -10.93 3.60 -1.98
CA GLU A 78 -11.55 2.30 -2.17
C GLU A 78 -12.65 2.38 -3.23
N ASP A 79 -12.55 1.55 -4.25
CA ASP A 79 -13.53 1.52 -5.33
C ASP A 79 -13.56 2.86 -6.07
N VAL A 80 -12.39 3.43 -6.29
CA VAL A 80 -12.28 4.72 -6.99
C VAL A 80 -11.57 4.56 -8.33
N LEU A 81 -11.57 5.62 -9.11
CA LEU A 81 -10.91 5.61 -10.43
C LEU A 81 -9.42 5.90 -10.29
N HIS A 82 -8.63 5.30 -11.16
CA HIS A 82 -7.18 5.50 -11.15
C HIS A 82 -6.84 6.98 -11.10
N SER A 83 -7.57 7.78 -11.88
CA SER A 83 -7.34 9.21 -11.93
C SER A 83 -7.76 9.88 -10.63
N PHE A 84 -8.73 9.28 -9.95
CA PHE A 84 -9.22 9.82 -8.68
C PHE A 84 -8.17 9.66 -7.58
N ALA A 85 -7.57 8.48 -7.53
CA ALA A 85 -6.54 8.19 -6.52
C ALA A 85 -5.34 9.10 -6.69
N VAL A 86 -4.85 9.22 -7.93
CA VAL A 86 -3.70 10.06 -8.23
C VAL A 86 -4.01 11.53 -7.97
N GLN A 87 -5.20 11.96 -8.39
CA GLN A 87 -5.62 13.34 -8.19
C GLN A 87 -5.16 13.87 -6.84
N GLN A 88 -5.58 13.20 -5.78
CA GLN A 88 -5.22 13.60 -4.42
C GLN A 88 -3.73 13.89 -4.33
N LEU A 89 -2.93 13.06 -4.99
CA LEU A 89 -1.47 13.24 -4.98
C LEU A 89 -1.07 14.57 -5.60
N ARG A 90 -1.54 14.80 -6.83
CA ARG A 90 -1.23 16.04 -7.54
C ARG A 90 -1.87 17.23 -6.84
N LYS A 91 -2.83 16.96 -5.97
CA LYS A 91 -3.52 18.01 -5.23
C LYS A 91 -2.74 18.41 -3.98
N SER A 92 -2.03 17.45 -3.40
CA SER A 92 -1.23 17.71 -2.21
C SER A 92 -0.13 18.71 -2.48
N GLY A 93 0.01 19.69 -1.59
CA GLY A 93 1.03 20.71 -1.76
C GLY A 93 2.43 20.14 -1.78
N LYS A 94 3.02 19.99 -0.60
CA LYS A 94 4.37 19.44 -0.48
C LYS A 94 4.36 18.11 0.26
N ILE A 95 3.67 18.07 1.38
CA ILE A 95 3.57 16.85 2.18
C ILE A 95 2.23 16.16 1.97
N ALA A 96 2.28 14.87 1.67
CA ALA A 96 1.07 14.09 1.44
C ALA A 96 0.94 12.98 2.47
N ALA A 97 -0.30 12.71 2.89
CA ALA A 97 -0.57 11.66 3.87
C ALA A 97 -1.34 10.50 3.25
N ILE A 98 -0.77 9.31 3.32
CA ILE A 98 -1.40 8.12 2.76
C ILE A 98 -1.47 7.00 3.80
N VAL A 99 -2.67 6.48 4.00
CA VAL A 99 -2.87 5.40 4.96
C VAL A 99 -3.12 4.07 4.25
N VAL A 100 -2.07 3.26 4.15
CA VAL A 100 -2.17 1.96 3.49
C VAL A 100 -2.33 0.84 4.51
N LYS A 101 -2.54 -0.38 4.02
CA LYS A 101 -2.71 -1.54 4.89
C LYS A 101 -1.98 -2.75 4.32
N ARG A 102 -1.24 -3.44 5.17
CA ARG A 102 -0.49 -4.63 4.75
C ARG A 102 -0.89 -5.84 5.58
N PRO A 103 -1.04 -6.99 4.91
CA PRO A 103 -1.42 -8.25 5.56
C PRO A 103 -0.31 -8.79 6.46
N ARG A 104 -0.63 -8.98 7.73
CA ARG A 104 0.34 -9.50 8.70
C ARG A 104 -0.02 -10.91 9.12
N LYS A 105 0.20 -11.87 8.22
CA LYS A 105 -0.10 -13.26 8.50
C LYS A 105 0.15 -13.60 9.97
N VAL A 106 -0.72 -14.43 10.54
CA VAL A 106 -0.58 -14.82 11.94
C VAL A 106 0.43 -15.95 12.10
N GLN A 107 1.70 -15.62 11.89
CA GLN A 107 2.78 -16.60 12.01
C GLN A 107 3.88 -16.10 12.94
N VAL A 108 4.71 -17.02 13.43
CA VAL A 108 5.81 -16.67 14.31
C VAL A 108 7.09 -17.38 13.92
N ALA A 109 8.18 -16.63 13.85
CA ALA A 109 9.48 -17.18 13.48
C ALA A 109 10.34 -17.41 14.71
N PRO A 110 10.62 -18.69 15.01
CA PRO A 110 11.45 -19.07 16.17
C PRO A 110 12.91 -18.69 15.98
N LEU A 111 13.75 -19.11 16.93
CA LEU A 111 15.17 -18.81 16.87
C LEU A 111 15.95 -20.04 16.39
N SER A 112 16.85 -19.82 15.43
CA SER A 112 17.67 -20.89 14.89
C SER A 112 19.13 -20.74 15.31
N GLY A 113 19.98 -21.64 14.81
CA GLY A 113 21.38 -21.58 15.14
C GLY A 113 22.23 -22.38 14.18
N PRO A 114 23.28 -21.74 13.62
CA PRO A 114 24.19 -22.38 12.68
C PRO A 114 25.07 -23.43 13.33
N SER A 115 26.09 -23.89 12.61
CA SER A 115 27.00 -24.90 13.13
C SER A 115 28.34 -24.28 13.52
N SER A 116 28.68 -24.38 14.80
CA SER A 116 29.93 -23.83 15.31
C SER A 116 31.09 -24.79 15.06
N GLY A 117 31.33 -25.11 13.80
CA GLY A 117 32.41 -26.01 13.45
C GLY A 117 33.72 -25.29 13.20
N GLY A 1 -18.76 -16.06 4.23
CA GLY A 1 -18.59 -16.95 5.38
C GLY A 1 -18.10 -16.21 6.61
N SER A 2 -19.02 -15.60 7.34
CA SER A 2 -18.69 -14.86 8.54
C SER A 2 -17.67 -15.63 9.39
N SER A 3 -16.43 -15.17 9.34
CA SER A 3 -15.35 -15.82 10.09
C SER A 3 -14.31 -14.79 10.55
N GLY A 4 -13.85 -14.93 11.79
CA GLY A 4 -12.87 -14.02 12.33
C GLY A 4 -12.41 -14.42 13.72
N SER A 5 -11.77 -15.58 13.82
CA SER A 5 -11.28 -16.07 15.10
C SER A 5 -9.77 -16.20 15.09
N SER A 6 -9.10 -15.31 15.82
CA SER A 6 -7.64 -15.32 15.89
C SER A 6 -7.13 -16.69 16.33
N GLY A 7 -6.22 -17.26 15.55
CA GLY A 7 -5.66 -18.55 15.87
C GLY A 7 -4.78 -19.10 14.77
N MET A 8 -5.40 -19.59 13.70
CA MET A 8 -4.66 -20.15 12.57
C MET A 8 -5.36 -19.84 11.25
N GLU A 9 -4.61 -19.90 10.17
CA GLU A 9 -5.18 -19.63 8.84
C GLU A 9 -5.87 -18.27 8.81
N GLU A 10 -5.24 -17.28 9.43
CA GLU A 10 -5.80 -15.93 9.47
C GLU A 10 -4.78 -14.90 8.96
N VAL A 11 -5.19 -13.64 8.94
CA VAL A 11 -4.33 -12.56 8.46
C VAL A 11 -4.66 -11.25 9.17
N ILE A 12 -3.62 -10.53 9.59
CA ILE A 12 -3.80 -9.26 10.28
C ILE A 12 -3.35 -8.10 9.40
N TRP A 13 -4.32 -7.35 8.87
CA TRP A 13 -4.02 -6.22 8.01
C TRP A 13 -3.63 -5.00 8.84
N GLU A 14 -2.33 -4.67 8.83
CA GLU A 14 -1.81 -3.54 9.59
C GLU A 14 -1.76 -2.29 8.71
N GLN A 15 -2.23 -1.17 9.25
CA GLN A 15 -2.22 0.10 8.52
C GLN A 15 -0.96 0.89 8.81
N TYR A 16 -0.41 1.52 7.79
CA TYR A 16 0.80 2.32 7.94
C TYR A 16 0.60 3.73 7.40
N THR A 17 0.61 4.71 8.30
CA THR A 17 0.42 6.10 7.92
C THR A 17 1.75 6.85 7.89
N VAL A 18 2.28 7.04 6.69
CA VAL A 18 3.55 7.75 6.52
C VAL A 18 3.37 9.01 5.70
N THR A 19 4.25 9.99 5.91
CA THR A 19 4.19 11.25 5.19
C THR A 19 5.34 11.37 4.20
N LEU A 20 5.01 11.69 2.96
CA LEU A 20 6.01 11.85 1.91
C LEU A 20 6.17 13.30 1.51
N GLN A 21 7.35 13.65 1.00
CA GLN A 21 7.62 15.02 0.57
C GLN A 21 7.68 15.11 -0.95
N LYS A 22 7.07 16.16 -1.50
CA LYS A 22 7.05 16.38 -2.93
C LYS A 22 8.43 16.79 -3.44
N ASP A 23 9.22 15.82 -3.86
CA ASP A 23 10.56 16.07 -4.37
C ASP A 23 10.52 17.06 -5.54
N SER A 24 11.67 17.30 -6.14
CA SER A 24 11.76 18.23 -7.27
C SER A 24 11.01 17.69 -8.49
N LYS A 25 11.48 16.58 -9.03
CA LYS A 25 10.86 15.96 -10.19
C LYS A 25 10.11 14.68 -9.79
N ARG A 26 10.39 14.20 -8.59
CA ARG A 26 9.76 12.98 -8.08
C ARG A 26 9.02 13.26 -6.78
N GLY A 27 7.99 14.08 -6.85
CA GLY A 27 7.21 14.41 -5.67
C GLY A 27 7.25 13.32 -4.64
N PHE A 28 6.25 12.43 -4.68
CA PHE A 28 6.18 11.32 -3.72
C PHE A 28 6.80 10.06 -4.31
N GLY A 29 7.49 10.21 -5.43
CA GLY A 29 8.12 9.08 -6.07
C GLY A 29 7.30 7.81 -5.96
N ILE A 30 6.07 7.86 -6.48
CA ILE A 30 5.18 6.71 -6.44
C ILE A 30 4.28 6.67 -7.67
N ALA A 31 3.75 5.49 -7.97
CA ALA A 31 2.87 5.31 -9.12
C ALA A 31 1.76 4.32 -8.81
N VAL A 32 0.52 4.72 -9.07
CA VAL A 32 -0.63 3.87 -8.82
C VAL A 32 -1.07 3.15 -10.09
N SER A 33 -1.53 1.90 -9.94
CA SER A 33 -1.97 1.11 -11.08
C SER A 33 -3.30 0.42 -10.78
N GLY A 34 -4.17 0.37 -11.78
CA GLY A 34 -5.46 -0.27 -11.59
C GLY A 34 -6.60 0.73 -11.56
N GLY A 35 -7.73 0.33 -10.98
CA GLY A 35 -8.89 1.21 -10.90
C GLY A 35 -10.18 0.46 -10.69
N ARG A 36 -11.09 1.04 -9.92
CA ARG A 36 -12.37 0.41 -9.63
C ARG A 36 -12.99 -0.16 -10.91
N ASP A 37 -12.77 0.53 -12.03
CA ASP A 37 -13.30 0.09 -13.31
C ASP A 37 -12.21 -0.59 -14.14
N ASN A 38 -10.96 -0.41 -13.74
CA ASN A 38 -9.83 -0.99 -14.45
C ASN A 38 -8.87 -1.66 -13.48
N PRO A 39 -9.37 -2.67 -12.74
CA PRO A 39 -8.57 -3.42 -11.77
C PRO A 39 -7.51 -4.29 -12.44
N HIS A 40 -6.40 -3.68 -12.84
CA HIS A 40 -5.32 -4.40 -13.49
C HIS A 40 -5.00 -5.70 -12.74
N PHE A 41 -5.00 -5.62 -11.42
CA PHE A 41 -4.72 -6.78 -10.58
C PHE A 41 -5.19 -8.07 -11.25
N GLU A 42 -4.26 -8.79 -11.86
CA GLU A 42 -4.58 -10.03 -12.56
C GLU A 42 -5.74 -10.75 -11.87
N ASN A 43 -5.69 -10.82 -10.54
CA ASN A 43 -6.73 -11.47 -9.76
C ASN A 43 -8.05 -10.74 -9.90
N GLY A 44 -8.10 -9.52 -9.38
CA GLY A 44 -9.32 -8.72 -9.46
C GLY A 44 -9.60 -7.96 -8.18
N GLU A 45 -8.80 -6.94 -7.92
CA GLU A 45 -8.97 -6.12 -6.72
C GLU A 45 -9.16 -4.65 -7.08
N THR A 46 -10.34 -4.12 -6.79
CA THR A 46 -10.64 -2.73 -7.09
C THR A 46 -10.09 -1.80 -6.00
N SER A 47 -8.79 -1.92 -5.73
CA SER A 47 -8.14 -1.11 -4.71
C SER A 47 -6.83 -0.52 -5.24
N ILE A 48 -6.75 0.80 -5.22
CA ILE A 48 -5.55 1.50 -5.71
C ILE A 48 -4.32 1.05 -4.92
N VAL A 49 -3.34 0.51 -5.65
CA VAL A 49 -2.11 0.05 -5.02
C VAL A 49 -0.88 0.69 -5.69
N ILE A 50 0.17 0.87 -4.91
CA ILE A 50 1.40 1.47 -5.41
C ILE A 50 2.27 0.43 -6.12
N SER A 51 2.29 0.48 -7.45
CA SER A 51 3.08 -0.45 -8.24
C SER A 51 4.45 0.14 -8.58
N ASP A 52 4.80 1.23 -7.90
CA ASP A 52 6.08 1.89 -8.12
C ASP A 52 6.49 2.71 -6.90
N VAL A 53 7.67 2.40 -6.36
CA VAL A 53 8.18 3.10 -5.18
C VAL A 53 9.61 3.55 -5.40
N LEU A 54 9.78 4.80 -5.85
CA LEU A 54 11.11 5.35 -6.10
C LEU A 54 12.13 4.77 -5.12
N PRO A 55 13.04 3.94 -5.65
CA PRO A 55 14.08 3.30 -4.84
C PRO A 55 15.13 4.29 -4.37
N GLY A 56 15.05 5.53 -4.87
CA GLY A 56 16.00 6.55 -4.49
C GLY A 56 15.33 7.88 -4.20
N GLY A 57 14.10 7.82 -3.70
CA GLY A 57 13.37 9.04 -3.39
C GLY A 57 12.78 9.03 -1.99
N PRO A 58 11.76 9.86 -1.76
CA PRO A 58 11.09 9.97 -0.47
C PRO A 58 10.27 8.72 -0.14
N ALA A 59 9.73 8.09 -1.18
CA ALA A 59 8.93 6.89 -1.01
C ALA A 59 9.78 5.73 -0.50
N ASP A 60 10.96 5.56 -1.08
CA ASP A 60 11.86 4.49 -0.68
C ASP A 60 12.03 4.45 0.83
N GLY A 61 11.19 3.64 1.49
CA GLY A 61 11.27 3.52 2.93
C GLY A 61 9.93 3.76 3.60
N LEU A 62 9.30 4.89 3.26
CA LEU A 62 8.01 5.24 3.83
C LEU A 62 6.91 4.30 3.33
N LEU A 63 6.86 4.11 2.02
CA LEU A 63 5.86 3.23 1.41
C LEU A 63 6.53 2.09 0.65
N GLN A 64 5.73 1.12 0.22
CA GLN A 64 6.25 -0.03 -0.52
C GLN A 64 5.30 -0.44 -1.62
N GLU A 65 5.76 -1.33 -2.49
CA GLU A 65 4.94 -1.80 -3.61
C GLU A 65 3.79 -2.67 -3.11
N ASN A 66 2.61 -2.47 -3.71
CA ASN A 66 1.42 -3.23 -3.32
C ASN A 66 0.88 -2.75 -1.97
N ASP A 67 1.06 -1.47 -1.70
CA ASP A 67 0.59 -0.89 -0.45
C ASP A 67 -0.89 -0.51 -0.54
N ARG A 68 -1.75 -1.51 -0.41
CA ARG A 68 -3.20 -1.28 -0.49
C ARG A 68 -3.57 0.08 0.11
N VAL A 69 -3.77 1.07 -0.75
CA VAL A 69 -4.13 2.40 -0.29
C VAL A 69 -5.60 2.47 0.13
N VAL A 70 -5.83 3.03 1.32
CA VAL A 70 -7.18 3.15 1.84
C VAL A 70 -7.65 4.61 1.85
N MET A 71 -6.82 5.48 2.41
CA MET A 71 -7.16 6.90 2.48
C MET A 71 -5.94 7.75 2.10
N VAL A 72 -6.20 8.95 1.59
CA VAL A 72 -5.13 9.86 1.19
C VAL A 72 -5.49 11.31 1.52
N ASN A 73 -4.88 11.85 2.57
CA ASN A 73 -5.14 13.22 2.98
C ASN A 73 -6.61 13.41 3.34
N GLY A 74 -7.25 12.33 3.81
CA GLY A 74 -8.64 12.40 4.19
C GLY A 74 -9.57 12.07 3.04
N THR A 75 -9.06 11.32 2.07
CA THR A 75 -9.84 10.92 0.91
C THR A 75 -9.81 9.41 0.70
N PRO A 76 -11.00 8.79 0.61
CA PRO A 76 -11.11 7.35 0.40
C PRO A 76 -10.66 6.91 -0.99
N MET A 77 -9.72 5.97 -1.03
CA MET A 77 -9.21 5.46 -2.30
C MET A 77 -9.74 4.06 -2.58
N GLU A 78 -10.78 3.66 -1.84
CA GLU A 78 -11.38 2.35 -2.01
C GLU A 78 -12.50 2.39 -3.05
N ASP A 79 -12.38 1.55 -4.08
CA ASP A 79 -13.39 1.50 -5.14
C ASP A 79 -13.45 2.82 -5.89
N VAL A 80 -12.29 3.35 -6.25
CA VAL A 80 -12.23 4.62 -6.97
C VAL A 80 -11.42 4.47 -8.26
N LEU A 81 -11.50 5.48 -9.11
CA LEU A 81 -10.78 5.47 -10.39
C LEU A 81 -9.33 5.91 -10.20
N HIS A 82 -8.42 5.31 -10.96
CA HIS A 82 -7.00 5.64 -10.88
C HIS A 82 -6.81 7.15 -10.83
N SER A 83 -7.46 7.86 -11.74
CA SER A 83 -7.36 9.31 -11.80
C SER A 83 -7.72 9.94 -10.47
N PHE A 84 -8.79 9.44 -9.86
CA PHE A 84 -9.25 9.97 -8.58
C PHE A 84 -8.18 9.78 -7.50
N ALA A 85 -7.48 8.66 -7.56
CA ALA A 85 -6.43 8.36 -6.59
C ALA A 85 -5.26 9.32 -6.74
N VAL A 86 -4.71 9.38 -7.96
CA VAL A 86 -3.58 10.26 -8.23
C VAL A 86 -3.95 11.72 -8.00
N GLN A 87 -5.19 12.07 -8.31
CA GLN A 87 -5.67 13.43 -8.14
C GLN A 87 -5.19 14.00 -6.81
N GLN A 88 -5.55 13.34 -5.71
CA GLN A 88 -5.16 13.78 -4.38
C GLN A 88 -3.65 14.06 -4.32
N LEU A 89 -2.87 13.19 -4.95
CA LEU A 89 -1.42 13.33 -4.96
C LEU A 89 -1.02 14.65 -5.63
N ARG A 90 -1.51 14.87 -6.84
CA ARG A 90 -1.20 16.08 -7.59
C ARG A 90 -1.73 17.32 -6.85
N LYS A 91 -2.85 17.15 -6.17
CA LYS A 91 -3.47 18.24 -5.43
C LYS A 91 -2.62 18.62 -4.22
N SER A 92 -2.06 17.61 -3.55
CA SER A 92 -1.24 17.84 -2.37
C SER A 92 -0.15 18.87 -2.66
N GLY A 93 -0.02 19.85 -1.78
CA GLY A 93 0.98 20.89 -1.95
C GLY A 93 2.39 20.33 -1.98
N LYS A 94 2.94 20.07 -0.80
CA LYS A 94 4.29 19.53 -0.68
C LYS A 94 4.29 18.23 0.09
N ILE A 95 3.45 18.15 1.12
CA ILE A 95 3.35 16.94 1.94
C ILE A 95 1.98 16.28 1.77
N ALA A 96 1.98 14.95 1.75
CA ALA A 96 0.74 14.20 1.62
C ALA A 96 0.71 13.01 2.57
N ALA A 97 -0.42 12.83 3.23
CA ALA A 97 -0.59 11.72 4.17
C ALA A 97 -1.39 10.58 3.56
N ILE A 98 -0.79 9.40 3.52
CA ILE A 98 -1.45 8.23 2.94
C ILE A 98 -1.61 7.13 4.00
N VAL A 99 -2.75 6.44 3.96
CA VAL A 99 -3.04 5.37 4.89
C VAL A 99 -3.23 4.04 4.17
N VAL A 100 -2.17 3.22 4.14
CA VAL A 100 -2.22 1.93 3.48
C VAL A 100 -2.46 0.81 4.50
N LYS A 101 -2.45 -0.43 4.02
CA LYS A 101 -2.66 -1.59 4.87
C LYS A 101 -1.97 -2.82 4.30
N ARG A 102 -1.09 -3.42 5.08
CA ARG A 102 -0.37 -4.61 4.65
C ARG A 102 -0.78 -5.83 5.47
N PRO A 103 -1.25 -6.89 4.79
CA PRO A 103 -1.69 -8.12 5.43
C PRO A 103 -0.52 -8.90 6.04
N ARG A 104 -0.56 -9.09 7.35
CA ARG A 104 0.49 -9.82 8.05
C ARG A 104 0.14 -11.29 8.19
N LYS A 105 -0.38 -11.87 7.11
CA LYS A 105 -0.77 -13.28 7.12
C LYS A 105 0.20 -14.10 7.96
N VAL A 106 -0.33 -15.13 8.62
CA VAL A 106 0.48 -16.00 9.46
C VAL A 106 0.87 -17.28 8.72
N GLN A 107 2.15 -17.42 8.42
CA GLN A 107 2.65 -18.59 7.71
C GLN A 107 3.90 -19.15 8.39
N VAL A 108 4.12 -20.44 8.23
CA VAL A 108 5.28 -21.11 8.83
C VAL A 108 6.56 -20.77 8.06
N ALA A 109 7.66 -20.61 8.80
CA ALA A 109 8.95 -20.29 8.18
C ALA A 109 10.09 -20.53 9.17
N PRO A 110 11.25 -20.91 8.63
CA PRO A 110 12.44 -21.18 9.44
C PRO A 110 13.03 -19.91 10.04
N LEU A 111 13.84 -20.06 11.09
CA LEU A 111 14.46 -18.93 11.76
C LEU A 111 15.91 -18.77 11.32
N SER A 112 16.38 -17.53 11.26
CA SER A 112 17.74 -17.24 10.85
C SER A 112 18.51 -16.53 11.97
N GLY A 113 19.83 -16.67 11.96
CA GLY A 113 20.65 -16.05 12.97
C GLY A 113 22.11 -16.39 12.82
N PRO A 114 22.95 -15.37 12.55
CA PRO A 114 24.39 -15.55 12.37
C PRO A 114 25.10 -15.89 13.68
N SER A 115 26.31 -16.42 13.57
CA SER A 115 27.09 -16.81 14.74
C SER A 115 28.54 -16.39 14.59
N SER A 116 29.20 -16.13 15.71
CA SER A 116 30.60 -15.72 15.70
C SER A 116 31.39 -16.45 16.78
N GLY A 117 32.71 -16.51 16.61
CA GLY A 117 33.56 -17.18 17.57
C GLY A 117 33.06 -17.02 19.00
N GLY A 1 -15.19 -14.73 20.14
CA GLY A 1 -15.81 -15.68 21.04
C GLY A 1 -15.06 -17.01 21.08
N SER A 2 -15.79 -18.10 20.86
CA SER A 2 -15.19 -19.42 20.87
C SER A 2 -15.60 -20.23 19.64
N SER A 3 -14.62 -20.85 18.99
CA SER A 3 -14.87 -21.63 17.79
C SER A 3 -13.81 -22.71 17.62
N GLY A 4 -14.18 -23.79 16.92
CA GLY A 4 -13.25 -24.88 16.69
C GLY A 4 -13.25 -25.36 15.26
N SER A 5 -12.22 -24.97 14.51
CA SER A 5 -12.11 -25.37 13.11
C SER A 5 -10.68 -25.16 12.59
N SER A 6 -10.43 -25.63 11.38
CA SER A 6 -9.11 -25.50 10.77
C SER A 6 -9.22 -25.14 9.30
N GLY A 7 -8.18 -24.49 8.77
CA GLY A 7 -8.19 -24.10 7.37
C GLY A 7 -6.78 -23.82 6.84
N MET A 8 -6.40 -22.55 6.83
CA MET A 8 -5.09 -22.15 6.35
C MET A 8 -4.62 -20.87 7.02
N GLU A 9 -3.32 -20.59 6.94
CA GLU A 9 -2.75 -19.40 7.54
C GLU A 9 -3.68 -18.20 7.34
N GLU A 10 -3.70 -17.31 8.32
CA GLU A 10 -4.54 -16.11 8.26
C GLU A 10 -3.75 -14.92 7.74
N VAL A 11 -4.43 -13.79 7.57
CA VAL A 11 -3.80 -12.57 7.09
C VAL A 11 -4.23 -11.36 7.91
N ILE A 12 -3.25 -10.61 8.40
CA ILE A 12 -3.52 -9.42 9.19
C ILE A 12 -3.12 -8.16 8.46
N TRP A 13 -4.10 -7.49 7.85
CA TRP A 13 -3.83 -6.26 7.10
C TRP A 13 -3.67 -5.08 8.05
N GLU A 14 -2.42 -4.68 8.28
CA GLU A 14 -2.13 -3.56 9.17
C GLU A 14 -1.97 -2.27 8.37
N GLN A 15 -2.41 -1.16 8.95
CA GLN A 15 -2.30 0.14 8.30
C GLN A 15 -1.03 0.87 8.72
N TYR A 16 -0.48 1.66 7.81
CA TYR A 16 0.75 2.41 8.08
C TYR A 16 0.61 3.85 7.61
N THR A 17 0.51 4.77 8.58
CA THR A 17 0.37 6.19 8.26
C THR A 17 1.74 6.85 8.14
N VAL A 18 2.20 7.02 6.90
CA VAL A 18 3.49 7.64 6.65
C VAL A 18 3.33 8.93 5.83
N THR A 19 4.21 9.90 6.10
CA THR A 19 4.16 11.17 5.40
C THR A 19 5.25 11.25 4.33
N LEU A 20 4.85 11.62 3.11
CA LEU A 20 5.80 11.73 2.01
C LEU A 20 6.05 13.19 1.65
N GLN A 21 7.28 13.51 1.27
CA GLN A 21 7.64 14.87 0.90
C GLN A 21 7.89 14.98 -0.60
N LYS A 22 7.18 15.90 -1.25
CA LYS A 22 7.34 16.11 -2.68
C LYS A 22 8.78 16.39 -3.05
N ASP A 23 9.47 15.37 -3.55
CA ASP A 23 10.88 15.50 -3.95
C ASP A 23 11.06 16.69 -4.89
N SER A 24 12.29 16.88 -5.36
CA SER A 24 12.60 17.98 -6.26
C SER A 24 11.50 18.15 -7.30
N LYS A 25 11.49 17.28 -8.30
CA LYS A 25 10.48 17.33 -9.36
C LYS A 25 9.55 16.14 -9.27
N ARG A 26 10.11 14.93 -9.32
CA ARG A 26 9.31 13.71 -9.26
C ARG A 26 8.20 13.84 -8.22
N GLY A 27 8.55 14.35 -7.04
CA GLY A 27 7.58 14.52 -5.99
C GLY A 27 7.59 13.36 -5.00
N PHE A 28 6.40 12.81 -4.74
CA PHE A 28 6.27 11.69 -3.81
C PHE A 28 6.92 10.44 -4.38
N GLY A 29 7.40 10.53 -5.62
CA GLY A 29 8.03 9.40 -6.25
C GLY A 29 7.26 8.11 -6.07
N ILE A 30 5.99 8.13 -6.45
CA ILE A 30 5.14 6.95 -6.32
C ILE A 30 4.08 6.90 -7.42
N ALA A 31 3.48 5.73 -7.61
CA ALA A 31 2.46 5.56 -8.64
C ALA A 31 1.45 4.51 -8.22
N VAL A 32 0.19 4.70 -8.62
CA VAL A 32 -0.88 3.76 -8.28
C VAL A 32 -1.44 3.09 -9.53
N SER A 33 -1.96 1.88 -9.37
CA SER A 33 -2.52 1.13 -10.49
C SER A 33 -3.68 0.26 -10.03
N GLY A 34 -4.68 0.11 -10.89
CA GLY A 34 -5.83 -0.70 -10.55
C GLY A 34 -6.86 0.06 -9.73
N GLY A 35 -7.97 0.42 -10.37
CA GLY A 35 -9.02 1.16 -9.69
C GLY A 35 -10.27 0.33 -9.50
N ARG A 36 -11.41 1.00 -9.33
CA ARG A 36 -12.69 0.33 -9.13
C ARG A 36 -13.36 0.06 -10.47
N ASP A 37 -12.80 0.61 -11.54
CA ASP A 37 -13.36 0.43 -12.87
C ASP A 37 -12.33 -0.20 -13.81
N ASN A 38 -11.05 0.06 -13.53
CA ASN A 38 -9.97 -0.48 -14.34
C ASN A 38 -8.94 -1.20 -13.48
N PRO A 39 -9.41 -2.21 -12.73
CA PRO A 39 -8.55 -3.01 -11.84
C PRO A 39 -7.60 -3.90 -12.62
N HIS A 40 -6.47 -3.33 -13.05
CA HIS A 40 -5.47 -4.07 -13.80
C HIS A 40 -5.13 -5.39 -13.10
N PHE A 41 -5.13 -5.35 -11.77
CA PHE A 41 -4.82 -6.54 -10.98
C PHE A 41 -5.32 -7.81 -11.68
N GLU A 42 -4.38 -8.61 -12.18
CA GLU A 42 -4.73 -9.85 -12.87
C GLU A 42 -5.99 -10.47 -12.27
N ASN A 43 -5.97 -10.68 -10.96
CA ASN A 43 -7.11 -11.27 -10.26
C ASN A 43 -8.34 -10.37 -10.37
N GLY A 44 -8.34 -9.28 -9.63
CA GLY A 44 -9.45 -8.35 -9.67
C GLY A 44 -9.55 -7.50 -8.42
N GLU A 45 -8.40 -7.18 -7.84
CA GLU A 45 -8.36 -6.38 -6.62
C GLU A 45 -8.58 -4.90 -6.94
N THR A 46 -9.71 -4.36 -6.47
CA THR A 46 -10.05 -2.97 -6.72
C THR A 46 -9.54 -2.08 -5.59
N SER A 47 -8.28 -2.27 -5.21
CA SER A 47 -7.68 -1.49 -4.14
C SER A 47 -6.42 -0.78 -4.62
N ILE A 48 -6.56 0.50 -4.96
CA ILE A 48 -5.43 1.30 -5.43
C ILE A 48 -4.14 0.88 -4.76
N VAL A 49 -3.33 0.11 -5.49
CA VAL A 49 -2.05 -0.36 -4.97
C VAL A 49 -0.88 0.36 -5.63
N ILE A 50 0.17 0.59 -4.86
CA ILE A 50 1.36 1.27 -5.37
C ILE A 50 2.26 0.31 -6.14
N SER A 51 2.26 0.45 -7.46
CA SER A 51 3.08 -0.41 -8.32
C SER A 51 4.35 0.31 -8.74
N ASP A 52 4.71 1.36 -8.02
CA ASP A 52 5.90 2.14 -8.31
C ASP A 52 6.37 2.90 -7.09
N VAL A 53 7.57 2.55 -6.61
CA VAL A 53 8.14 3.21 -5.44
C VAL A 53 9.58 3.63 -5.69
N LEU A 54 9.76 4.87 -6.12
CA LEU A 54 11.09 5.40 -6.39
C LEU A 54 12.12 4.81 -5.44
N PRO A 55 13.14 4.15 -6.02
CA PRO A 55 14.22 3.53 -5.25
C PRO A 55 15.12 4.56 -4.57
N GLY A 56 14.93 5.82 -4.92
CA GLY A 56 15.74 6.89 -4.34
C GLY A 56 14.92 8.14 -4.04
N GLY A 57 13.61 7.96 -3.89
CA GLY A 57 12.75 9.10 -3.60
C GLY A 57 12.24 9.10 -2.18
N PRO A 58 11.21 9.90 -1.91
CA PRO A 58 10.60 10.02 -0.58
C PRO A 58 9.86 8.75 -0.17
N ALA A 59 9.30 8.06 -1.16
CA ALA A 59 8.57 6.83 -0.89
C ALA A 59 9.49 5.61 -0.91
N ASP A 60 10.79 5.87 -1.00
CA ASP A 60 11.79 4.80 -1.02
C ASP A 60 12.06 4.30 0.40
N GLY A 61 11.01 4.13 1.17
CA GLY A 61 11.16 3.66 2.54
C GLY A 61 9.90 3.84 3.37
N LEU A 62 9.11 4.84 3.02
CA LEU A 62 7.87 5.11 3.73
C LEU A 62 6.75 4.18 3.26
N LEU A 63 6.62 4.04 1.95
CA LEU A 63 5.60 3.18 1.36
C LEU A 63 6.22 1.94 0.73
N GLN A 64 5.37 1.00 0.32
CA GLN A 64 5.85 -0.22 -0.31
C GLN A 64 5.02 -0.54 -1.56
N GLU A 65 5.49 -1.52 -2.34
CA GLU A 65 4.80 -1.92 -3.55
C GLU A 65 3.61 -2.81 -3.22
N ASN A 66 2.57 -2.75 -4.05
CA ASN A 66 1.37 -3.55 -3.85
C ASN A 66 0.69 -3.20 -2.53
N ASP A 67 0.81 -1.94 -2.12
CA ASP A 67 0.22 -1.47 -0.87
C ASP A 67 -1.18 -0.93 -1.12
N ARG A 68 -2.18 -1.58 -0.53
CA ARG A 68 -3.57 -1.16 -0.68
C ARG A 68 -3.80 0.19 -0.04
N VAL A 69 -4.02 1.21 -0.88
CA VAL A 69 -4.26 2.56 -0.39
C VAL A 69 -5.69 2.72 0.13
N VAL A 70 -5.81 3.22 1.35
CA VAL A 70 -7.12 3.42 1.97
C VAL A 70 -7.52 4.89 1.94
N MET A 71 -6.66 5.75 2.48
CA MET A 71 -6.92 7.18 2.51
C MET A 71 -5.71 7.97 2.03
N VAL A 72 -5.96 9.17 1.51
CA VAL A 72 -4.88 10.03 1.03
C VAL A 72 -5.19 11.49 1.28
N ASN A 73 -4.51 12.06 2.27
CA ASN A 73 -4.71 13.47 2.63
C ASN A 73 -6.15 13.72 3.08
N GLY A 74 -6.80 12.67 3.56
CA GLY A 74 -8.17 12.81 4.02
C GLY A 74 -9.17 12.46 2.93
N THR A 75 -8.76 11.62 1.98
CA THR A 75 -9.63 11.22 0.88
C THR A 75 -9.67 9.70 0.75
N PRO A 76 -10.88 9.14 0.69
CA PRO A 76 -11.09 7.69 0.55
C PRO A 76 -10.68 7.19 -0.83
N MET A 77 -9.72 6.27 -0.86
CA MET A 77 -9.25 5.71 -2.12
C MET A 77 -9.86 4.33 -2.36
N GLU A 78 -10.86 3.98 -1.55
CA GLU A 78 -11.52 2.69 -1.67
C GLU A 78 -12.68 2.77 -2.67
N ASP A 79 -12.61 1.94 -3.70
CA ASP A 79 -13.64 1.91 -4.73
C ASP A 79 -13.65 3.21 -5.53
N VAL A 80 -12.47 3.66 -5.92
CA VAL A 80 -12.33 4.89 -6.70
C VAL A 80 -11.62 4.63 -8.02
N LEU A 81 -11.60 5.65 -8.88
CA LEU A 81 -10.96 5.53 -10.18
C LEU A 81 -9.45 5.76 -10.08
N HIS A 82 -8.68 4.97 -10.81
CA HIS A 82 -7.23 5.10 -10.81
C HIS A 82 -6.82 6.57 -10.92
N SER A 83 -7.62 7.35 -11.65
CA SER A 83 -7.33 8.76 -11.84
C SER A 83 -7.62 9.56 -10.57
N PHE A 84 -8.68 9.17 -9.87
CA PHE A 84 -9.07 9.84 -8.64
C PHE A 84 -8.02 9.63 -7.54
N ALA A 85 -7.50 8.41 -7.47
CA ALA A 85 -6.48 8.08 -6.47
C ALA A 85 -5.24 8.96 -6.64
N VAL A 86 -4.73 9.02 -7.86
CA VAL A 86 -3.54 9.82 -8.16
C VAL A 86 -3.81 11.30 -7.89
N GLN A 87 -4.98 11.77 -8.29
CA GLN A 87 -5.35 13.17 -8.10
C GLN A 87 -4.80 13.70 -6.78
N GLN A 88 -5.27 13.13 -5.68
CA GLN A 88 -4.83 13.55 -4.35
C GLN A 88 -3.34 13.89 -4.36
N LEU A 89 -2.56 13.09 -5.09
CA LEU A 89 -1.12 13.31 -5.18
C LEU A 89 -0.81 14.68 -5.80
N ARG A 90 -1.34 14.91 -7.00
CA ARG A 90 -1.13 16.17 -7.69
C ARG A 90 -1.67 17.34 -6.88
N LYS A 91 -2.83 17.14 -6.26
CA LYS A 91 -3.47 18.18 -5.46
C LYS A 91 -2.55 18.61 -4.32
N SER A 92 -2.23 17.67 -3.43
CA SER A 92 -1.37 17.95 -2.29
C SER A 92 -0.25 18.91 -2.68
N GLY A 93 0.03 19.86 -1.81
CA GLY A 93 1.07 20.83 -2.07
C GLY A 93 2.45 20.21 -2.11
N LYS A 94 2.97 19.85 -0.94
CA LYS A 94 4.30 19.24 -0.85
C LYS A 94 4.26 18.01 0.06
N ILE A 95 3.45 18.09 1.11
CA ILE A 95 3.33 16.98 2.05
C ILE A 95 1.94 16.34 1.97
N ALA A 96 1.91 15.01 1.94
CA ALA A 96 0.65 14.28 1.86
C ALA A 96 0.60 13.16 2.89
N ALA A 97 -0.58 12.90 3.43
CA ALA A 97 -0.77 11.86 4.42
C ALA A 97 -1.48 10.65 3.83
N ILE A 98 -0.71 9.69 3.35
CA ILE A 98 -1.27 8.48 2.76
C ILE A 98 -1.39 7.37 3.80
N VAL A 99 -2.53 6.70 3.81
CA VAL A 99 -2.78 5.60 4.74
C VAL A 99 -3.00 4.29 4.00
N VAL A 100 -1.97 3.47 3.91
CA VAL A 100 -2.06 2.18 3.24
C VAL A 100 -2.20 1.04 4.24
N LYS A 101 -2.37 -0.17 3.73
CA LYS A 101 -2.52 -1.35 4.57
C LYS A 101 -1.75 -2.53 4.00
N ARG A 102 -0.82 -3.05 4.79
CA ARG A 102 -0.01 -4.19 4.36
C ARG A 102 -0.36 -5.44 5.17
N PRO A 103 -0.51 -6.57 4.47
CA PRO A 103 -0.84 -7.85 5.09
C PRO A 103 0.31 -8.41 5.93
N ARG A 104 -0.02 -8.92 7.11
CA ARG A 104 0.99 -9.49 8.00
C ARG A 104 0.77 -10.99 8.18
N LYS A 105 0.92 -11.73 7.09
CA LYS A 105 0.75 -13.18 7.13
C LYS A 105 1.36 -13.77 8.39
N VAL A 106 0.77 -14.85 8.89
CA VAL A 106 1.25 -15.51 10.09
C VAL A 106 2.29 -16.58 9.75
N GLN A 107 3.45 -16.51 10.41
CA GLN A 107 4.52 -17.47 10.17
C GLN A 107 5.61 -17.33 11.23
N VAL A 108 6.59 -18.23 11.18
CA VAL A 108 7.70 -18.21 12.13
C VAL A 108 8.88 -17.44 11.57
N ALA A 109 9.60 -16.73 12.45
CA ALA A 109 10.76 -15.95 12.04
C ALA A 109 12.05 -16.75 12.24
N PRO A 110 12.88 -16.80 11.19
CA PRO A 110 14.15 -17.51 11.22
C PRO A 110 15.18 -16.84 12.13
N LEU A 111 16.07 -17.63 12.72
CA LEU A 111 17.10 -17.11 13.60
C LEU A 111 17.84 -15.94 12.95
N SER A 112 18.47 -15.11 13.78
CA SER A 112 19.21 -13.95 13.28
C SER A 112 20.50 -13.77 14.06
N GLY A 113 21.63 -13.78 13.35
CA GLY A 113 22.92 -13.61 13.98
C GLY A 113 24.03 -13.41 12.98
N PRO A 114 25.28 -13.30 13.49
CA PRO A 114 26.45 -13.09 12.64
C PRO A 114 26.80 -14.32 11.81
N SER A 115 27.00 -14.10 10.51
CA SER A 115 27.33 -15.20 9.60
C SER A 115 28.82 -15.47 9.61
N SER A 116 29.19 -16.71 9.26
CA SER A 116 30.59 -17.10 9.23
C SER A 116 31.10 -17.20 7.79
N GLY A 117 32.39 -16.95 7.60
CA GLY A 117 32.97 -17.01 6.27
C GLY A 117 34.15 -17.96 6.20
N GLY A 1 5.48 -43.80 -0.33
CA GLY A 1 5.42 -42.87 0.78
C GLY A 1 4.35 -41.80 0.60
N SER A 2 3.79 -41.34 1.70
CA SER A 2 2.74 -40.32 1.65
C SER A 2 3.29 -38.96 2.07
N SER A 3 2.44 -37.94 2.02
CA SER A 3 2.85 -36.59 2.39
C SER A 3 1.64 -35.76 2.81
N GLY A 4 1.90 -34.53 3.27
CA GLY A 4 0.83 -33.66 3.70
C GLY A 4 0.89 -32.29 3.04
N SER A 5 -0.16 -31.95 2.30
CA SER A 5 -0.21 -30.67 1.61
C SER A 5 -1.20 -29.73 2.28
N SER A 6 -2.35 -30.28 2.70
CA SER A 6 -3.39 -29.49 3.35
C SER A 6 -2.76 -28.40 4.22
N GLY A 7 -3.49 -27.28 4.36
CA GLY A 7 -2.99 -26.19 5.17
C GLY A 7 -3.87 -24.95 5.07
N MET A 8 -3.84 -24.11 6.10
CA MET A 8 -4.64 -22.90 6.12
C MET A 8 -4.33 -22.06 7.36
N GLU A 9 -4.20 -20.75 7.17
CA GLU A 9 -3.90 -19.85 8.27
C GLU A 9 -4.54 -18.48 8.04
N GLU A 10 -4.48 -17.62 9.04
CA GLU A 10 -5.03 -16.28 8.95
C GLU A 10 -3.94 -15.23 8.78
N VAL A 11 -4.33 -13.97 8.69
CA VAL A 11 -3.38 -12.88 8.53
C VAL A 11 -3.89 -11.60 9.18
N ILE A 12 -2.97 -10.80 9.70
CA ILE A 12 -3.32 -9.55 10.35
C ILE A 12 -2.93 -8.35 9.49
N TRP A 13 -3.92 -7.74 8.85
CA TRP A 13 -3.68 -6.58 8.01
C TRP A 13 -3.52 -5.32 8.84
N GLU A 14 -2.28 -4.85 8.97
CA GLU A 14 -1.99 -3.65 9.74
C GLU A 14 -1.89 -2.43 8.83
N GLN A 15 -2.24 -1.26 9.37
CA GLN A 15 -2.20 -0.03 8.61
C GLN A 15 -0.87 0.70 8.82
N TYR A 16 -0.53 1.58 7.89
CA TYR A 16 0.73 2.33 7.98
C TYR A 16 0.52 3.77 7.52
N THR A 17 0.53 4.70 8.48
CA THR A 17 0.35 6.11 8.17
C THR A 17 1.69 6.82 8.06
N VAL A 18 2.14 7.04 6.83
CA VAL A 18 3.41 7.71 6.59
C VAL A 18 3.21 8.97 5.73
N THR A 19 4.20 9.86 5.78
CA THR A 19 4.13 11.10 5.01
C THR A 19 5.28 11.19 4.01
N LEU A 20 4.95 11.55 2.78
CA LEU A 20 5.95 11.68 1.73
C LEU A 20 6.14 13.13 1.32
N GLN A 21 7.39 13.49 1.02
CA GLN A 21 7.70 14.86 0.62
C GLN A 21 7.87 14.96 -0.90
N LYS A 22 7.26 15.98 -1.49
CA LYS A 22 7.34 16.19 -2.93
C LYS A 22 8.77 16.51 -3.35
N ASP A 23 9.53 15.48 -3.69
CA ASP A 23 10.91 15.66 -4.12
C ASP A 23 11.01 16.68 -5.25
N SER A 24 12.23 16.92 -5.72
CA SER A 24 12.45 17.87 -6.80
C SER A 24 11.35 17.78 -7.85
N LYS A 25 11.41 16.74 -8.67
CA LYS A 25 10.42 16.54 -9.71
C LYS A 25 9.56 15.31 -9.42
N ARG A 26 10.21 14.14 -9.37
CA ARG A 26 9.51 12.90 -9.09
C ARG A 26 8.35 13.12 -8.12
N GLY A 27 8.54 14.03 -7.18
CA GLY A 27 7.52 14.33 -6.20
C GLY A 27 7.45 13.30 -5.10
N PHE A 28 6.31 12.61 -5.00
CA PHE A 28 6.11 11.59 -3.97
C PHE A 28 6.75 10.27 -4.40
N GLY A 29 7.52 10.31 -5.48
CA GLY A 29 8.17 9.11 -5.97
C GLY A 29 7.30 7.88 -5.83
N ILE A 30 6.03 8.00 -6.20
CA ILE A 30 5.09 6.89 -6.10
C ILE A 30 4.09 6.90 -7.26
N ALA A 31 3.63 5.72 -7.65
CA ALA A 31 2.68 5.60 -8.74
C ALA A 31 1.58 4.58 -8.40
N VAL A 32 0.35 4.93 -8.69
CA VAL A 32 -0.78 4.05 -8.43
C VAL A 32 -1.18 3.26 -9.66
N SER A 33 -1.84 2.12 -9.46
CA SER A 33 -2.26 1.27 -10.56
C SER A 33 -3.63 0.64 -10.26
N GLY A 34 -4.25 0.09 -11.29
CA GLY A 34 -5.54 -0.54 -11.13
C GLY A 34 -6.68 0.46 -11.09
N GLY A 35 -7.78 0.09 -10.43
CA GLY A 35 -8.91 0.98 -10.33
C GLY A 35 -10.22 0.22 -10.18
N ARG A 36 -11.27 0.94 -9.80
CA ARG A 36 -12.59 0.33 -9.61
C ARG A 36 -13.22 -0.01 -10.96
N ASP A 37 -12.84 0.73 -12.00
CA ASP A 37 -13.37 0.51 -13.34
C ASP A 37 -12.31 -0.15 -14.23
N ASN A 38 -11.05 -0.05 -13.83
CA ASN A 38 -9.96 -0.62 -14.61
C ASN A 38 -9.00 -1.40 -13.70
N PRO A 39 -9.56 -2.40 -12.98
CA PRO A 39 -8.78 -3.23 -12.07
C PRO A 39 -7.82 -4.16 -12.81
N HIS A 40 -6.68 -3.61 -13.22
CA HIS A 40 -5.68 -4.39 -13.95
C HIS A 40 -4.69 -5.03 -12.98
N PHE A 41 -5.14 -6.08 -12.28
CA PHE A 41 -4.30 -6.78 -11.32
C PHE A 41 -4.42 -8.29 -11.49
N GLU A 42 -4.78 -8.72 -12.70
CA GLU A 42 -4.93 -10.13 -12.99
C GLU A 42 -5.59 -10.86 -11.83
N ASN A 43 -6.35 -10.12 -11.03
CA ASN A 43 -7.04 -10.69 -9.88
C ASN A 43 -8.49 -10.20 -9.82
N GLY A 44 -8.68 -8.90 -10.01
CA GLY A 44 -10.02 -8.33 -9.97
C GLY A 44 -10.22 -7.43 -8.78
N GLU A 45 -9.15 -6.82 -8.30
CA GLU A 45 -9.22 -5.91 -7.16
C GLU A 45 -9.58 -4.50 -7.59
N THR A 46 -10.61 -3.93 -6.96
CA THR A 46 -11.05 -2.58 -7.28
C THR A 46 -10.48 -1.57 -6.30
N SER A 47 -9.20 -1.72 -5.98
CA SER A 47 -8.54 -0.81 -5.05
C SER A 47 -7.30 -0.20 -5.69
N ILE A 48 -6.81 0.89 -5.11
CA ILE A 48 -5.63 1.57 -5.62
C ILE A 48 -4.39 1.20 -4.82
N VAL A 49 -3.41 0.60 -5.50
CA VAL A 49 -2.17 0.19 -4.86
C VAL A 49 -0.97 0.93 -5.45
N ILE A 50 0.17 0.81 -4.78
CA ILE A 50 1.38 1.46 -5.24
C ILE A 50 2.21 0.53 -6.13
N SER A 51 2.20 0.79 -7.43
CA SER A 51 2.95 -0.03 -8.38
C SER A 51 4.30 0.61 -8.70
N ASP A 52 4.71 1.56 -7.88
CA ASP A 52 5.98 2.25 -8.08
C ASP A 52 6.43 2.94 -6.80
N VAL A 53 7.62 2.59 -6.34
CA VAL A 53 8.18 3.17 -5.12
C VAL A 53 9.61 3.62 -5.32
N LEU A 54 9.80 4.89 -5.69
CA LEU A 54 11.12 5.44 -5.91
C LEU A 54 12.14 4.84 -4.95
N PRO A 55 13.04 4.01 -5.49
CA PRO A 55 14.09 3.35 -4.70
C PRO A 55 15.14 4.33 -4.20
N GLY A 56 15.08 5.56 -4.70
CA GLY A 56 16.04 6.58 -4.30
C GLY A 56 15.38 7.90 -3.98
N GLY A 57 14.14 7.84 -3.48
CA GLY A 57 13.42 9.06 -3.15
C GLY A 57 12.82 9.00 -1.76
N PRO A 58 11.75 9.79 -1.55
CA PRO A 58 11.05 9.85 -0.26
C PRO A 58 10.30 8.56 0.06
N ALA A 59 9.57 8.05 -0.93
CA ALA A 59 8.81 6.82 -0.77
C ALA A 59 9.69 5.68 -0.25
N ASP A 60 10.81 5.45 -0.93
CA ASP A 60 11.73 4.40 -0.54
C ASP A 60 11.86 4.31 0.98
N GLY A 61 11.07 3.45 1.59
CA GLY A 61 11.09 3.29 3.03
C GLY A 61 9.75 3.57 3.67
N LEU A 62 9.14 4.70 3.31
CA LEU A 62 7.85 5.07 3.86
C LEU A 62 6.74 4.15 3.35
N LEU A 63 6.67 4.00 2.03
CA LEU A 63 5.67 3.15 1.41
C LEU A 63 6.32 1.99 0.67
N GLN A 64 5.51 1.03 0.24
CA GLN A 64 6.01 -0.14 -0.48
C GLN A 64 5.06 -0.51 -1.62
N GLU A 65 5.57 -1.29 -2.58
CA GLU A 65 4.78 -1.72 -3.71
C GLU A 65 3.66 -2.65 -3.27
N ASN A 66 2.47 -2.46 -3.85
CA ASN A 66 1.32 -3.29 -3.51
C ASN A 66 0.75 -2.90 -2.16
N ASP A 67 0.74 -1.60 -1.88
CA ASP A 67 0.22 -1.10 -0.61
C ASP A 67 -1.21 -0.60 -0.78
N ARG A 68 -2.18 -1.48 -0.51
CA ARG A 68 -3.59 -1.13 -0.64
C ARG A 68 -3.85 0.26 -0.07
N VAL A 69 -3.87 1.25 -0.96
CA VAL A 69 -4.11 2.63 -0.56
C VAL A 69 -5.55 2.83 -0.08
N VAL A 70 -5.72 2.96 1.22
CA VAL A 70 -7.04 3.15 1.80
C VAL A 70 -7.48 4.61 1.72
N MET A 71 -6.73 5.48 2.40
CA MET A 71 -7.03 6.90 2.40
C MET A 71 -5.80 7.72 2.00
N VAL A 72 -6.04 8.88 1.39
CA VAL A 72 -4.96 9.75 0.96
C VAL A 72 -5.28 11.21 1.28
N ASN A 73 -4.61 11.74 2.31
CA ASN A 73 -4.82 13.12 2.72
C ASN A 73 -6.26 13.36 3.14
N GLY A 74 -6.90 12.31 3.66
CA GLY A 74 -8.28 12.42 4.09
C GLY A 74 -9.27 12.13 2.97
N THR A 75 -8.86 11.29 2.03
CA THR A 75 -9.72 10.93 0.90
C THR A 75 -9.76 9.42 0.70
N PRO A 76 -10.97 8.86 0.64
CA PRO A 76 -11.18 7.42 0.45
C PRO A 76 -10.79 6.97 -0.96
N MET A 77 -9.83 6.05 -1.04
CA MET A 77 -9.38 5.54 -2.32
C MET A 77 -10.01 4.17 -2.61
N GLU A 78 -11.05 3.85 -1.87
CA GLU A 78 -11.75 2.57 -2.04
C GLU A 78 -12.87 2.71 -3.06
N ASP A 79 -12.80 1.93 -4.13
CA ASP A 79 -13.81 1.96 -5.18
C ASP A 79 -13.77 3.28 -5.94
N VAL A 80 -12.56 3.74 -6.27
CA VAL A 80 -12.38 4.99 -6.99
C VAL A 80 -11.68 4.74 -8.33
N LEU A 81 -11.56 5.80 -9.12
CA LEU A 81 -10.90 5.71 -10.42
C LEU A 81 -9.41 6.01 -10.30
N HIS A 82 -8.60 5.32 -11.11
CA HIS A 82 -7.17 5.51 -11.09
C HIS A 82 -6.82 6.99 -11.03
N SER A 83 -7.49 7.79 -11.85
CA SER A 83 -7.25 9.23 -11.89
C SER A 83 -7.63 9.88 -10.57
N PHE A 84 -8.66 9.35 -9.92
CA PHE A 84 -9.13 9.88 -8.64
C PHE A 84 -8.06 9.70 -7.57
N ALA A 85 -7.39 8.56 -7.59
CA ALA A 85 -6.35 8.27 -6.60
C ALA A 85 -5.17 9.22 -6.76
N VAL A 86 -4.67 9.35 -7.99
CA VAL A 86 -3.55 10.22 -8.27
C VAL A 86 -3.92 11.69 -8.05
N GLN A 87 -5.16 12.03 -8.39
CA GLN A 87 -5.65 13.40 -8.23
C GLN A 87 -5.17 13.99 -6.91
N GLN A 88 -5.47 13.31 -5.82
CA GLN A 88 -5.07 13.77 -4.49
C GLN A 88 -3.58 14.07 -4.44
N LEU A 89 -2.79 13.23 -5.11
CA LEU A 89 -1.34 13.41 -5.15
C LEU A 89 -0.97 14.72 -5.83
N ARG A 90 -1.46 14.91 -7.06
CA ARG A 90 -1.18 16.11 -7.81
C ARG A 90 -1.71 17.35 -7.09
N LYS A 91 -2.83 17.18 -6.40
CA LYS A 91 -3.44 18.27 -5.66
C LYS A 91 -2.58 18.68 -4.47
N SER A 92 -2.20 17.69 -3.66
CA SER A 92 -1.37 17.94 -2.48
C SER A 92 -0.21 18.87 -2.82
N GLY A 93 0.02 19.86 -1.97
CA GLY A 93 1.11 20.80 -2.19
C GLY A 93 2.45 20.12 -2.27
N LYS A 94 3.08 19.90 -1.11
CA LYS A 94 4.38 19.27 -1.06
C LYS A 94 4.34 18.02 -0.17
N ILE A 95 3.58 18.10 0.91
CA ILE A 95 3.44 16.98 1.84
C ILE A 95 2.08 16.32 1.72
N ALA A 96 2.06 14.99 1.73
CA ALA A 96 0.81 14.24 1.62
C ALA A 96 0.82 13.03 2.55
N ALA A 97 -0.35 12.68 3.07
CA ALA A 97 -0.48 11.54 3.96
C ALA A 97 -1.24 10.40 3.31
N ILE A 98 -0.74 9.18 3.47
CA ILE A 98 -1.38 8.01 2.89
C ILE A 98 -1.57 6.91 3.94
N VAL A 99 -2.74 6.28 3.93
CA VAL A 99 -3.04 5.21 4.87
C VAL A 99 -3.21 3.88 4.15
N VAL A 100 -2.17 3.06 4.18
CA VAL A 100 -2.19 1.75 3.53
C VAL A 100 -2.23 0.63 4.56
N LYS A 101 -2.65 -0.55 4.12
CA LYS A 101 -2.72 -1.71 5.01
C LYS A 101 -1.94 -2.89 4.43
N ARG A 102 -0.93 -3.34 5.17
CA ARG A 102 -0.10 -4.45 4.74
C ARG A 102 -0.43 -5.72 5.53
N PRO A 103 -0.46 -6.86 4.83
CA PRO A 103 -0.76 -8.16 5.45
C PRO A 103 0.37 -8.63 6.36
N ARG A 104 0.06 -8.77 7.65
CA ARG A 104 1.04 -9.22 8.63
C ARG A 104 0.72 -10.63 9.12
N LYS A 105 0.98 -11.61 8.27
CA LYS A 105 0.72 -13.01 8.63
C LYS A 105 0.97 -13.25 10.11
N VAL A 106 0.06 -13.99 10.74
CA VAL A 106 0.18 -14.31 12.16
C VAL A 106 1.50 -15.01 12.46
N GLN A 107 2.09 -14.69 13.60
CA GLN A 107 3.36 -15.30 14.00
C GLN A 107 3.13 -16.38 15.04
N VAL A 108 2.83 -17.60 14.57
CA VAL A 108 2.59 -18.72 15.46
C VAL A 108 3.47 -19.91 15.09
N ALA A 109 3.60 -20.85 16.01
CA ALA A 109 4.41 -22.05 15.79
C ALA A 109 4.35 -22.48 14.32
N PRO A 110 5.49 -22.96 13.80
CA PRO A 110 5.59 -23.42 12.41
C PRO A 110 4.80 -24.71 12.17
N LEU A 111 4.64 -25.07 10.90
CA LEU A 111 3.93 -26.29 10.54
C LEU A 111 4.33 -27.45 11.44
N SER A 112 3.51 -27.72 12.46
CA SER A 112 3.77 -28.80 13.40
C SER A 112 3.69 -30.15 12.70
N GLY A 113 4.80 -30.58 12.10
CA GLY A 113 4.83 -31.85 11.40
C GLY A 113 6.19 -32.16 10.83
N PRO A 114 6.22 -32.89 9.70
CA PRO A 114 7.46 -33.29 9.03
C PRO A 114 8.17 -32.09 8.39
N SER A 115 7.59 -30.91 8.56
CA SER A 115 8.16 -29.69 8.00
C SER A 115 9.69 -29.72 8.07
N SER A 116 10.33 -29.23 7.02
CA SER A 116 11.79 -29.21 6.95
C SER A 116 12.35 -27.92 7.56
N GLY A 117 13.01 -28.06 8.70
CA GLY A 117 13.58 -26.89 9.36
C GLY A 117 12.53 -25.87 9.75
N GLY A 1 -20.43 -20.65 14.94
CA GLY A 1 -20.65 -22.08 15.05
C GLY A 1 -20.35 -22.82 13.75
N SER A 2 -19.27 -22.43 13.09
CA SER A 2 -18.88 -23.05 11.83
C SER A 2 -18.00 -24.28 12.09
N SER A 3 -18.51 -25.45 11.71
CA SER A 3 -17.77 -26.69 11.90
C SER A 3 -17.89 -27.58 10.66
N GLY A 4 -16.75 -27.98 10.12
CA GLY A 4 -16.75 -28.83 8.94
C GLY A 4 -15.34 -29.10 8.43
N SER A 5 -14.59 -28.03 8.19
CA SER A 5 -13.22 -28.15 7.69
C SER A 5 -12.27 -27.27 8.49
N SER A 6 -11.12 -27.84 8.87
CA SER A 6 -10.12 -27.11 9.64
C SER A 6 -8.76 -27.19 8.97
N GLY A 7 -7.96 -26.14 9.14
CA GLY A 7 -6.63 -26.11 8.54
C GLY A 7 -6.50 -25.05 7.48
N MET A 8 -6.76 -23.80 7.85
CA MET A 8 -6.67 -22.69 6.90
C MET A 8 -5.68 -21.65 7.40
N GLU A 9 -5.29 -20.74 6.51
CA GLU A 9 -4.34 -19.69 6.86
C GLU A 9 -5.01 -18.31 6.84
N GLU A 10 -4.38 -17.35 7.48
CA GLU A 10 -4.91 -15.99 7.54
C GLU A 10 -3.79 -14.95 7.38
N VAL A 11 -4.16 -13.68 7.50
CA VAL A 11 -3.20 -12.60 7.36
C VAL A 11 -3.66 -11.35 8.11
N ILE A 12 -2.72 -10.66 8.75
CA ILE A 12 -3.04 -9.45 9.50
C ILE A 12 -2.67 -8.20 8.71
N TRP A 13 -3.68 -7.54 8.14
CA TRP A 13 -3.45 -6.33 7.36
C TRP A 13 -3.24 -5.13 8.27
N GLU A 14 -2.00 -4.69 8.39
CA GLU A 14 -1.67 -3.55 9.23
C GLU A 14 -1.62 -2.26 8.41
N GLN A 15 -2.11 -1.18 9.00
CA GLN A 15 -2.11 0.12 8.32
C GLN A 15 -0.87 0.93 8.67
N TYR A 16 -0.28 1.56 7.66
CA TYR A 16 0.92 2.36 7.86
C TYR A 16 0.69 3.81 7.42
N THR A 17 0.61 4.71 8.39
CA THR A 17 0.38 6.11 8.11
C THR A 17 1.70 6.88 8.08
N VAL A 18 2.23 7.10 6.88
CA VAL A 18 3.49 7.83 6.71
C VAL A 18 3.28 9.10 5.89
N THR A 19 4.19 10.06 6.08
CA THR A 19 4.11 11.33 5.35
C THR A 19 5.22 11.42 4.30
N LEU A 20 4.82 11.66 3.06
CA LEU A 20 5.78 11.79 1.97
C LEU A 20 6.05 13.25 1.65
N GLN A 21 7.28 13.54 1.21
CA GLN A 21 7.67 14.90 0.87
C GLN A 21 7.93 15.03 -0.63
N LYS A 22 7.29 16.02 -1.25
CA LYS A 22 7.44 16.26 -2.67
C LYS A 22 8.90 16.52 -3.03
N ASP A 23 9.48 15.62 -3.82
CA ASP A 23 10.87 15.75 -4.23
C ASP A 23 11.00 16.66 -5.44
N SER A 24 12.22 16.83 -5.93
CA SER A 24 12.47 17.68 -7.09
C SER A 24 11.36 17.54 -8.12
N LYS A 25 11.41 16.44 -8.87
CA LYS A 25 10.41 16.17 -9.90
C LYS A 25 9.53 14.99 -9.51
N ARG A 26 10.18 13.88 -9.13
CA ARG A 26 9.46 12.68 -8.73
C ARG A 26 8.29 13.02 -7.81
N GLY A 27 8.54 13.92 -6.86
CA GLY A 27 7.49 14.31 -5.93
C GLY A 27 7.32 13.32 -4.80
N PHE A 28 6.45 12.33 -5.00
CA PHE A 28 6.20 11.32 -3.99
C PHE A 28 6.80 9.97 -4.40
N GLY A 29 7.51 9.97 -5.52
CA GLY A 29 8.12 8.75 -6.01
C GLY A 29 7.23 7.54 -5.82
N ILE A 30 5.99 7.64 -6.27
CA ILE A 30 5.03 6.56 -6.15
C ILE A 30 4.13 6.47 -7.37
N ALA A 31 3.71 5.26 -7.71
CA ALA A 31 2.83 5.05 -8.86
C ALA A 31 1.72 4.06 -8.52
N VAL A 32 0.48 4.48 -8.75
CA VAL A 32 -0.67 3.63 -8.48
C VAL A 32 -1.19 2.98 -9.75
N SER A 33 -1.85 1.83 -9.59
CA SER A 33 -2.39 1.09 -10.73
C SER A 33 -3.72 0.43 -10.37
N GLY A 34 -4.66 0.44 -11.32
CA GLY A 34 -5.96 -0.16 -11.07
C GLY A 34 -7.10 0.76 -11.45
N GLY A 35 -8.20 0.67 -10.72
CA GLY A 35 -9.36 1.50 -11.00
C GLY A 35 -10.66 0.73 -10.93
N ARG A 36 -11.64 1.28 -10.22
CA ARG A 36 -12.93 0.64 -10.07
C ARG A 36 -13.46 0.18 -11.43
N ASP A 37 -12.94 0.76 -12.49
CA ASP A 37 -13.35 0.41 -13.85
C ASP A 37 -12.24 -0.34 -14.58
N ASN A 38 -11.01 -0.15 -14.14
CA ASN A 38 -9.86 -0.81 -14.75
C ASN A 38 -8.99 -1.47 -13.69
N PRO A 39 -9.57 -2.42 -12.95
CA PRO A 39 -8.85 -3.15 -11.89
C PRO A 39 -7.80 -4.10 -12.45
N HIS A 40 -6.64 -3.55 -12.80
CA HIS A 40 -5.56 -4.34 -13.35
C HIS A 40 -5.30 -5.58 -12.49
N PHE A 41 -5.42 -5.41 -11.18
CA PHE A 41 -5.20 -6.51 -10.24
C PHE A 41 -5.68 -7.84 -10.84
N GLU A 42 -4.75 -8.62 -11.36
CA GLU A 42 -5.07 -9.91 -11.96
C GLU A 42 -6.29 -10.53 -11.27
N ASN A 43 -6.31 -10.44 -9.94
CA ASN A 43 -7.40 -11.00 -9.16
C ASN A 43 -8.73 -10.33 -9.50
N GLY A 44 -8.78 -9.01 -9.30
CA GLY A 44 -10.00 -8.27 -9.60
C GLY A 44 -10.39 -7.32 -8.47
N GLU A 45 -9.40 -6.83 -7.74
CA GLU A 45 -9.65 -5.91 -6.64
C GLU A 45 -9.63 -4.46 -7.11
N THR A 46 -10.71 -3.73 -6.82
CA THR A 46 -10.80 -2.34 -7.22
C THR A 46 -10.16 -1.42 -6.19
N SER A 47 -8.94 -1.77 -5.77
CA SER A 47 -8.22 -0.98 -4.79
C SER A 47 -6.96 -0.38 -5.40
N ILE A 48 -6.63 0.85 -4.99
CA ILE A 48 -5.45 1.55 -5.49
C ILE A 48 -4.21 1.14 -4.70
N VAL A 49 -3.30 0.43 -5.37
CA VAL A 49 -2.06 -0.01 -4.73
C VAL A 49 -0.84 0.60 -5.42
N ILE A 50 0.26 0.67 -4.69
CA ILE A 50 1.49 1.23 -5.23
C ILE A 50 2.30 0.16 -5.96
N SER A 51 2.30 0.24 -7.29
CA SER A 51 3.04 -0.72 -8.12
C SER A 51 4.40 -0.17 -8.49
N ASP A 52 4.84 0.86 -7.78
CA ASP A 52 6.14 1.47 -8.04
C ASP A 52 6.58 2.33 -6.85
N VAL A 53 7.73 1.99 -6.28
CA VAL A 53 8.27 2.73 -5.14
C VAL A 53 9.72 3.14 -5.39
N LEU A 54 9.90 4.35 -5.90
CA LEU A 54 11.24 4.86 -6.17
C LEU A 54 12.24 4.36 -5.15
N PRO A 55 13.22 3.57 -5.62
CA PRO A 55 14.27 3.01 -4.75
C PRO A 55 15.23 4.06 -4.24
N GLY A 56 14.95 5.32 -4.56
CA GLY A 56 15.80 6.42 -4.12
C GLY A 56 15.03 7.70 -3.91
N GLY A 57 13.71 7.59 -3.74
CA GLY A 57 12.88 8.76 -3.54
C GLY A 57 12.36 8.86 -2.13
N PRO A 58 11.36 9.73 -1.92
CA PRO A 58 10.75 9.94 -0.60
C PRO A 58 9.94 8.73 -0.14
N ALA A 59 9.49 7.93 -1.09
CA ALA A 59 8.69 6.75 -0.77
C ALA A 59 9.57 5.50 -0.71
N ASP A 60 10.90 5.71 -0.76
CA ASP A 60 11.84 4.61 -0.71
C ASP A 60 12.09 4.17 0.73
N GLY A 61 11.02 4.08 1.51
CA GLY A 61 11.14 3.68 2.90
C GLY A 61 9.87 3.89 3.68
N LEU A 62 9.11 4.92 3.31
CA LEU A 62 7.85 5.23 3.98
C LEU A 62 6.74 4.29 3.52
N LEU A 63 6.76 3.95 2.25
CA LEU A 63 5.76 3.06 1.68
C LEU A 63 6.40 1.95 0.86
N GLN A 64 5.65 0.88 0.61
CA GLN A 64 6.16 -0.25 -0.17
C GLN A 64 5.16 -0.65 -1.24
N GLU A 65 5.62 -1.47 -2.19
CA GLU A 65 4.76 -1.94 -3.27
C GLU A 65 3.55 -2.69 -2.73
N ASN A 66 2.42 -2.54 -3.41
CA ASN A 66 1.19 -3.20 -2.99
C ASN A 66 0.64 -2.57 -1.71
N ASP A 67 0.89 -1.28 -1.54
CA ASP A 67 0.42 -0.56 -0.36
C ASP A 67 -1.05 -0.20 -0.49
N ARG A 68 -1.91 -1.21 -0.42
CA ARG A 68 -3.35 -0.99 -0.54
C ARG A 68 -3.76 0.37 0.04
N VAL A 69 -3.82 1.37 -0.83
CA VAL A 69 -4.19 2.72 -0.41
C VAL A 69 -5.65 2.78 0.05
N VAL A 70 -5.85 3.19 1.30
CA VAL A 70 -7.19 3.29 1.85
C VAL A 70 -7.68 4.73 1.86
N MET A 71 -6.89 5.61 2.48
CA MET A 71 -7.24 7.02 2.57
C MET A 71 -6.04 7.89 2.20
N VAL A 72 -6.33 9.05 1.61
CA VAL A 72 -5.27 9.98 1.22
C VAL A 72 -5.66 11.42 1.54
N ASN A 73 -5.05 11.97 2.59
CA ASN A 73 -5.33 13.33 3.01
C ASN A 73 -6.80 13.50 3.37
N GLY A 74 -7.43 12.42 3.83
CA GLY A 74 -8.82 12.47 4.21
C GLY A 74 -9.75 12.12 3.05
N THR A 75 -9.24 11.37 2.09
CA THR A 75 -10.01 10.98 0.93
C THR A 75 -9.97 9.46 0.73
N PRO A 76 -11.16 8.85 0.62
CA PRO A 76 -11.29 7.40 0.42
C PRO A 76 -10.83 6.96 -0.96
N MET A 77 -9.81 6.11 -1.00
CA MET A 77 -9.29 5.61 -2.26
C MET A 77 -9.84 4.22 -2.57
N GLU A 78 -10.87 3.83 -1.85
CA GLU A 78 -11.50 2.53 -2.05
C GLU A 78 -12.66 2.63 -3.02
N ASP A 79 -12.59 1.85 -4.11
CA ASP A 79 -13.64 1.85 -5.12
C ASP A 79 -13.68 3.19 -5.85
N VAL A 80 -12.51 3.73 -6.18
CA VAL A 80 -12.42 5.00 -6.89
C VAL A 80 -11.68 4.84 -8.21
N LEU A 81 -11.78 5.85 -9.06
CA LEU A 81 -11.12 5.83 -10.36
C LEU A 81 -9.63 6.10 -10.22
N HIS A 82 -8.83 5.47 -11.08
CA HIS A 82 -7.38 5.64 -11.06
C HIS A 82 -7.01 7.12 -11.03
N SER A 83 -7.67 7.91 -11.87
CA SER A 83 -7.40 9.34 -11.94
C SER A 83 -7.78 10.03 -10.63
N PHE A 84 -8.75 9.46 -9.92
CA PHE A 84 -9.20 10.02 -8.66
C PHE A 84 -8.15 9.81 -7.57
N ALA A 85 -7.49 8.67 -7.60
CA ALA A 85 -6.45 8.35 -6.63
C ALA A 85 -5.24 9.26 -6.79
N VAL A 86 -4.76 9.39 -8.01
CA VAL A 86 -3.60 10.24 -8.30
C VAL A 86 -3.94 11.71 -8.05
N GLN A 87 -5.17 12.10 -8.37
CA GLN A 87 -5.60 13.47 -8.18
C GLN A 87 -5.13 14.02 -6.84
N GLN A 88 -5.53 13.35 -5.77
CA GLN A 88 -5.14 13.77 -4.42
C GLN A 88 -3.64 13.99 -4.33
N LEU A 89 -2.87 13.15 -5.02
CA LEU A 89 -1.41 13.26 -5.02
C LEU A 89 -0.96 14.53 -5.74
N ARG A 90 -1.50 14.74 -6.94
CA ARG A 90 -1.14 15.91 -7.74
C ARG A 90 -1.72 17.18 -7.11
N LYS A 91 -2.73 17.01 -6.26
CA LYS A 91 -3.37 18.14 -5.60
C LYS A 91 -2.55 18.59 -4.40
N SER A 92 -2.10 17.64 -3.59
CA SER A 92 -1.30 17.95 -2.40
C SER A 92 -0.19 18.93 -2.74
N GLY A 93 0.03 19.89 -1.85
CA GLY A 93 1.07 20.88 -2.07
C GLY A 93 2.45 20.27 -2.08
N LYS A 94 2.94 19.88 -0.91
CA LYS A 94 4.26 19.28 -0.78
C LYS A 94 4.21 18.03 0.09
N ILE A 95 3.51 18.14 1.22
CA ILE A 95 3.39 17.02 2.14
C ILE A 95 1.98 16.43 2.11
N ALA A 96 1.90 15.11 1.96
CA ALA A 96 0.61 14.43 1.91
C ALA A 96 0.57 13.27 2.91
N ALA A 97 -0.62 12.96 3.40
CA ALA A 97 -0.79 11.87 4.35
C ALA A 97 -1.57 10.72 3.73
N ILE A 98 -0.88 9.60 3.49
CA ILE A 98 -1.50 8.43 2.91
C ILE A 98 -1.60 7.29 3.92
N VAL A 99 -2.73 6.58 3.90
CA VAL A 99 -2.96 5.47 4.82
C VAL A 99 -3.15 4.16 4.05
N VAL A 100 -2.08 3.38 3.96
CA VAL A 100 -2.13 2.09 3.27
C VAL A 100 -2.12 0.93 4.24
N LYS A 101 -2.47 -0.26 3.76
CA LYS A 101 -2.49 -1.45 4.59
C LYS A 101 -1.74 -2.60 3.92
N ARG A 102 -0.78 -3.17 4.64
CA ARG A 102 0.02 -4.27 4.11
C ARG A 102 -0.36 -5.58 4.79
N PRO A 103 -0.51 -6.64 3.98
CA PRO A 103 -0.88 -7.97 4.48
C PRO A 103 0.25 -8.63 5.27
N ARG A 104 0.00 -8.84 6.56
CA ARG A 104 1.00 -9.46 7.44
C ARG A 104 0.71 -10.94 7.64
N LYS A 105 1.13 -11.76 6.68
CA LYS A 105 0.91 -13.19 6.75
C LYS A 105 1.39 -13.75 8.09
N VAL A 106 0.57 -14.61 8.68
CA VAL A 106 0.90 -15.21 9.97
C VAL A 106 2.10 -16.15 9.85
N GLN A 107 3.29 -15.57 9.73
CA GLN A 107 4.52 -16.34 9.61
C GLN A 107 5.71 -15.59 10.18
N VAL A 108 6.80 -16.31 10.40
CA VAL A 108 8.01 -15.70 10.95
C VAL A 108 9.27 -16.32 10.34
N ALA A 109 10.36 -15.56 10.34
CA ALA A 109 11.62 -16.04 9.79
C ALA A 109 12.74 -15.94 10.82
N PRO A 110 13.68 -16.88 10.76
CA PRO A 110 14.83 -16.93 11.68
C PRO A 110 15.81 -15.78 11.43
N LEU A 111 16.58 -15.44 12.46
CA LEU A 111 17.56 -14.37 12.35
C LEU A 111 18.80 -14.83 11.59
N SER A 112 19.71 -13.90 11.32
CA SER A 112 20.93 -14.21 10.60
C SER A 112 22.08 -13.34 11.07
N GLY A 113 23.29 -13.69 10.66
CA GLY A 113 24.47 -12.93 11.06
C GLY A 113 25.26 -12.42 9.86
N PRO A 114 26.40 -11.76 10.14
CA PRO A 114 27.27 -11.22 9.09
C PRO A 114 27.96 -12.30 8.29
N SER A 115 27.68 -12.35 6.99
CA SER A 115 28.28 -13.34 6.10
C SER A 115 29.03 -12.67 4.96
N SER A 116 30.15 -13.25 4.58
CA SER A 116 30.97 -12.71 3.49
C SER A 116 31.52 -13.83 2.61
N GLY A 117 31.84 -13.49 1.36
CA GLY A 117 32.37 -14.48 0.44
C GLY A 117 33.68 -14.03 -0.19
N GLY A 1 -16.56 -14.26 19.87
CA GLY A 1 -16.65 -14.74 18.51
C GLY A 1 -15.94 -13.84 17.52
N SER A 2 -14.74 -14.24 17.11
CA SER A 2 -13.95 -13.46 16.17
C SER A 2 -13.84 -14.17 14.82
N SER A 3 -13.75 -13.39 13.75
CA SER A 3 -13.66 -13.95 12.41
C SER A 3 -12.42 -14.83 12.28
N GLY A 4 -12.53 -15.88 11.47
CA GLY A 4 -11.42 -16.79 11.28
C GLY A 4 -11.51 -18.01 12.17
N SER A 5 -10.95 -19.13 11.71
CA SER A 5 -10.96 -20.37 12.48
C SER A 5 -9.56 -20.97 12.57
N SER A 6 -8.93 -21.15 11.42
CA SER A 6 -7.59 -21.72 11.37
C SER A 6 -6.53 -20.62 11.40
N GLY A 7 -5.79 -20.53 12.50
CA GLY A 7 -4.76 -19.53 12.63
C GLY A 7 -3.80 -19.53 11.45
N MET A 8 -3.52 -20.71 10.93
CA MET A 8 -2.60 -20.84 9.80
C MET A 8 -3.25 -20.33 8.52
N GLU A 9 -2.44 -20.09 7.50
CA GLU A 9 -2.93 -19.60 6.22
C GLU A 9 -3.76 -18.33 6.40
N GLU A 10 -3.36 -17.51 7.37
CA GLU A 10 -4.07 -16.27 7.66
C GLU A 10 -3.26 -15.07 7.18
N VAL A 11 -3.80 -13.87 7.43
CA VAL A 11 -3.12 -12.63 7.02
C VAL A 11 -3.51 -11.48 7.93
N ILE A 12 -2.53 -10.68 8.32
CA ILE A 12 -2.76 -9.53 9.18
C ILE A 12 -2.48 -8.22 8.45
N TRP A 13 -3.55 -7.59 7.97
CA TRP A 13 -3.43 -6.32 7.25
C TRP A 13 -3.24 -5.17 8.22
N GLU A 14 -2.01 -4.70 8.35
CA GLU A 14 -1.70 -3.59 9.25
C GLU A 14 -1.68 -2.27 8.49
N GLN A 15 -2.19 -1.23 9.14
CA GLN A 15 -2.23 0.10 8.53
C GLN A 15 -0.99 0.90 8.88
N TYR A 16 -0.41 1.55 7.88
CA TYR A 16 0.79 2.36 8.08
C TYR A 16 0.54 3.82 7.69
N THR A 17 0.76 4.72 8.63
CA THR A 17 0.56 6.15 8.38
C THR A 17 1.90 6.87 8.24
N VAL A 18 2.31 7.08 7.00
CA VAL A 18 3.57 7.77 6.72
C VAL A 18 3.35 8.98 5.83
N THR A 19 4.23 9.97 5.96
CA THR A 19 4.13 11.18 5.16
C THR A 19 5.26 11.27 4.14
N LEU A 20 4.91 11.59 2.90
CA LEU A 20 5.91 11.70 1.83
C LEU A 20 6.13 13.16 1.45
N GLN A 21 7.36 13.48 1.05
CA GLN A 21 7.70 14.84 0.66
C GLN A 21 7.84 14.95 -0.86
N LYS A 22 7.21 15.96 -1.43
CA LYS A 22 7.26 16.17 -2.88
C LYS A 22 8.68 16.55 -3.31
N ASP A 23 9.50 15.53 -3.58
CA ASP A 23 10.87 15.75 -4.00
C ASP A 23 10.92 16.62 -5.25
N SER A 24 12.10 17.15 -5.54
CA SER A 24 12.28 18.01 -6.71
C SER A 24 11.41 17.56 -7.86
N LYS A 25 11.76 16.43 -8.46
CA LYS A 25 11.00 15.88 -9.58
C LYS A 25 10.28 14.60 -9.17
N ARG A 26 10.86 13.87 -8.23
CA ARG A 26 10.28 12.62 -7.75
C ARG A 26 9.35 12.88 -6.57
N GLY A 27 8.52 13.92 -6.68
CA GLY A 27 7.60 14.25 -5.62
C GLY A 27 7.48 13.14 -4.60
N PHE A 28 6.46 12.30 -4.76
CA PHE A 28 6.23 11.19 -3.84
C PHE A 28 6.85 9.90 -4.36
N GLY A 29 7.55 10.01 -5.50
CA GLY A 29 8.18 8.84 -6.09
C GLY A 29 7.35 7.59 -5.92
N ILE A 30 6.12 7.63 -6.44
CA ILE A 30 5.23 6.48 -6.35
C ILE A 30 4.32 6.39 -7.57
N ALA A 31 3.87 5.17 -7.88
CA ALA A 31 2.99 4.96 -9.02
C ALA A 31 1.83 4.04 -8.65
N VAL A 32 0.61 4.54 -8.82
CA VAL A 32 -0.59 3.77 -8.51
C VAL A 32 -1.18 3.14 -9.76
N SER A 33 -1.92 2.05 -9.57
CA SER A 33 -2.54 1.35 -10.70
C SER A 33 -3.87 0.74 -10.28
N GLY A 34 -4.80 0.65 -11.23
CA GLY A 34 -6.10 0.09 -10.95
C GLY A 34 -7.23 0.95 -11.47
N GLY A 35 -8.39 0.89 -10.81
CA GLY A 35 -9.53 1.68 -11.23
C GLY A 35 -10.83 0.91 -11.12
N ARG A 36 -11.80 1.49 -10.41
CA ARG A 36 -13.10 0.85 -10.23
C ARG A 36 -13.73 0.50 -11.58
N ASP A 37 -13.22 1.10 -12.64
CA ASP A 37 -13.74 0.86 -13.98
C ASP A 37 -12.64 0.27 -14.88
N ASN A 38 -11.39 0.60 -14.58
CA ASN A 38 -10.26 0.10 -15.35
C ASN A 38 -9.17 -0.45 -14.43
N PRO A 39 -9.49 -1.53 -13.70
CA PRO A 39 -8.54 -2.15 -12.77
C PRO A 39 -7.40 -2.86 -13.50
N HIS A 40 -6.34 -2.12 -13.79
CA HIS A 40 -5.18 -2.68 -14.49
C HIS A 40 -4.72 -3.97 -13.82
N PHE A 41 -4.67 -3.95 -12.48
CA PHE A 41 -4.25 -5.12 -11.73
C PHE A 41 -4.60 -6.41 -12.46
N GLU A 42 -3.61 -7.01 -13.11
CA GLU A 42 -3.81 -8.25 -13.86
C GLU A 42 -4.91 -9.09 -13.20
N ASN A 43 -4.72 -9.42 -11.93
CA ASN A 43 -5.69 -10.22 -11.20
C ASN A 43 -7.07 -9.61 -11.28
N GLY A 44 -7.21 -8.39 -10.75
CA GLY A 44 -8.50 -7.71 -10.78
C GLY A 44 -8.89 -7.18 -9.42
N GLU A 45 -8.23 -6.12 -8.97
CA GLU A 45 -8.53 -5.53 -7.67
C GLU A 45 -8.60 -4.01 -7.76
N THR A 46 -9.76 -3.51 -8.18
CA THR A 46 -9.96 -2.07 -8.32
C THR A 46 -9.15 -1.30 -7.27
N SER A 47 -9.14 -1.81 -6.05
CA SER A 47 -8.41 -1.16 -4.96
C SER A 47 -7.08 -0.60 -5.46
N ILE A 48 -6.81 0.65 -5.13
CA ILE A 48 -5.57 1.30 -5.54
C ILE A 48 -4.37 0.69 -4.83
N VAL A 49 -3.26 0.54 -5.56
CA VAL A 49 -2.04 -0.04 -5.00
C VAL A 49 -0.81 0.58 -5.64
N ILE A 50 0.21 0.84 -4.81
CA ILE A 50 1.45 1.42 -5.30
C ILE A 50 2.32 0.37 -5.98
N SER A 51 2.24 0.32 -7.31
CA SER A 51 3.02 -0.63 -8.09
C SER A 51 4.39 -0.07 -8.42
N ASP A 52 4.81 0.93 -7.67
CA ASP A 52 6.11 1.57 -7.89
C ASP A 52 6.52 2.40 -6.68
N VAL A 53 7.68 2.08 -6.11
CA VAL A 53 8.19 2.81 -4.95
C VAL A 53 9.66 3.14 -5.12
N LEU A 54 9.94 4.33 -5.62
CA LEU A 54 11.31 4.77 -5.84
C LEU A 54 12.21 4.31 -4.68
N PRO A 55 13.18 3.44 -5.00
CA PRO A 55 14.12 2.91 -4.01
C PRO A 55 15.11 3.96 -3.53
N GLY A 56 15.16 5.08 -4.24
CA GLY A 56 16.07 6.15 -3.87
C GLY A 56 15.35 7.46 -3.63
N GLY A 57 14.04 7.40 -3.46
CA GLY A 57 13.26 8.61 -3.23
C GLY A 57 12.64 8.63 -1.84
N PRO A 58 11.63 9.51 -1.66
CA PRO A 58 10.95 9.66 -0.37
C PRO A 58 10.09 8.44 -0.03
N ALA A 59 9.60 7.76 -1.06
CA ALA A 59 8.77 6.58 -0.86
C ALA A 59 9.59 5.41 -0.35
N ASP A 60 10.86 5.35 -0.75
CA ASP A 60 11.75 4.28 -0.32
C ASP A 60 11.83 4.22 1.20
N GLY A 61 10.92 3.44 1.80
CA GLY A 61 10.90 3.31 3.24
C GLY A 61 9.54 3.60 3.84
N LEU A 62 8.99 4.76 3.51
CA LEU A 62 7.68 5.16 4.02
C LEU A 62 6.59 4.20 3.53
N LEU A 63 6.65 3.87 2.24
CA LEU A 63 5.67 2.97 1.64
C LEU A 63 6.36 1.86 0.85
N GLN A 64 5.59 0.85 0.44
CA GLN A 64 6.13 -0.26 -0.33
C GLN A 64 5.21 -0.61 -1.50
N GLU A 65 5.65 -1.58 -2.31
CA GLU A 65 4.87 -2.00 -3.46
C GLU A 65 3.57 -2.67 -3.02
N ASN A 66 2.52 -2.50 -3.83
CA ASN A 66 1.22 -3.09 -3.52
C ASN A 66 0.64 -2.50 -2.24
N ASP A 67 0.79 -1.18 -2.07
CA ASP A 67 0.29 -0.50 -0.90
C ASP A 67 -1.20 -0.22 -1.03
N ARG A 68 -2.02 -1.15 -0.55
CA ARG A 68 -3.47 -1.00 -0.62
C ARG A 68 -3.91 0.34 -0.03
N VAL A 69 -3.90 1.38 -0.86
CA VAL A 69 -4.30 2.70 -0.42
C VAL A 69 -5.76 2.73 0.02
N VAL A 70 -5.99 3.12 1.27
CA VAL A 70 -7.34 3.19 1.82
C VAL A 70 -7.85 4.62 1.85
N MET A 71 -7.04 5.53 2.39
CA MET A 71 -7.43 6.94 2.48
C MET A 71 -6.25 7.84 2.10
N VAL A 72 -6.56 9.01 1.56
CA VAL A 72 -5.53 9.96 1.16
C VAL A 72 -5.91 11.38 1.55
N ASN A 73 -5.20 11.92 2.55
CA ASN A 73 -5.47 13.27 3.02
C ASN A 73 -6.95 13.45 3.38
N GLY A 74 -7.57 12.37 3.84
CA GLY A 74 -8.97 12.43 4.21
C GLY A 74 -9.88 12.12 3.04
N THR A 75 -9.38 11.36 2.08
CA THR A 75 -10.15 10.98 0.90
C THR A 75 -10.14 9.47 0.69
N PRO A 76 -11.34 8.89 0.53
CA PRO A 76 -11.50 7.44 0.32
C PRO A 76 -10.98 7.01 -1.06
N MET A 77 -10.05 6.06 -1.07
CA MET A 77 -9.49 5.56 -2.31
C MET A 77 -10.05 4.17 -2.64
N GLU A 78 -11.09 3.77 -1.90
CA GLU A 78 -11.71 2.47 -2.12
C GLU A 78 -12.78 2.55 -3.21
N ASP A 79 -12.63 1.74 -4.24
CA ASP A 79 -13.58 1.71 -5.35
C ASP A 79 -13.59 3.06 -6.08
N VAL A 80 -12.40 3.59 -6.35
CA VAL A 80 -12.27 4.85 -7.05
C VAL A 80 -11.45 4.70 -8.32
N LEU A 81 -11.56 5.67 -9.22
CA LEU A 81 -10.82 5.65 -10.48
C LEU A 81 -9.34 5.90 -10.25
N HIS A 82 -8.50 5.30 -11.09
CA HIS A 82 -7.05 5.47 -10.99
C HIS A 82 -6.67 6.94 -11.02
N SER A 83 -7.51 7.75 -11.67
CA SER A 83 -7.26 9.18 -11.78
C SER A 83 -7.62 9.89 -10.48
N PHE A 84 -8.67 9.42 -9.82
CA PHE A 84 -9.11 10.02 -8.57
C PHE A 84 -8.05 9.85 -7.48
N ALA A 85 -7.50 8.65 -7.39
CA ALA A 85 -6.47 8.37 -6.40
C ALA A 85 -5.26 9.30 -6.56
N VAL A 86 -4.77 9.40 -7.78
CA VAL A 86 -3.63 10.25 -8.08
C VAL A 86 -3.99 11.73 -7.92
N GLN A 87 -5.15 12.11 -8.43
CA GLN A 87 -5.62 13.49 -8.34
C GLN A 87 -5.28 14.09 -6.98
N GLN A 88 -5.65 13.38 -5.91
CA GLN A 88 -5.38 13.85 -4.57
C GLN A 88 -3.89 14.04 -4.33
N LEU A 89 -3.08 13.21 -4.98
CA LEU A 89 -1.63 13.29 -4.85
C LEU A 89 -1.09 14.53 -5.54
N ARG A 90 -1.53 14.76 -6.78
CA ARG A 90 -1.09 15.91 -7.55
C ARG A 90 -1.62 17.21 -6.94
N LYS A 91 -2.61 17.08 -6.06
CA LYS A 91 -3.20 18.24 -5.40
C LYS A 91 -2.39 18.64 -4.17
N SER A 92 -1.89 17.64 -3.44
CA SER A 92 -1.11 17.90 -2.24
C SER A 92 0.05 18.84 -2.54
N GLY A 93 0.10 19.95 -1.81
CA GLY A 93 1.16 20.92 -2.00
C GLY A 93 2.54 20.28 -2.08
N LYS A 94 3.06 19.89 -0.92
CA LYS A 94 4.38 19.26 -0.86
C LYS A 94 4.34 18.00 0.00
N ILE A 95 3.54 18.04 1.06
CA ILE A 95 3.40 16.90 1.95
C ILE A 95 2.01 16.27 1.86
N ALA A 96 1.96 14.96 1.72
CA ALA A 96 0.70 14.24 1.62
C ALA A 96 0.64 13.09 2.61
N ALA A 97 -0.53 12.88 3.21
CA ALA A 97 -0.72 11.82 4.17
C ALA A 97 -1.59 10.70 3.60
N ILE A 98 -0.97 9.54 3.34
CA ILE A 98 -1.67 8.40 2.79
C ILE A 98 -1.73 7.26 3.78
N VAL A 99 -2.91 6.66 3.93
CA VAL A 99 -3.09 5.54 4.85
C VAL A 99 -3.23 4.22 4.09
N VAL A 100 -2.14 3.46 4.03
CA VAL A 100 -2.15 2.18 3.33
C VAL A 100 -2.09 1.02 4.33
N LYS A 101 -2.39 -0.18 3.84
CA LYS A 101 -2.37 -1.37 4.68
C LYS A 101 -1.61 -2.50 4.00
N ARG A 102 -0.58 -3.01 4.69
CA ARG A 102 0.23 -4.09 4.15
C ARG A 102 -0.13 -5.42 4.81
N PRO A 103 -0.42 -6.43 3.98
CA PRO A 103 -0.80 -7.77 4.46
C PRO A 103 0.38 -8.50 5.09
N ARG A 104 0.28 -8.77 6.38
CA ARG A 104 1.33 -9.48 7.10
C ARG A 104 0.99 -10.96 7.26
N LYS A 105 1.35 -11.74 6.26
CA LYS A 105 1.10 -13.18 6.27
C LYS A 105 1.63 -13.81 7.55
N VAL A 106 1.12 -15.00 7.88
CA VAL A 106 1.56 -15.70 9.08
C VAL A 106 2.19 -17.05 8.72
N GLN A 107 3.38 -17.30 9.27
CA GLN A 107 4.09 -18.54 9.00
C GLN A 107 4.91 -18.96 10.20
N VAL A 108 5.62 -20.08 10.08
CA VAL A 108 6.45 -20.59 11.16
C VAL A 108 7.75 -21.19 10.62
N ALA A 109 8.87 -20.82 11.24
CA ALA A 109 10.17 -21.33 10.83
C ALA A 109 11.23 -21.03 11.88
N PRO A 110 12.27 -21.87 11.92
CA PRO A 110 13.38 -21.71 12.87
C PRO A 110 14.25 -20.49 12.57
N LEU A 111 14.95 -20.01 13.58
CA LEU A 111 15.83 -18.85 13.42
C LEU A 111 16.91 -19.11 12.39
N SER A 112 17.17 -18.11 11.55
CA SER A 112 18.19 -18.23 10.51
C SER A 112 18.62 -16.86 10.01
N GLY A 113 19.92 -16.60 10.02
CA GLY A 113 20.43 -15.32 9.56
C GLY A 113 21.67 -15.48 8.71
N PRO A 114 22.85 -15.19 9.30
CA PRO A 114 24.14 -15.29 8.61
C PRO A 114 24.53 -16.73 8.31
N SER A 115 24.99 -16.97 7.10
CA SER A 115 25.40 -18.32 6.69
C SER A 115 26.30 -18.25 5.45
N SER A 116 27.09 -19.31 5.26
CA SER A 116 27.99 -19.39 4.12
C SER A 116 28.77 -18.08 3.96
N GLY A 117 29.28 -17.56 5.07
CA GLY A 117 30.03 -16.32 5.05
C GLY A 117 30.08 -15.64 6.40
N GLY A 1 -15.81 -28.61 8.48
CA GLY A 1 -14.66 -27.71 8.49
C GLY A 1 -14.47 -27.00 7.17
N SER A 2 -14.36 -25.67 7.23
CA SER A 2 -14.18 -24.86 6.04
C SER A 2 -12.70 -24.71 5.70
N SER A 3 -12.40 -24.71 4.41
CA SER A 3 -11.01 -24.58 3.95
C SER A 3 -10.19 -25.80 4.34
N GLY A 4 -10.79 -26.98 4.19
CA GLY A 4 -10.09 -28.21 4.53
C GLY A 4 -10.17 -28.52 6.01
N SER A 5 -10.13 -29.80 6.36
CA SER A 5 -10.19 -30.22 7.75
C SER A 5 -8.89 -29.91 8.47
N SER A 6 -8.99 -29.38 9.68
CA SER A 6 -7.82 -29.03 10.47
C SER A 6 -6.82 -28.24 9.65
N GLY A 7 -7.33 -27.28 8.87
CA GLY A 7 -6.46 -26.46 8.04
C GLY A 7 -6.99 -25.05 7.87
N MET A 8 -6.82 -24.23 8.90
CA MET A 8 -7.29 -22.85 8.84
C MET A 8 -6.11 -21.88 8.89
N GLU A 9 -6.40 -20.61 8.64
CA GLU A 9 -5.36 -19.57 8.64
C GLU A 9 -5.97 -18.18 8.47
N GLU A 10 -5.25 -17.17 8.92
CA GLU A 10 -5.71 -15.80 8.80
C GLU A 10 -4.55 -14.83 8.60
N VAL A 11 -4.85 -13.55 8.47
CA VAL A 11 -3.83 -12.53 8.26
C VAL A 11 -4.18 -11.24 9.01
N ILE A 12 -3.15 -10.55 9.48
CA ILE A 12 -3.34 -9.31 10.22
C ILE A 12 -2.99 -8.10 9.35
N TRP A 13 -4.01 -7.44 8.83
CA TRP A 13 -3.82 -6.26 7.99
C TRP A 13 -3.52 -5.03 8.83
N GLU A 14 -2.24 -4.64 8.88
CA GLU A 14 -1.84 -3.48 9.65
C GLU A 14 -1.80 -2.23 8.78
N GLN A 15 -2.25 -1.11 9.34
CA GLN A 15 -2.27 0.15 8.60
C GLN A 15 -1.01 0.95 8.88
N TYR A 16 -0.36 1.43 7.82
CA TYR A 16 0.86 2.21 7.94
C TYR A 16 0.66 3.61 7.38
N THR A 17 0.64 4.60 8.26
CA THR A 17 0.47 5.99 7.86
C THR A 17 1.79 6.73 7.85
N VAL A 18 2.38 6.86 6.66
CA VAL A 18 3.66 7.56 6.52
C VAL A 18 3.50 8.81 5.68
N THR A 19 4.32 9.83 5.98
CA THR A 19 4.28 11.09 5.26
C THR A 19 5.42 11.21 4.27
N LEU A 20 5.11 11.55 3.04
CA LEU A 20 6.11 11.69 1.99
C LEU A 20 6.28 13.15 1.59
N GLN A 21 7.50 13.52 1.21
CA GLN A 21 7.79 14.89 0.80
C GLN A 21 7.92 15.00 -0.71
N LYS A 22 7.60 16.16 -1.25
CA LYS A 22 7.69 16.39 -2.69
C LYS A 22 9.11 16.71 -3.11
N ASP A 23 9.87 15.69 -3.51
CA ASP A 23 11.24 15.86 -3.93
C ASP A 23 11.34 16.87 -5.07
N SER A 24 12.54 17.03 -5.62
CA SER A 24 12.76 17.96 -6.72
C SER A 24 11.66 17.85 -7.76
N LYS A 25 11.73 16.80 -8.57
CA LYS A 25 10.73 16.57 -9.61
C LYS A 25 9.89 15.33 -9.31
N ARG A 26 10.55 14.20 -9.14
CA ARG A 26 9.87 12.94 -8.84
C ARG A 26 8.62 13.20 -7.99
N GLY A 27 8.75 14.13 -7.04
CA GLY A 27 7.62 14.45 -6.18
C GLY A 27 7.52 13.50 -5.00
N PHE A 28 6.61 12.54 -5.09
CA PHE A 28 6.39 11.56 -4.02
C PHE A 28 6.96 10.21 -4.42
N GLY A 29 7.72 10.17 -5.51
CA GLY A 29 8.30 8.93 -5.97
C GLY A 29 7.39 7.74 -5.74
N ILE A 30 6.14 7.85 -6.18
CA ILE A 30 5.18 6.78 -6.02
C ILE A 30 4.18 6.76 -7.17
N ALA A 31 3.80 5.55 -7.59
CA ALA A 31 2.84 5.39 -8.69
C ALA A 31 1.77 4.37 -8.34
N VAL A 32 0.51 4.72 -8.60
CA VAL A 32 -0.60 3.83 -8.31
C VAL A 32 -1.02 3.06 -9.56
N SER A 33 -1.62 1.89 -9.35
CA SER A 33 -2.07 1.06 -10.47
C SER A 33 -3.50 0.56 -10.23
N GLY A 34 -4.07 -0.08 -11.25
CA GLY A 34 -5.43 -0.58 -11.14
C GLY A 34 -6.46 0.52 -11.21
N GLY A 35 -7.70 0.21 -10.82
CA GLY A 35 -8.77 1.18 -10.86
C GLY A 35 -10.14 0.54 -10.81
N ARG A 36 -11.07 1.20 -10.13
CA ARG A 36 -12.44 0.70 -10.02
C ARG A 36 -13.01 0.35 -11.38
N ASP A 37 -12.63 1.13 -12.39
CA ASP A 37 -13.10 0.91 -13.75
C ASP A 37 -12.17 -0.01 -14.52
N ASN A 38 -10.89 0.00 -14.13
CA ASN A 38 -9.89 -0.84 -14.77
C ASN A 38 -9.00 -1.52 -13.74
N PRO A 39 -9.59 -2.48 -13.01
CA PRO A 39 -8.86 -3.23 -11.97
C PRO A 39 -7.83 -4.19 -12.56
N HIS A 40 -6.68 -3.64 -12.93
CA HIS A 40 -5.60 -4.44 -13.51
C HIS A 40 -5.44 -5.76 -12.75
N PHE A 41 -5.37 -5.66 -11.43
CA PHE A 41 -5.20 -6.84 -10.59
C PHE A 41 -5.87 -8.06 -11.22
N GLU A 42 -5.05 -8.91 -11.85
CA GLU A 42 -5.55 -10.11 -12.50
C GLU A 42 -6.73 -10.69 -11.72
N ASN A 43 -6.61 -10.70 -10.40
CA ASN A 43 -7.67 -11.23 -9.54
C ASN A 43 -8.97 -10.46 -9.74
N GLY A 44 -8.95 -9.18 -9.41
CA GLY A 44 -10.14 -8.35 -9.56
C GLY A 44 -10.40 -7.48 -8.33
N GLU A 45 -9.34 -6.86 -7.82
CA GLU A 45 -9.45 -6.00 -6.66
C GLU A 45 -9.47 -4.52 -7.06
N THR A 46 -10.63 -3.89 -6.92
CA THR A 46 -10.77 -2.48 -7.27
C THR A 46 -10.14 -1.58 -6.21
N SER A 47 -8.91 -1.91 -5.81
CA SER A 47 -8.20 -1.13 -4.80
C SER A 47 -6.92 -0.53 -5.38
N ILE A 48 -6.75 0.78 -5.19
CA ILE A 48 -5.57 1.47 -5.69
C ILE A 48 -4.32 1.06 -4.90
N VAL A 49 -3.41 0.38 -5.59
CA VAL A 49 -2.17 -0.06 -4.95
C VAL A 49 -0.97 0.65 -5.55
N ILE A 50 0.12 0.71 -4.79
CA ILE A 50 1.35 1.36 -5.24
C ILE A 50 2.22 0.40 -6.03
N SER A 51 2.24 0.58 -7.36
CA SER A 51 3.03 -0.27 -8.23
C SER A 51 4.35 0.41 -8.61
N ASP A 52 4.78 1.34 -7.76
CA ASP A 52 6.02 2.07 -8.01
C ASP A 52 6.50 2.77 -6.75
N VAL A 53 7.71 2.45 -6.31
CA VAL A 53 8.28 3.06 -5.11
C VAL A 53 9.73 3.47 -5.34
N LEU A 54 9.92 4.73 -5.73
CA LEU A 54 11.25 5.26 -5.99
C LEU A 54 12.27 4.66 -5.02
N PRO A 55 13.11 3.75 -5.54
CA PRO A 55 14.15 3.08 -4.74
C PRO A 55 15.27 4.03 -4.34
N GLY A 56 15.10 5.31 -4.66
CA GLY A 56 16.11 6.30 -4.32
C GLY A 56 15.50 7.65 -3.98
N GLY A 57 14.20 7.66 -3.66
CA GLY A 57 13.53 8.89 -3.32
C GLY A 57 12.98 8.89 -1.92
N PRO A 58 11.96 9.73 -1.68
CA PRO A 58 11.30 9.84 -0.36
C PRO A 58 10.50 8.59 -0.01
N ALA A 59 9.85 8.01 -1.02
CA ALA A 59 9.04 6.81 -0.82
C ALA A 59 9.89 5.65 -0.29
N ASP A 60 11.00 5.40 -0.98
CA ASP A 60 11.90 4.32 -0.59
C ASP A 60 12.05 4.26 0.93
N GLY A 61 11.25 3.41 1.57
CA GLY A 61 11.30 3.27 3.01
C GLY A 61 9.98 3.60 3.67
N LEU A 62 9.40 4.74 3.31
CA LEU A 62 8.13 5.17 3.88
C LEU A 62 6.99 4.27 3.40
N LEU A 63 6.92 4.06 2.09
CA LEU A 63 5.88 3.22 1.50
C LEU A 63 6.50 2.01 0.80
N GLN A 64 5.64 1.07 0.41
CA GLN A 64 6.09 -0.14 -0.27
C GLN A 64 5.14 -0.52 -1.39
N GLU A 65 5.63 -1.30 -2.35
CA GLU A 65 4.82 -1.73 -3.48
C GLU A 65 3.65 -2.59 -3.01
N ASN A 66 2.55 -2.55 -3.76
CA ASN A 66 1.37 -3.32 -3.42
C ASN A 66 0.79 -2.89 -2.07
N ASP A 67 0.89 -1.59 -1.80
CA ASP A 67 0.38 -1.03 -0.55
C ASP A 67 -1.07 -0.58 -0.71
N ARG A 68 -2.00 -1.51 -0.55
CA ARG A 68 -3.43 -1.20 -0.68
C ARG A 68 -3.74 0.18 -0.10
N VAL A 69 -3.87 1.17 -0.99
CA VAL A 69 -4.17 2.53 -0.56
C VAL A 69 -5.62 2.66 -0.11
N VAL A 70 -5.81 2.91 1.18
CA VAL A 70 -7.15 3.07 1.74
C VAL A 70 -7.59 4.52 1.71
N MET A 71 -6.79 5.39 2.31
CA MET A 71 -7.10 6.81 2.35
C MET A 71 -5.88 7.66 1.98
N VAL A 72 -6.11 8.80 1.35
CA VAL A 72 -5.04 9.69 0.95
C VAL A 72 -5.36 11.13 1.29
N ASN A 73 -4.77 11.63 2.38
CA ASN A 73 -4.99 13.01 2.81
C ASN A 73 -6.48 13.25 3.11
N GLY A 74 -7.13 12.24 3.68
CA GLY A 74 -8.54 12.36 4.01
C GLY A 74 -9.44 12.03 2.84
N THR A 75 -8.90 11.30 1.87
CA THR A 75 -9.66 10.91 0.69
C THR A 75 -9.70 9.40 0.51
N PRO A 76 -10.91 8.84 0.39
CA PRO A 76 -11.10 7.40 0.22
C PRO A 76 -10.63 6.91 -1.14
N MET A 77 -9.73 5.93 -1.14
CA MET A 77 -9.21 5.38 -2.39
C MET A 77 -9.78 3.98 -2.64
N GLU A 78 -10.90 3.69 -1.99
CA GLU A 78 -11.55 2.39 -2.15
C GLU A 78 -12.68 2.47 -3.16
N ASP A 79 -12.51 1.78 -4.29
CA ASP A 79 -13.52 1.78 -5.34
C ASP A 79 -13.57 3.12 -6.07
N VAL A 80 -12.39 3.65 -6.38
CA VAL A 80 -12.29 4.94 -7.07
C VAL A 80 -11.61 4.78 -8.43
N LEU A 81 -11.66 5.82 -9.23
CA LEU A 81 -11.05 5.81 -10.56
C LEU A 81 -9.55 6.08 -10.47
N HIS A 82 -8.79 5.51 -11.41
CA HIS A 82 -7.34 5.70 -11.44
C HIS A 82 -6.98 7.17 -11.33
N SER A 83 -7.74 8.02 -12.02
CA SER A 83 -7.50 9.46 -12.01
C SER A 83 -7.79 10.05 -10.64
N PHE A 84 -8.77 9.48 -9.95
CA PHE A 84 -9.15 9.95 -8.62
C PHE A 84 -8.01 9.77 -7.64
N ALA A 85 -7.43 8.57 -7.62
CA ALA A 85 -6.32 8.26 -6.72
C ALA A 85 -5.20 9.28 -6.87
N VAL A 86 -4.79 9.53 -8.11
CA VAL A 86 -3.73 10.49 -8.40
C VAL A 86 -4.18 11.91 -8.12
N GLN A 87 -5.40 12.23 -8.53
CA GLN A 87 -5.96 13.56 -8.32
C GLN A 87 -5.57 14.11 -6.96
N GLN A 88 -5.69 13.27 -5.93
CA GLN A 88 -5.35 13.68 -4.57
C GLN A 88 -3.86 14.00 -4.46
N LEU A 89 -3.04 13.21 -5.15
CA LEU A 89 -1.59 13.41 -5.12
C LEU A 89 -1.20 14.73 -5.77
N ARG A 90 -1.67 14.93 -7.00
CA ARG A 90 -1.37 16.15 -7.74
C ARG A 90 -1.96 17.36 -7.03
N LYS A 91 -2.96 17.13 -6.17
CA LYS A 91 -3.60 18.20 -5.44
C LYS A 91 -2.73 18.65 -4.27
N SER A 92 -1.93 17.73 -3.74
CA SER A 92 -1.05 18.04 -2.62
C SER A 92 -0.02 19.10 -3.02
N GLY A 93 0.47 19.84 -2.02
CA GLY A 93 1.46 20.87 -2.28
C GLY A 93 2.88 20.35 -2.17
N LYS A 94 3.28 19.97 -0.96
CA LYS A 94 4.62 19.45 -0.73
C LYS A 94 4.56 18.16 0.09
N ILE A 95 3.70 18.13 1.09
CA ILE A 95 3.56 16.95 1.95
C ILE A 95 2.20 16.29 1.73
N ALA A 96 2.18 14.96 1.84
CA ALA A 96 0.95 14.20 1.66
C ALA A 96 0.88 13.02 2.63
N ALA A 97 -0.31 12.77 3.17
CA ALA A 97 -0.50 11.67 4.10
C ALA A 97 -1.30 10.54 3.48
N ILE A 98 -0.73 9.35 3.47
CA ILE A 98 -1.40 8.18 2.90
C ILE A 98 -1.54 7.06 3.92
N VAL A 99 -2.73 6.49 4.00
CA VAL A 99 -2.99 5.41 4.94
C VAL A 99 -3.19 4.08 4.21
N VAL A 100 -2.14 3.27 4.17
CA VAL A 100 -2.19 1.97 3.50
C VAL A 100 -2.25 0.84 4.51
N LYS A 101 -2.55 -0.37 4.04
CA LYS A 101 -2.63 -1.54 4.89
C LYS A 101 -1.88 -2.72 4.30
N ARG A 102 -0.92 -3.25 5.04
CA ARG A 102 -0.12 -4.38 4.58
C ARG A 102 -0.52 -5.66 5.31
N PRO A 103 -0.70 -6.75 4.55
CA PRO A 103 -1.08 -8.05 5.10
C PRO A 103 0.04 -8.69 5.91
N ARG A 104 -0.19 -8.82 7.22
CA ARG A 104 0.80 -9.41 8.11
C ARG A 104 0.38 -10.82 8.52
N LYS A 105 0.57 -11.77 7.62
CA LYS A 105 0.21 -13.16 7.89
C LYS A 105 0.55 -13.54 9.33
N VAL A 106 -0.36 -14.28 9.98
CA VAL A 106 -0.16 -14.70 11.35
C VAL A 106 0.77 -15.90 11.43
N GLN A 107 1.83 -15.78 12.21
CA GLN A 107 2.80 -16.87 12.37
C GLN A 107 3.53 -16.76 13.72
N VAL A 108 4.27 -17.81 14.05
CA VAL A 108 5.02 -17.83 15.31
C VAL A 108 5.74 -16.52 15.54
N ALA A 109 5.57 -15.95 16.73
CA ALA A 109 6.20 -14.69 17.08
C ALA A 109 7.64 -14.92 17.54
N PRO A 110 8.61 -14.40 16.76
CA PRO A 110 10.03 -14.52 17.08
C PRO A 110 10.43 -13.70 18.29
N LEU A 111 11.57 -14.06 18.89
CA LEU A 111 12.06 -13.34 20.06
C LEU A 111 13.12 -12.32 19.66
N SER A 112 12.69 -11.08 19.44
CA SER A 112 13.60 -10.01 19.06
C SER A 112 14.06 -9.22 20.28
N GLY A 113 15.20 -8.54 20.14
CA GLY A 113 15.73 -7.76 21.25
C GLY A 113 17.11 -7.22 20.96
N PRO A 114 17.63 -6.39 21.88
CA PRO A 114 18.96 -5.79 21.74
C PRO A 114 20.08 -6.81 21.89
N SER A 115 20.94 -6.90 20.87
CA SER A 115 22.05 -7.83 20.89
C SER A 115 23.24 -7.27 21.67
N SER A 116 23.56 -6.01 21.40
CA SER A 116 24.67 -5.35 22.07
C SER A 116 24.48 -5.35 23.58
N GLY A 117 25.56 -5.61 24.31
CA GLY A 117 25.48 -5.64 25.76
C GLY A 117 26.70 -5.01 26.42
#